data_6WO5
#
_entry.id   6WO5
#
_cell.length_a   55.793
_cell.length_b   242.204
_cell.length_c   100.729
_cell.angle_alpha   90.000
_cell.angle_beta   98.310
_cell.angle_gamma   90.000
#
_symmetry.space_group_name_H-M   'P 1 21 1'
#
loop_
_entity.id
_entity.type
_entity.pdbx_description
1 polymer 'Fab E1 heavy chain'
2 polymer 'Fab E1 light chain'
3 polymer 'Fab 212.1.1 heavy chain'
4 polymer 'Fab 212.1.1 light chain'
5 polymer 'Envelope glycoprotein E2'
6 branched beta-D-mannopyranose-(1-4)-2-acetamido-2-deoxy-beta-D-glucopyranose-(1-4)-2-acetamido-2-deoxy-beta-D-glucopyranose
7 branched 2-acetamido-2-deoxy-beta-D-glucopyranose-(1-4)-2-acetamido-2-deoxy-beta-D-glucopyranose
8 branched alpha-D-mannopyranose-(1-3)-[alpha-D-mannopyranose-(1-6)]beta-D-mannopyranose-(1-4)-2-acetamido-2-deoxy-beta-D-glucopyranose-(1-4)-2-acetamido-2-deoxy-beta-D-glucopyranose
9 non-polymer 2-acetamido-2-deoxy-beta-D-glucopyranose
10 non-polymer beta-D-mannopyranose
11 water water
#
loop_
_entity_poly.entity_id
_entity_poly.type
_entity_poly.pdbx_seq_one_letter_code
_entity_poly.pdbx_strand_id
1 'polypeptide(L)'
;EVQLLEQSGAELKKPGSSVKVSCKPSDGTFRAYTLSWVRQAPGQTLEWMGRIMPTVGITNYAQKFQGRVTISADMSTATA
YMELSSLRSDDTAIYYCAKGPYVGLGEGFSEWGQGTLVTVSSASTKGPSVFPLAPSSKSTSGGTAALGCLVKDYFPEPVT
VSWNSGALTSGVHTFPAVLQSSGLYSLSSVVTVPSSSLGTQTYICNVNHKPSNTKVDKKVEPKSCGS
;
A,C
2 'polypeptide(L)'
;IELELVLTQSPLSLPVTLGQPASISCRSTQSLVYSDGNTYLNWFHQRAGQPPRRLIYKVSNRDSGVPERFSGSGSGTDFT
LKISRVEAEDVGIYYCMQGAHWPPTFGGGTKVEINRTVAAPSVFIFPPSDEQLKSGTASVVCLLNNFYPREAKVQWKVDN
ALQSGNSQESVTEQDSKDSTYSLSSTLTLSKADYEKHKVYACEVTHQGLSSPVTKSFNRGE
;
B,D
3 'polypeptide(L)'
;QVQLVQSGAEVKKPGSSVKVSCKASGGTLSSYGISWVRQAPGQGLEWLGGSIPILGTSVYAQKFQGRVTMTADESTSTAH
MELSSLRFDDTAIYYCAGVREGMAAISGKNAFDIWGQGTMVTVSSASTKGPSVFPLAPSSKSTSGGTAALGCLVKDYFPE
PVTVSWNSGALTSGVHTFPAVLQSSGLYSLSSVVTVPSSSLGTQTYICNVNHKPSNTKVDKKVEPKSCGS
;
H,G
4 'polypeptide(L)'
;DIQMTQSPSSLSASVGDRVTITCRASQGISNYLAWYQQKPGKVPKLLIYAASTLQSGVPSRFSGSGYGTEFTLTISSLQP
EDVATYYCQQHDNLPLTFGGGTKVEIKRTVAAPSVFIFPPSDEQLKSGTASVVCLLNNFYPREAKVQWKVDNALQSGNSQ
ESVTEQDSKDSTYSLSSTLTLSKADYEKHKVYACEVTHQGLSSPVTKSFNRGEC
;
L,I
5 'polypeptide(L)'
;ARQLINTNGSWHINSTALNCNESLNTGWLAGLFYQHKFDSSGCPERLASCGSSGCWHYPPRPCGIVPAKSVCGPVYCFTP
SPVVVGTTDRSGAPTYSWGANDTDVFVLNNTRPPLGNWFGCTWMNSTGFTKVCGAPPGGPTDGGSGPWITPRCMVDYPYR
LWHYPCTINYTIFKVRMYVGGVEHRLEAACN
;
E,F
#
loop_
_chem_comp.id
_chem_comp.type
_chem_comp.name
_chem_comp.formula
BMA D-saccharide, beta linking beta-D-mannopyranose 'C6 H12 O6'
MAN D-saccharide, alpha linking alpha-D-mannopyranose 'C6 H12 O6'
NAG D-saccharide, beta linking 2-acetamido-2-deoxy-beta-D-glucopyranose 'C8 H15 N O6'
#
# COMPACT_ATOMS: atom_id res chain seq x y z
N LEU A 4 33.73 6.01 -17.56
CA LEU A 4 32.95 7.25 -17.54
C LEU A 4 31.88 7.24 -16.44
N LEU A 5 31.33 6.05 -16.15
CA LEU A 5 30.40 5.84 -15.04
C LEU A 5 30.87 4.60 -14.28
N GLU A 6 31.76 4.81 -13.30
CA GLU A 6 32.26 3.68 -12.53
C GLU A 6 31.12 3.09 -11.70
N GLN A 7 31.08 1.76 -11.65
CA GLN A 7 29.97 1.05 -11.03
C GLN A 7 30.51 0.11 -9.96
N SER A 8 29.64 -0.20 -9.00
CA SER A 8 30.00 -1.09 -7.90
C SER A 8 30.38 -2.48 -8.44
N GLY A 9 31.09 -3.26 -7.60
CA GLY A 9 31.50 -4.58 -8.00
C GLY A 9 30.40 -5.63 -7.90
N ALA A 10 30.67 -6.80 -8.49
CA ALA A 10 29.72 -7.90 -8.49
C ALA A 10 29.54 -8.45 -7.08
N GLU A 11 28.35 -8.98 -6.81
CA GLU A 11 27.98 -9.40 -5.46
C GLU A 11 27.12 -10.65 -5.49
N LEU A 12 27.29 -11.48 -4.46
CA LEU A 12 26.46 -12.63 -4.18
C LEU A 12 25.60 -12.32 -2.97
N LYS A 13 24.28 -12.37 -3.13
CA LYS A 13 23.35 -12.03 -2.06
C LYS A 13 22.32 -13.14 -1.88
N LYS A 14 21.99 -13.45 -0.62
CA LYS A 14 21.02 -14.51 -0.35
C LYS A 14 19.59 -13.99 -0.49
N PRO A 15 18.66 -14.87 -0.83
CA PRO A 15 17.27 -14.42 -1.02
C PRO A 15 16.70 -13.83 0.26
N GLY A 16 15.92 -12.76 0.09
CA GLY A 16 15.37 -12.02 1.21
C GLY A 16 16.24 -10.88 1.71
N SER A 17 17.53 -10.87 1.39
CA SER A 17 18.40 -9.80 1.82
C SER A 17 18.28 -8.61 0.86
N SER A 18 19.12 -7.60 1.05
CA SER A 18 19.12 -6.42 0.20
C SER A 18 20.53 -6.14 -0.30
N VAL A 19 20.61 -5.64 -1.53
CA VAL A 19 21.88 -5.34 -2.19
C VAL A 19 21.88 -3.88 -2.60
N LYS A 20 23.00 -3.20 -2.39
CA LYS A 20 23.15 -1.79 -2.73
C LYS A 20 24.25 -1.65 -3.77
N VAL A 21 23.93 -1.08 -4.92
CA VAL A 21 24.86 -0.91 -6.03
C VAL A 21 25.16 0.58 -6.20
N SER A 22 26.44 0.92 -6.30
CA SER A 22 26.85 2.31 -6.41
C SER A 22 27.18 2.67 -7.86
N CYS A 23 27.00 3.95 -8.17
CA CYS A 23 27.31 4.51 -9.49
C CYS A 23 28.02 5.83 -9.28
N LYS A 24 29.22 5.96 -9.84
CA LYS A 24 30.08 7.12 -9.61
C LYS A 24 30.45 7.75 -10.95
N PRO A 25 30.09 9.01 -11.18
CA PRO A 25 30.59 9.70 -12.39
C PRO A 25 32.07 10.03 -12.26
N SER A 26 32.79 9.90 -13.38
CA SER A 26 34.23 10.15 -13.39
C SER A 26 34.58 11.62 -13.15
N ASP A 27 33.62 12.53 -13.31
CA ASP A 27 33.88 13.93 -12.96
C ASP A 27 34.20 14.07 -11.48
N GLY A 28 33.49 13.34 -10.62
CA GLY A 28 33.51 13.59 -9.20
C GLY A 28 32.47 14.59 -8.75
N THR A 29 31.64 15.10 -9.66
CA THR A 29 30.60 16.06 -9.36
C THR A 29 29.37 15.75 -10.20
N PHE A 30 28.19 15.95 -9.61
CA PHE A 30 26.93 15.81 -10.33
C PHE A 30 26.62 17.07 -11.13
N ARG A 31 26.01 16.89 -12.30
CA ARG A 31 25.66 17.99 -13.19
C ARG A 31 24.20 17.85 -13.62
N ALA A 32 23.82 18.58 -14.66
CA ALA A 32 22.42 18.62 -15.12
C ALA A 32 22.12 17.42 -16.01
N TYR A 33 21.97 16.26 -15.38
CA TYR A 33 21.58 15.05 -16.09
C TYR A 33 20.82 14.13 -15.14
N THR A 34 19.96 13.30 -15.70
CA THR A 34 19.22 12.34 -14.91
C THR A 34 19.94 11.00 -14.92
N LEU A 35 19.84 10.27 -13.81
CA LEU A 35 20.53 8.99 -13.66
C LEU A 35 19.47 7.90 -13.52
N SER A 36 19.45 6.96 -14.45
CA SER A 36 18.51 5.85 -14.42
C SER A 36 19.24 4.57 -14.00
N TRP A 37 18.44 3.54 -13.69
CA TRP A 37 18.97 2.22 -13.39
C TRP A 37 18.25 1.22 -14.28
N VAL A 38 19.00 0.54 -15.15
CA VAL A 38 18.46 -0.46 -16.05
C VAL A 38 19.12 -1.79 -15.75
N ARG A 39 18.32 -2.85 -15.69
CA ARG A 39 18.85 -4.18 -15.45
C ARG A 39 18.50 -5.11 -16.60
N GLN A 40 19.22 -6.22 -16.67
CA GLN A 40 18.95 -7.24 -17.68
C GLN A 40 19.14 -8.61 -17.03
N ALA A 41 18.05 -9.34 -16.85
CA ALA A 41 18.09 -10.70 -16.35
C ALA A 41 18.48 -11.65 -17.49
N PRO A 42 19.03 -12.82 -17.16
CA PRO A 42 19.36 -13.79 -18.22
C PRO A 42 18.11 -14.21 -18.98
N GLY A 43 18.21 -14.17 -20.31
CA GLY A 43 17.06 -14.53 -21.13
C GLY A 43 15.93 -13.53 -21.12
N GLN A 44 16.17 -12.31 -20.66
CA GLN A 44 15.15 -11.26 -20.66
C GLN A 44 15.70 -10.00 -21.30
N THR A 45 14.80 -9.12 -21.71
CA THR A 45 15.22 -7.87 -22.32
C THR A 45 15.53 -6.84 -21.25
N LEU A 46 16.08 -5.70 -21.68
CA LEU A 46 16.47 -4.64 -20.76
C LEU A 46 15.24 -4.07 -20.06
N GLU A 47 15.34 -3.91 -18.75
CA GLU A 47 14.22 -3.48 -17.92
C GLU A 47 14.60 -2.22 -17.15
N TRP A 48 13.85 -1.15 -17.38
CA TRP A 48 14.10 0.11 -16.70
C TRP A 48 13.47 0.09 -15.32
N MET A 49 14.27 0.42 -14.30
CA MET A 49 13.84 0.37 -12.92
C MET A 49 13.47 1.74 -12.35
N GLY A 50 14.40 2.69 -12.38
CA GLY A 50 14.13 3.96 -11.73
C GLY A 50 14.90 5.14 -12.28
N ARG A 51 14.82 6.28 -11.59
CA ARG A 51 15.36 7.52 -12.10
C ARG A 51 15.57 8.47 -10.93
N ILE A 52 16.70 9.18 -10.94
CA ILE A 52 17.00 10.18 -9.92
C ILE A 52 17.74 11.33 -10.59
N MET A 53 17.34 12.56 -10.26
CA MET A 53 18.09 13.74 -10.60
C MET A 53 18.98 14.10 -9.43
N PRO A 54 20.27 13.77 -9.45
CA PRO A 54 21.13 14.09 -8.29
C PRO A 54 21.22 15.57 -7.99
N THR A 55 20.86 16.45 -8.92
CA THR A 55 20.94 17.89 -8.67
C THR A 55 19.74 18.41 -7.91
N VAL A 56 18.53 17.95 -8.27
CA VAL A 56 17.32 18.45 -7.64
C VAL A 56 16.72 17.46 -6.63
N GLY A 57 16.98 16.16 -6.77
CA GLY A 57 16.52 15.19 -5.81
C GLY A 57 15.25 14.43 -6.17
N ILE A 58 14.65 14.69 -7.33
CA ILE A 58 13.45 13.97 -7.75
C ILE A 58 13.80 12.53 -8.07
N THR A 59 13.01 11.62 -7.51
CA THR A 59 13.17 10.16 -7.77
C THR A 59 11.85 9.57 -8.30
N ASN A 60 11.95 8.77 -9.36
CA ASN A 60 10.76 8.10 -9.96
C ASN A 60 11.06 6.61 -10.06
N TYR A 61 10.10 5.76 -9.70
CA TYR A 61 10.35 4.31 -9.80
C TYR A 61 9.26 3.64 -10.65
N ALA A 62 9.64 2.54 -11.29
CA ALA A 62 8.73 1.73 -12.11
C ALA A 62 7.85 0.85 -11.23
N GLN A 63 6.62 0.62 -11.70
CA GLN A 63 5.60 0.00 -10.85
C GLN A 63 6.01 -1.41 -10.40
N LYS A 64 6.72 -2.15 -11.24
CA LYS A 64 7.12 -3.51 -10.87
C LYS A 64 8.07 -3.50 -9.67
N PHE A 65 8.82 -2.43 -9.47
CA PHE A 65 9.78 -2.34 -8.37
C PHE A 65 9.33 -1.37 -7.28
N GLN A 66 8.16 -0.76 -7.42
CA GLN A 66 7.65 0.15 -6.41
C GLN A 66 7.45 -0.57 -5.09
N GLY A 67 8.23 -0.22 -4.07
CA GLY A 67 8.12 -0.79 -2.74
C GLY A 67 9.39 -1.45 -2.25
N ARG A 68 10.22 -1.98 -3.15
CA ARG A 68 11.44 -2.66 -2.74
C ARG A 68 12.69 -2.14 -3.43
N VAL A 69 12.60 -1.05 -4.20
CA VAL A 69 13.77 -0.36 -4.74
C VAL A 69 13.82 1.05 -4.17
N THR A 70 15.03 1.55 -3.96
CA THR A 70 15.24 2.90 -3.45
C THR A 70 16.53 3.45 -4.04
N ILE A 71 16.44 4.56 -4.77
CA ILE A 71 17.59 5.17 -5.44
C ILE A 71 17.93 6.46 -4.71
N SER A 72 19.10 6.47 -4.07
CA SER A 72 19.60 7.63 -3.36
C SER A 72 20.81 8.20 -4.09
N ALA A 73 21.17 9.43 -3.73
CA ALA A 73 22.34 10.09 -4.29
C ALA A 73 23.02 10.87 -3.18
N ASP A 74 24.30 10.60 -2.97
CA ASP A 74 25.09 11.25 -1.93
C ASP A 74 26.02 12.26 -2.59
N MET A 75 25.70 13.54 -2.47
CA MET A 75 26.60 14.55 -2.97
C MET A 75 27.78 14.70 -2.03
N SER A 76 28.77 15.49 -2.47
CA SER A 76 30.12 15.56 -1.89
C SER A 76 30.89 14.30 -2.22
N THR A 77 30.26 13.13 -2.06
CA THR A 77 30.83 11.89 -2.57
C THR A 77 30.59 11.76 -4.07
N ALA A 78 29.50 12.34 -4.57
CA ALA A 78 29.10 12.24 -5.98
C ALA A 78 28.97 10.78 -6.39
N THR A 79 28.19 10.01 -5.62
CA THR A 79 27.96 8.60 -5.87
C THR A 79 26.47 8.32 -5.73
N ALA A 80 25.84 7.88 -6.82
CA ALA A 80 24.44 7.47 -6.75
C ALA A 80 24.35 6.01 -6.33
N TYR A 81 23.27 5.67 -5.63
CA TYR A 81 23.08 4.32 -5.14
C TYR A 81 21.72 3.79 -5.58
N MET A 82 21.65 2.48 -5.78
CA MET A 82 20.40 1.75 -5.92
C MET A 82 20.39 0.62 -4.92
N GLU A 83 19.32 0.54 -4.12
CA GLU A 83 19.12 -0.56 -3.19
C GLU A 83 17.87 -1.35 -3.60
N LEU A 84 18.01 -2.67 -3.68
CA LEU A 84 16.91 -3.57 -4.00
C LEU A 84 16.81 -4.61 -2.88
N SER A 85 15.76 -4.48 -2.07
CA SER A 85 15.52 -5.39 -0.95
C SER A 85 14.53 -6.46 -1.35
N SER A 86 14.35 -7.44 -0.45
CA SER A 86 13.49 -8.60 -0.69
C SER A 86 13.88 -9.31 -1.99
N LEU A 87 15.16 -9.67 -2.06
CA LEU A 87 15.72 -10.25 -3.28
C LEU A 87 15.14 -11.63 -3.53
N ARG A 88 14.55 -11.81 -4.71
CA ARG A 88 14.06 -13.10 -5.17
C ARG A 88 15.08 -13.72 -6.11
N SER A 89 14.82 -14.97 -6.51
CA SER A 89 15.79 -15.69 -7.33
C SER A 89 15.92 -15.06 -8.72
N ASP A 90 14.81 -14.58 -9.27
CA ASP A 90 14.81 -13.99 -10.61
C ASP A 90 15.36 -12.56 -10.65
N ASP A 91 15.82 -12.02 -9.52
CA ASP A 91 16.51 -10.73 -9.54
C ASP A 91 17.96 -10.86 -9.97
N THR A 92 18.47 -12.08 -10.14
CA THR A 92 19.80 -12.29 -10.67
C THR A 92 19.89 -11.64 -12.05
N ALA A 93 20.72 -10.60 -12.17
CA ALA A 93 20.76 -9.82 -13.40
C ALA A 93 22.03 -8.99 -13.41
N ILE A 94 22.28 -8.36 -14.55
CA ILE A 94 23.30 -7.31 -14.64
C ILE A 94 22.59 -5.98 -14.45
N TYR A 95 23.08 -5.18 -13.51
CA TYR A 95 22.48 -3.90 -13.19
C TYR A 95 23.37 -2.79 -13.72
N TYR A 96 22.80 -1.94 -14.59
CA TYR A 96 23.49 -0.80 -15.17
C TYR A 96 22.91 0.49 -14.62
N CYS A 97 23.77 1.49 -14.42
CA CYS A 97 23.31 2.87 -14.32
C CYS A 97 23.55 3.55 -15.66
N ALA A 98 22.63 4.43 -16.05
CA ALA A 98 22.64 5.05 -17.35
C ALA A 98 22.34 6.53 -17.20
N LYS A 99 23.11 7.36 -17.89
CA LYS A 99 22.89 8.79 -17.89
C LYS A 99 21.90 9.15 -19.00
N GLY A 100 20.89 9.94 -18.65
CA GLY A 100 19.95 10.44 -19.62
C GLY A 100 19.85 11.94 -19.53
N PRO A 101 19.14 12.56 -20.47
CA PRO A 101 19.04 14.02 -20.46
C PRO A 101 18.27 14.53 -19.23
N TYR A 102 18.74 15.68 -18.73
CA TYR A 102 18.08 16.38 -17.62
C TYR A 102 16.60 16.62 -17.89
N VAL A 103 16.27 16.96 -19.14
CA VAL A 103 14.91 17.33 -19.52
C VAL A 103 13.92 16.18 -19.35
N GLY A 104 14.38 14.95 -19.23
CA GLY A 104 13.52 13.82 -18.98
C GLY A 104 13.89 12.64 -19.85
N LEU A 105 13.09 11.59 -19.77
CA LEU A 105 13.29 10.42 -20.61
C LEU A 105 12.77 10.70 -22.01
N GLY A 106 13.14 9.85 -22.95
CA GLY A 106 12.69 10.04 -24.30
C GLY A 106 13.80 9.73 -25.28
N GLU A 107 14.88 10.50 -25.19
CA GLU A 107 16.06 10.27 -26.01
C GLU A 107 16.89 9.08 -25.52
N GLY A 108 16.46 8.40 -24.47
CA GLY A 108 17.16 7.23 -24.00
C GLY A 108 18.33 7.57 -23.09
N PHE A 109 19.46 6.90 -23.28
CA PHE A 109 20.60 6.99 -22.39
C PHE A 109 21.87 7.10 -23.21
N SER A 110 22.62 8.18 -22.98
CA SER A 110 23.79 8.49 -23.80
C SER A 110 25.08 7.88 -23.26
N GLU A 111 25.09 7.48 -21.98
CA GLU A 111 26.27 6.90 -21.35
C GLU A 111 25.82 5.82 -20.38
N TRP A 112 26.66 4.81 -20.21
CA TRP A 112 26.32 3.63 -19.42
C TRP A 112 27.48 3.26 -18.51
N GLY A 113 27.15 2.68 -17.37
CA GLY A 113 28.16 2.04 -16.56
C GLY A 113 28.50 0.68 -17.12
N GLN A 114 29.52 0.05 -16.54
CA GLN A 114 29.96 -1.26 -17.02
C GLN A 114 28.95 -2.34 -16.68
N GLY A 115 28.24 -2.20 -15.58
CA GLY A 115 27.30 -3.22 -15.15
C GLY A 115 27.77 -3.88 -13.87
N THR A 116 26.80 -4.25 -13.04
CA THR A 116 27.06 -4.98 -11.80
C THR A 116 26.25 -6.27 -11.85
N LEU A 117 26.94 -7.41 -11.75
CA LEU A 117 26.26 -8.70 -11.74
C LEU A 117 25.91 -9.04 -10.30
N VAL A 118 24.61 -9.11 -10.00
CA VAL A 118 24.13 -9.49 -8.69
C VAL A 118 23.56 -10.90 -8.82
N THR A 119 24.15 -11.83 -8.07
CA THR A 119 23.70 -13.21 -8.05
C THR A 119 22.92 -13.44 -6.76
N VAL A 120 21.64 -13.74 -6.89
CA VAL A 120 20.77 -14.01 -5.75
C VAL A 120 20.72 -15.52 -5.59
N SER A 121 21.47 -16.03 -4.61
CA SER A 121 21.55 -17.47 -4.39
C SER A 121 21.99 -17.72 -2.96
N SER A 122 21.65 -18.92 -2.47
CA SER A 122 22.01 -19.37 -1.13
C SER A 122 23.30 -20.18 -1.09
N ALA A 123 23.87 -20.53 -2.25
CA ALA A 123 25.12 -21.27 -2.27
C ALA A 123 26.27 -20.39 -1.79
N SER A 124 27.33 -21.06 -1.34
CA SER A 124 28.47 -20.36 -0.78
C SER A 124 29.44 -19.92 -1.88
N THR A 125 30.28 -18.95 -1.53
CA THR A 125 31.31 -18.48 -2.44
C THR A 125 32.47 -19.46 -2.44
N LYS A 126 32.92 -19.86 -3.62
CA LYS A 126 34.05 -20.78 -3.76
C LYS A 126 35.06 -20.22 -4.73
N GLY A 127 36.32 -20.16 -4.30
CA GLY A 127 37.39 -19.64 -5.12
C GLY A 127 37.70 -20.56 -6.29
N PRO A 128 38.23 -19.99 -7.37
CA PRO A 128 38.51 -20.78 -8.55
C PRO A 128 39.86 -21.49 -8.48
N SER A 129 39.91 -22.66 -9.11
CA SER A 129 41.16 -23.40 -9.29
C SER A 129 41.65 -23.18 -10.71
N VAL A 130 42.92 -22.84 -10.85
CA VAL A 130 43.51 -22.48 -12.14
C VAL A 130 44.51 -23.55 -12.54
N PHE A 131 44.36 -24.08 -13.76
CA PHE A 131 45.21 -25.11 -14.31
C PHE A 131 45.65 -24.74 -15.71
N PRO A 132 46.86 -25.16 -16.11
CA PRO A 132 47.37 -24.78 -17.43
C PRO A 132 46.88 -25.70 -18.55
N LEU A 133 46.77 -25.10 -19.74
CA LEU A 133 46.58 -25.82 -20.99
C LEU A 133 47.86 -25.64 -21.79
N ALA A 134 48.78 -26.60 -21.65
CA ALA A 134 50.10 -26.47 -22.25
C ALA A 134 50.11 -27.01 -23.68
N PRO A 135 50.86 -26.37 -24.58
CA PRO A 135 51.05 -26.81 -25.98
C PRO A 135 51.66 -28.21 -26.08
N THR A 144 51.79 -21.54 -36.05
CA THR A 144 51.13 -21.05 -34.83
C THR A 144 50.82 -22.16 -33.81
N ALA A 145 50.73 -21.76 -32.54
CA ALA A 145 50.44 -22.69 -31.44
C ALA A 145 49.37 -22.08 -30.54
N ALA A 146 48.61 -22.95 -29.89
CA ALA A 146 47.54 -22.53 -29.00
C ALA A 146 47.92 -22.85 -27.56
N LEU A 147 47.55 -21.94 -26.66
CA LEU A 147 47.96 -21.99 -25.28
C LEU A 147 46.81 -21.41 -24.47
N GLY A 148 46.58 -21.95 -23.28
CA GLY A 148 45.39 -21.50 -22.58
C GLY A 148 45.43 -21.72 -21.09
N CYS A 149 44.30 -21.39 -20.45
CA CYS A 149 44.12 -21.46 -19.01
C CYS A 149 42.73 -21.97 -18.69
N LEU A 150 42.65 -22.92 -17.74
CA LEU A 150 41.38 -23.49 -17.31
C LEU A 150 41.06 -23.02 -15.90
N VAL A 151 39.93 -22.32 -15.75
CA VAL A 151 39.47 -21.79 -14.48
C VAL A 151 38.25 -22.60 -14.05
N LYS A 152 38.42 -23.42 -13.02
CA LYS A 152 37.45 -24.46 -12.66
C LYS A 152 36.95 -24.31 -11.23
N ASP A 153 35.65 -24.58 -11.05
CA ASP A 153 35.03 -24.76 -9.74
C ASP A 153 35.00 -23.47 -8.93
N TYR A 154 34.27 -22.48 -9.44
CA TYR A 154 34.11 -21.22 -8.76
C TYR A 154 32.64 -20.82 -8.74
N PHE A 155 32.28 -20.02 -7.73
CA PHE A 155 30.93 -19.49 -7.60
C PHE A 155 30.99 -18.24 -6.75
N PRO A 156 30.28 -17.16 -7.14
CA PRO A 156 29.49 -17.13 -8.37
C PRO A 156 30.27 -16.55 -9.56
N GLU A 157 29.53 -16.09 -10.57
CA GLU A 157 30.10 -15.29 -11.63
C GLU A 157 30.28 -13.84 -11.15
N PRO A 158 31.21 -13.09 -11.76
CA PRO A 158 32.09 -13.48 -12.86
C PRO A 158 33.54 -13.69 -12.47
N VAL A 159 34.27 -14.38 -13.36
CA VAL A 159 35.72 -14.45 -13.31
C VAL A 159 36.24 -13.72 -14.53
N THR A 160 37.21 -12.82 -14.33
CA THR A 160 37.83 -12.11 -15.42
C THR A 160 39.24 -12.65 -15.65
N VAL A 161 39.61 -12.81 -16.91
CA VAL A 161 40.90 -13.34 -17.30
C VAL A 161 41.55 -12.37 -18.28
N SER A 162 42.80 -12.00 -18.02
CA SER A 162 43.62 -11.28 -18.97
C SER A 162 44.96 -12.00 -19.07
N TRP A 163 45.72 -11.69 -20.12
CA TRP A 163 46.96 -12.39 -20.39
C TRP A 163 48.15 -11.46 -20.25
N ASN A 164 49.26 -11.99 -19.72
CA ASN A 164 50.40 -11.22 -19.26
C ASN A 164 49.98 -10.23 -18.18
N SER A 165 49.62 -9.01 -18.59
CA SER A 165 49.07 -8.04 -17.65
C SER A 165 48.26 -7.02 -18.43
N GLY A 166 47.46 -7.50 -19.39
CA GLY A 166 46.81 -6.64 -20.34
C GLY A 166 47.59 -6.42 -21.62
N ALA A 167 48.84 -6.91 -21.68
CA ALA A 167 49.64 -6.69 -22.88
C ALA A 167 49.22 -7.61 -24.03
N LEU A 168 48.84 -8.85 -23.71
CA LEU A 168 48.47 -9.81 -24.74
C LEU A 168 46.96 -9.77 -24.93
N THR A 169 46.52 -9.04 -25.95
CA THR A 169 45.10 -8.96 -26.31
C THR A 169 44.78 -9.64 -27.63
N SER A 170 45.68 -9.55 -28.61
CA SER A 170 45.44 -10.15 -29.91
C SER A 170 45.40 -11.68 -29.81
N GLY A 171 44.42 -12.29 -30.46
CA GLY A 171 44.32 -13.74 -30.48
C GLY A 171 43.85 -14.38 -29.19
N VAL A 172 43.23 -13.61 -28.29
CA VAL A 172 42.73 -14.14 -27.03
C VAL A 172 41.26 -14.48 -27.18
N HIS A 173 40.87 -15.64 -26.64
CA HIS A 173 39.47 -16.06 -26.62
C HIS A 173 39.16 -16.51 -25.20
N THR A 174 38.33 -15.73 -24.50
CA THR A 174 37.83 -16.11 -23.18
C THR A 174 36.41 -16.62 -23.35
N PHE A 175 36.23 -17.91 -23.15
CA PHE A 175 34.94 -18.52 -23.42
C PHE A 175 33.93 -18.20 -22.32
N PRO A 176 32.65 -18.12 -22.67
CA PRO A 176 31.61 -18.00 -21.65
C PRO A 176 31.67 -19.12 -20.63
N ALA A 177 31.37 -18.78 -19.39
CA ALA A 177 31.34 -19.78 -18.33
C ALA A 177 30.15 -20.71 -18.52
N VAL A 178 30.35 -21.99 -18.19
CA VAL A 178 29.28 -22.97 -18.26
C VAL A 178 28.98 -23.47 -16.85
N LEU A 179 27.74 -23.85 -16.63
CA LEU A 179 27.26 -24.29 -15.33
C LEU A 179 27.36 -25.82 -15.26
N GLN A 180 28.27 -26.31 -14.42
CA GLN A 180 28.47 -27.75 -14.27
C GLN A 180 27.32 -28.37 -13.50
N SER A 181 27.26 -29.71 -13.54
CA SER A 181 26.22 -30.44 -12.83
C SER A 181 26.33 -30.30 -11.32
N SER A 182 27.49 -29.87 -10.81
CA SER A 182 27.69 -29.63 -9.39
C SER A 182 27.26 -28.25 -8.95
N GLY A 183 26.80 -27.40 -9.87
CA GLY A 183 26.44 -26.04 -9.53
C GLY A 183 27.59 -25.06 -9.60
N LEU A 184 28.83 -25.54 -9.66
CA LEU A 184 30.00 -24.68 -9.83
C LEU A 184 30.22 -24.35 -11.30
N TYR A 185 30.90 -23.23 -11.54
CA TYR A 185 31.18 -22.75 -12.89
C TYR A 185 32.58 -23.16 -13.34
N SER A 186 32.79 -23.09 -14.64
CA SER A 186 34.10 -23.28 -15.25
C SER A 186 34.16 -22.55 -16.58
N LEU A 187 35.32 -22.02 -16.90
CA LEU A 187 35.56 -21.42 -18.21
C LEU A 187 37.00 -21.68 -18.61
N SER A 188 37.28 -21.45 -19.88
CA SER A 188 38.64 -21.52 -20.39
C SER A 188 38.97 -20.21 -21.09
N SER A 189 40.23 -19.80 -20.97
CA SER A 189 40.77 -18.71 -21.75
C SER A 189 41.94 -19.28 -22.53
N VAL A 190 41.90 -19.10 -23.85
CA VAL A 190 42.97 -19.61 -24.70
C VAL A 190 43.50 -18.45 -25.54
N VAL A 191 44.72 -18.63 -26.02
CA VAL A 191 45.36 -17.67 -26.93
C VAL A 191 46.23 -18.44 -27.92
N THR A 192 46.18 -18.00 -29.17
CA THR A 192 47.04 -18.52 -30.21
C THR A 192 48.27 -17.62 -30.36
N VAL A 193 49.44 -18.23 -30.38
CA VAL A 193 50.70 -17.48 -30.43
C VAL A 193 51.58 -18.10 -31.50
N PRO A 194 52.54 -17.35 -32.02
CA PRO A 194 53.50 -17.93 -32.97
C PRO A 194 54.30 -19.04 -32.30
N SER A 195 54.59 -20.09 -33.08
CA SER A 195 55.32 -21.24 -32.56
C SER A 195 56.75 -20.85 -32.15
N SER A 196 57.38 -19.93 -32.89
CA SER A 196 58.75 -19.52 -32.59
C SER A 196 58.85 -18.69 -31.32
N SER A 197 57.73 -18.31 -30.71
CA SER A 197 57.72 -17.53 -29.50
C SER A 197 57.62 -18.38 -28.23
N LEU A 198 57.33 -19.67 -28.37
CA LEU A 198 57.16 -20.52 -27.19
C LEU A 198 58.46 -20.68 -26.42
N GLY A 199 59.61 -20.66 -27.12
CA GLY A 199 60.89 -20.84 -26.47
C GLY A 199 61.43 -19.64 -25.74
N THR A 200 60.88 -18.45 -25.98
CA THR A 200 61.40 -17.22 -25.39
C THR A 200 60.36 -16.45 -24.60
N GLN A 201 59.19 -16.15 -25.18
CA GLN A 201 58.20 -15.34 -24.50
C GLN A 201 57.58 -16.10 -23.32
N THR A 202 57.10 -15.35 -22.34
CA THR A 202 56.41 -15.91 -21.19
C THR A 202 54.93 -15.54 -21.27
N TYR A 203 54.10 -16.43 -20.73
CA TYR A 203 52.65 -16.26 -20.77
C TYR A 203 52.06 -16.53 -19.40
N ILE A 204 51.32 -15.54 -18.87
CA ILE A 204 50.71 -15.63 -17.54
C ILE A 204 49.22 -15.33 -17.69
N CYS A 205 48.38 -16.10 -16.99
CA CYS A 205 46.96 -15.82 -16.88
C CYS A 205 46.73 -14.92 -15.68
N ASN A 206 45.97 -13.85 -15.87
CA ASN A 206 45.58 -12.98 -14.76
C ASN A 206 44.14 -13.31 -14.45
N VAL A 207 43.94 -14.24 -13.53
CA VAL A 207 42.63 -14.68 -13.10
C VAL A 207 42.41 -14.17 -11.69
N ASN A 208 41.36 -13.36 -11.50
CA ASN A 208 40.90 -13.03 -10.17
C ASN A 208 39.39 -13.22 -10.10
N HIS A 209 38.93 -13.62 -8.92
CA HIS A 209 37.52 -13.78 -8.62
C HIS A 209 37.22 -12.82 -7.48
N LYS A 210 36.43 -11.79 -7.76
CA LYS A 210 36.12 -10.78 -6.74
C LYS A 210 35.44 -11.38 -5.51
N PRO A 211 34.35 -12.15 -5.63
CA PRO A 211 33.65 -12.62 -4.41
C PRO A 211 34.49 -13.50 -3.51
N SER A 212 35.62 -14.03 -3.98
CA SER A 212 36.43 -14.93 -3.18
C SER A 212 37.81 -14.37 -2.84
N ASN A 213 38.13 -13.16 -3.30
CA ASN A 213 39.43 -12.54 -3.07
C ASN A 213 40.57 -13.48 -3.47
N THR A 214 40.41 -14.13 -4.63
CA THR A 214 41.36 -15.11 -5.13
C THR A 214 41.97 -14.56 -6.42
N LYS A 215 43.24 -14.21 -6.38
CA LYS A 215 43.95 -13.67 -7.54
C LYS A 215 45.12 -14.60 -7.85
N VAL A 216 45.11 -15.18 -9.04
CA VAL A 216 46.08 -16.19 -9.43
C VAL A 216 46.82 -15.71 -10.69
N ASP A 217 48.11 -16.03 -10.78
CA ASP A 217 48.95 -15.71 -11.93
C ASP A 217 49.67 -16.99 -12.35
N LYS A 218 48.99 -17.85 -13.11
CA LYS A 218 49.56 -19.12 -13.52
C LYS A 218 50.42 -18.92 -14.77
N LYS A 219 51.64 -19.43 -14.73
CA LYS A 219 52.54 -19.39 -15.87
C LYS A 219 52.44 -20.71 -16.63
N VAL A 220 52.07 -20.64 -17.90
CA VAL A 220 51.85 -21.81 -18.74
C VAL A 220 53.10 -22.02 -19.59
N GLU A 221 53.74 -23.18 -19.43
CA GLU A 221 54.94 -23.53 -20.17
C GLU A 221 54.77 -24.86 -20.87
N PRO A 222 55.27 -24.99 -22.09
CA PRO A 222 55.20 -26.28 -22.78
C PRO A 222 56.07 -27.33 -22.11
N LYS A 223 55.73 -28.59 -22.36
CA LYS A 223 56.54 -29.71 -21.88
C LYS A 223 56.49 -30.89 -22.85
N ILE B 1 -7.36 5.82 -17.84
CA ILE B 1 -7.13 4.44 -18.36
C ILE B 1 -5.77 4.38 -19.03
N GLU B 2 -4.85 3.55 -18.50
CA GLU B 2 -3.50 3.39 -19.10
C GLU B 2 -3.32 1.93 -19.52
N LEU B 3 -3.01 1.71 -20.80
CA LEU B 3 -2.90 0.34 -21.39
C LEU B 3 -1.43 -0.03 -21.60
N GLU B 4 -1.11 -1.32 -21.44
CA GLU B 4 0.26 -1.81 -21.61
C GLU B 4 0.72 -1.62 -23.05
N LEU B 5 1.88 -1.00 -23.20
CA LEU B 5 2.48 -0.82 -24.52
C LEU B 5 3.45 -1.97 -24.78
N VAL B 6 3.46 -2.44 -26.02
CA VAL B 6 4.30 -3.56 -26.44
C VAL B 6 5.10 -3.14 -27.67
N LEU B 7 6.41 -3.30 -27.60
CA LEU B 7 7.29 -3.09 -28.73
C LEU B 7 7.71 -4.45 -29.30
N THR B 8 7.50 -4.63 -30.61
CA THR B 8 7.86 -5.87 -31.29
C THR B 8 8.93 -5.57 -32.33
N GLN B 9 10.02 -6.33 -32.29
CA GLN B 9 11.08 -6.24 -33.28
C GLN B 9 11.04 -7.44 -34.22
N SER B 10 11.22 -7.19 -35.51
CA SER B 10 11.30 -8.25 -36.49
C SER B 10 12.38 -7.87 -37.50
N PRO B 11 13.25 -8.83 -37.89
CA PRO B 11 13.26 -10.21 -37.42
C PRO B 11 13.92 -10.35 -36.06
N LEU B 12 13.89 -11.55 -35.49
CA LEU B 12 14.60 -11.80 -34.25
C LEU B 12 16.07 -12.15 -34.50
N SER B 13 16.36 -12.72 -35.67
CA SER B 13 17.72 -13.02 -36.10
C SER B 13 17.85 -12.56 -37.54
N LEU B 14 18.83 -11.69 -37.80
CA LEU B 14 19.04 -11.08 -39.11
C LEU B 14 20.43 -11.45 -39.58
N PRO B 15 20.59 -12.58 -40.28
CA PRO B 15 21.88 -12.89 -40.91
C PRO B 15 22.04 -12.08 -42.19
N VAL B 16 23.19 -11.42 -42.32
CA VAL B 16 23.45 -10.58 -43.49
C VAL B 16 24.89 -10.83 -43.94
N THR B 17 25.07 -11.00 -45.25
CA THR B 17 26.41 -11.12 -45.80
C THR B 17 27.11 -9.77 -45.73
N LEU B 18 28.44 -9.81 -45.62
CA LEU B 18 29.23 -8.60 -45.49
C LEU B 18 29.09 -7.72 -46.73
N GLY B 19 28.87 -6.43 -46.51
CA GLY B 19 28.71 -5.48 -47.60
C GLY B 19 27.29 -5.30 -48.10
N GLN B 20 26.32 -6.06 -47.58
CA GLN B 20 24.94 -5.96 -48.02
C GLN B 20 24.12 -5.11 -47.05
N PRO B 21 23.04 -4.48 -47.51
CA PRO B 21 22.21 -3.68 -46.61
C PRO B 21 21.39 -4.55 -45.68
N ALA B 22 21.02 -3.99 -44.53
CA ALA B 22 20.19 -4.66 -43.55
C ALA B 22 19.22 -3.65 -42.96
N SER B 23 18.04 -4.15 -42.55
CA SER B 23 17.04 -3.30 -41.94
C SER B 23 16.37 -4.05 -40.80
N ILE B 24 16.12 -3.36 -39.70
CA ILE B 24 15.47 -3.91 -38.52
C ILE B 24 14.27 -3.03 -38.20
N SER B 25 13.10 -3.64 -38.08
CA SER B 25 11.87 -2.90 -37.85
C SER B 25 11.44 -3.01 -36.39
N CYS B 26 10.87 -1.93 -35.87
CA CYS B 26 10.34 -1.86 -34.53
C CYS B 26 8.94 -1.31 -34.63
N ARG B 27 7.95 -2.08 -34.17
CA ARG B 27 6.56 -1.68 -34.26
C ARG B 27 5.96 -1.56 -32.86
N SER B 28 5.18 -0.51 -32.66
CA SER B 28 4.59 -0.20 -31.37
C SER B 28 3.08 -0.28 -31.46
N THR B 29 2.44 -0.68 -30.37
CA THR B 29 0.99 -0.76 -30.30
C THR B 29 0.34 0.61 -30.11
N GLN B 30 1.11 1.63 -29.73
CA GLN B 30 0.59 2.98 -29.54
C GLN B 30 1.51 3.98 -30.23
N SER B 31 0.92 5.07 -30.70
CA SER B 31 1.71 6.11 -31.35
C SER B 31 2.76 6.67 -30.39
N LEU B 32 3.94 6.99 -30.92
CA LEU B 32 5.04 7.45 -30.08
C LEU B 32 5.27 8.95 -30.20
N VAL B 33 4.34 9.71 -30.78
CA VAL B 33 4.42 11.16 -30.71
C VAL B 33 3.98 11.59 -29.32
N TYR B 34 4.74 12.51 -28.72
CA TYR B 34 4.53 12.93 -27.35
C TYR B 34 3.74 14.23 -27.33
N SER B 35 3.52 14.75 -26.12
CA SER B 35 2.83 16.04 -25.96
C SER B 35 3.55 17.15 -26.69
N ASP B 36 4.90 17.13 -26.67
CA ASP B 36 5.71 18.19 -27.26
C ASP B 36 5.91 18.02 -28.75
N GLY B 37 5.23 17.05 -29.37
CA GLY B 37 5.32 16.83 -30.80
C GLY B 37 6.50 16.01 -31.26
N ASN B 38 7.37 15.58 -30.36
CA ASN B 38 8.51 14.74 -30.72
C ASN B 38 8.13 13.26 -30.70
N THR B 39 8.83 12.48 -31.50
CA THR B 39 8.64 11.03 -31.57
C THR B 39 9.86 10.38 -30.93
N TYR B 40 9.68 9.86 -29.71
CA TYR B 40 10.81 9.36 -28.93
C TYR B 40 10.94 7.85 -29.12
N LEU B 41 11.54 7.46 -30.24
CA LEU B 41 12.00 6.10 -30.44
C LEU B 41 13.50 6.10 -30.72
N ASN B 42 14.23 5.25 -30.03
CA ASN B 42 15.69 5.24 -30.06
C ASN B 42 16.19 3.84 -30.37
N TRP B 43 17.47 3.76 -30.78
CA TRP B 43 18.07 2.50 -31.19
C TRP B 43 19.38 2.28 -30.46
N PHE B 44 20.00 1.40 -29.90
CA PHE B 44 21.00 0.78 -29.04
C PHE B 44 21.53 -0.50 -29.67
N HIS B 45 22.79 -0.58 -29.66
CA HIS B 45 23.61 -1.68 -30.15
C HIS B 45 24.46 -2.21 -29.00
N GLN B 46 24.34 -3.48 -28.68
CA GLN B 46 25.05 -4.10 -27.58
C GLN B 46 26.07 -5.11 -28.10
N ARG B 47 27.33 -4.93 -27.69
CA ARG B 47 28.39 -5.86 -28.02
C ARG B 47 28.53 -6.92 -26.93
N ALA B 48 29.36 -7.93 -27.22
CA ALA B 48 29.57 -9.03 -26.29
C ALA B 48 30.29 -8.51 -25.04
N GLY B 49 29.68 -8.73 -23.88
CA GLY B 49 30.28 -8.32 -22.62
C GLY B 49 30.41 -6.83 -22.44
N GLN B 50 29.64 -6.03 -23.18
CA GLN B 50 29.69 -4.59 -23.08
C GLN B 50 28.29 -4.03 -22.85
N PRO B 51 28.17 -2.89 -22.19
CA PRO B 51 26.85 -2.29 -22.00
C PRO B 51 26.28 -1.82 -23.32
N PRO B 52 24.99 -1.57 -23.40
CA PRO B 52 24.41 -1.08 -24.66
C PRO B 52 24.98 0.28 -25.04
N ARG B 53 24.81 0.63 -26.31
CA ARG B 53 25.34 1.88 -26.85
C ARG B 53 24.30 2.45 -27.81
N ARG B 54 23.93 3.71 -27.58
CA ARG B 54 22.90 4.34 -28.39
C ARG B 54 23.43 4.70 -29.78
N LEU B 55 22.66 4.34 -30.80
CA LEU B 55 22.97 4.72 -32.17
C LEU B 55 22.12 5.88 -32.67
N ILE B 56 20.81 5.81 -32.44
CA ILE B 56 19.86 6.77 -32.97
C ILE B 56 18.96 7.21 -31.82
N TYR B 57 18.68 8.51 -31.77
CA TYR B 57 17.64 9.03 -30.88
C TYR B 57 16.64 9.83 -31.69
N LYS B 58 15.39 9.80 -31.22
CA LYS B 58 14.27 10.47 -31.90
C LYS B 58 14.18 10.03 -33.36
N VAL B 59 14.00 8.72 -33.54
CA VAL B 59 13.70 8.10 -34.84
C VAL B 59 14.91 8.13 -35.78
N SER B 60 15.45 9.32 -36.06
CA SER B 60 16.40 9.47 -37.15
C SER B 60 17.66 10.26 -36.82
N ASN B 61 17.77 10.85 -35.64
CA ASN B 61 18.94 11.66 -35.33
C ASN B 61 20.09 10.75 -34.93
N ARG B 62 21.18 10.81 -35.70
CA ARG B 62 22.33 9.94 -35.47
C ARG B 62 23.16 10.46 -34.32
N ASP B 63 23.68 9.54 -33.51
CA ASP B 63 24.51 9.92 -32.38
C ASP B 63 25.94 10.17 -32.82
N SER B 64 26.68 10.93 -32.01
CA SER B 64 28.05 11.28 -32.36
C SER B 64 28.93 10.05 -32.35
N GLY B 65 29.85 9.98 -33.32
CA GLY B 65 30.70 8.84 -33.48
C GLY B 65 30.05 7.62 -34.10
N VAL B 66 28.74 7.63 -34.29
CA VAL B 66 28.05 6.51 -34.94
C VAL B 66 28.31 6.59 -36.44
N PRO B 67 28.77 5.50 -37.07
CA PRO B 67 29.07 5.55 -38.50
C PRO B 67 27.85 5.95 -39.32
N GLU B 68 28.10 6.67 -40.42
CA GLU B 68 27.02 7.15 -41.28
C GLU B 68 26.20 6.02 -41.89
N ARG B 69 26.66 4.78 -41.81
CA ARG B 69 25.92 3.66 -42.40
C ARG B 69 24.58 3.42 -41.70
N PHE B 70 24.44 3.87 -40.46
CA PHE B 70 23.20 3.71 -39.72
C PHE B 70 22.26 4.86 -40.02
N SER B 71 20.97 4.54 -40.13
CA SER B 71 19.95 5.57 -40.28
C SER B 71 18.63 5.01 -39.79
N GLY B 72 17.78 5.89 -39.26
CA GLY B 72 16.46 5.50 -38.82
C GLY B 72 15.37 6.23 -39.58
N SER B 73 14.18 5.63 -39.65
CA SER B 73 13.06 6.28 -40.33
C SER B 73 11.76 5.73 -39.77
N GLY B 74 10.65 6.27 -40.26
CA GLY B 74 9.32 5.87 -39.81
C GLY B 74 8.64 6.97 -39.02
N SER B 75 7.42 6.66 -38.59
CA SER B 75 6.62 7.61 -37.82
C SER B 75 5.45 6.86 -37.20
N GLY B 76 4.92 7.42 -36.11
CA GLY B 76 3.73 6.89 -35.47
C GLY B 76 3.96 5.56 -34.75
N THR B 77 3.76 4.45 -35.48
CA THR B 77 3.92 3.13 -34.89
C THR B 77 4.92 2.24 -35.63
N ASP B 78 5.35 2.62 -36.84
CA ASP B 78 6.30 1.84 -37.62
C ASP B 78 7.63 2.58 -37.70
N PHE B 79 8.71 1.87 -37.40
CA PHE B 79 10.04 2.44 -37.47
C PHE B 79 11.01 1.43 -38.05
N THR B 80 12.11 1.93 -38.60
CA THR B 80 13.08 1.07 -39.25
C THR B 80 14.49 1.60 -39.03
N LEU B 81 15.36 0.72 -38.51
CA LEU B 81 16.80 0.98 -38.43
C LEU B 81 17.45 0.32 -39.65
N LYS B 82 18.08 1.13 -40.49
CA LYS B 82 18.68 0.66 -41.73
C LYS B 82 20.19 0.85 -41.69
N ILE B 83 20.92 -0.18 -42.11
CA ILE B 83 22.36 -0.11 -42.29
C ILE B 83 22.66 -0.22 -43.78
N SER B 84 23.35 0.79 -44.33
CA SER B 84 23.65 0.78 -45.76
C SER B 84 24.59 -0.37 -46.11
N ARG B 85 25.80 -0.36 -45.56
CA ARG B 85 26.82 -1.36 -45.82
C ARG B 85 27.19 -2.01 -44.50
N VAL B 86 26.99 -3.32 -44.39
CA VAL B 86 27.23 -4.01 -43.13
C VAL B 86 28.72 -4.35 -43.02
N GLU B 87 29.32 -4.00 -41.88
CA GLU B 87 30.70 -4.33 -41.58
C GLU B 87 30.76 -5.37 -40.46
N ALA B 88 31.92 -6.01 -40.34
CA ALA B 88 32.11 -7.00 -39.28
C ALA B 88 31.92 -6.40 -37.90
N GLU B 89 32.15 -5.10 -37.76
CA GLU B 89 31.99 -4.42 -36.48
C GLU B 89 30.53 -4.43 -36.02
N ASP B 90 29.58 -4.49 -36.95
CA ASP B 90 28.15 -4.36 -36.67
C ASP B 90 27.51 -5.62 -36.10
N VAL B 91 28.29 -6.66 -35.80
CA VAL B 91 27.72 -7.84 -35.14
C VAL B 91 27.29 -7.47 -33.72
N GLY B 92 26.19 -8.06 -33.28
CA GLY B 92 25.69 -7.85 -31.94
C GLY B 92 24.17 -7.84 -31.92
N ILE B 93 23.61 -7.33 -30.83
CA ILE B 93 22.17 -7.28 -30.62
C ILE B 93 21.72 -5.83 -30.71
N TYR B 94 20.66 -5.60 -31.47
CA TYR B 94 20.10 -4.26 -31.63
C TYR B 94 18.75 -4.18 -30.91
N TYR B 95 18.58 -3.16 -30.09
CA TYR B 95 17.34 -2.91 -29.38
C TYR B 95 16.74 -1.59 -29.82
N CYS B 96 15.41 -1.51 -29.81
CA CYS B 96 14.71 -0.24 -29.86
C CYS B 96 14.15 0.07 -28.48
N MET B 97 14.02 1.36 -28.17
CA MET B 97 13.40 1.79 -26.93
C MET B 97 12.47 2.96 -27.21
N GLN B 98 11.47 3.12 -26.36
CA GLN B 98 10.49 4.18 -26.50
C GLN B 98 10.47 5.03 -25.24
N GLY B 99 10.37 6.35 -25.41
CA GLY B 99 10.33 7.25 -24.28
C GLY B 99 9.10 8.14 -24.32
N ALA B 100 8.02 7.64 -24.92
CA ALA B 100 6.78 8.39 -25.05
C ALA B 100 5.64 7.77 -24.25
N HIS B 101 5.91 6.72 -23.47
CA HIS B 101 4.89 6.05 -22.69
C HIS B 101 5.51 5.55 -21.40
N TRP B 102 4.78 5.71 -20.29
CA TRP B 102 5.28 5.24 -18.99
C TRP B 102 4.98 3.76 -18.82
N PRO B 103 5.97 2.94 -18.41
CA PRO B 103 7.37 3.33 -18.24
C PRO B 103 8.19 3.08 -19.52
N PRO B 104 9.40 3.64 -19.61
CA PRO B 104 10.23 3.40 -20.80
C PRO B 104 10.61 1.94 -20.94
N THR B 105 10.49 1.41 -22.15
CA THR B 105 10.66 -0.01 -22.37
C THR B 105 11.57 -0.23 -23.57
N PHE B 106 12.23 -1.39 -23.57
CA PHE B 106 13.12 -1.80 -24.64
C PHE B 106 12.48 -2.92 -25.45
N GLY B 107 12.72 -2.90 -26.75
CA GLY B 107 12.30 -3.99 -27.60
C GLY B 107 12.94 -5.31 -27.21
N GLY B 108 12.46 -6.38 -27.87
CA GLY B 108 12.99 -7.71 -27.57
C GLY B 108 14.44 -7.87 -27.94
N GLY B 109 14.86 -7.23 -29.02
CA GLY B 109 16.25 -7.32 -29.47
C GLY B 109 16.38 -8.17 -30.72
N THR B 110 17.22 -7.72 -31.64
CA THR B 110 17.50 -8.41 -32.89
C THR B 110 18.98 -8.78 -32.94
N LYS B 111 19.28 -10.04 -33.22
CA LYS B 111 20.65 -10.55 -33.23
C LYS B 111 21.15 -10.60 -34.68
N VAL B 112 22.11 -9.73 -35.00
CA VAL B 112 22.68 -9.67 -36.34
C VAL B 112 23.95 -10.52 -36.36
N GLU B 113 24.04 -11.42 -37.33
CA GLU B 113 25.25 -12.20 -37.56
C GLU B 113 25.72 -11.99 -38.99
N ILE B 114 27.02 -11.87 -39.16
CA ILE B 114 27.61 -11.62 -40.47
C ILE B 114 27.94 -12.94 -41.13
N ASN B 115 27.53 -13.08 -42.40
CA ASN B 115 27.91 -14.22 -43.22
C ASN B 115 29.18 -13.86 -43.98
N ARG B 116 30.28 -14.53 -43.63
CA ARG B 116 31.56 -14.40 -44.31
C ARG B 116 31.86 -15.67 -45.08
N THR B 117 33.09 -15.76 -45.60
CA THR B 117 33.50 -16.96 -46.33
C THR B 117 33.78 -18.10 -45.35
N VAL B 118 33.77 -19.32 -45.88
CA VAL B 118 34.02 -20.50 -45.06
C VAL B 118 35.44 -20.45 -44.51
N ALA B 119 35.61 -20.91 -43.28
CA ALA B 119 36.91 -20.88 -42.62
C ALA B 119 37.03 -22.12 -41.75
N ALA B 120 37.92 -23.04 -42.14
CA ALA B 120 38.09 -24.25 -41.37
C ALA B 120 38.66 -23.90 -39.99
N PRO B 121 38.27 -24.65 -38.96
CA PRO B 121 38.86 -24.44 -37.63
C PRO B 121 40.24 -25.07 -37.53
N SER B 122 41.07 -24.45 -36.70
CA SER B 122 42.31 -25.07 -36.27
C SER B 122 42.04 -25.76 -34.93
N VAL B 123 42.33 -27.05 -34.86
CA VAL B 123 41.94 -27.90 -33.74
C VAL B 123 43.14 -28.12 -32.84
N PHE B 124 42.95 -27.96 -31.53
CA PHE B 124 43.99 -28.18 -30.54
C PHE B 124 43.41 -29.00 -29.40
N ILE B 125 44.18 -29.95 -28.89
CA ILE B 125 43.77 -30.78 -27.76
C ILE B 125 44.79 -30.61 -26.64
N PHE B 126 44.29 -30.53 -25.41
CA PHE B 126 45.14 -30.30 -24.25
C PHE B 126 44.90 -31.40 -23.23
N PRO B 127 45.92 -32.17 -22.86
CA PRO B 127 45.76 -33.13 -21.77
C PRO B 127 45.57 -32.42 -20.45
N PRO B 128 44.93 -33.06 -19.47
CA PRO B 128 44.82 -32.44 -18.15
C PRO B 128 46.16 -32.40 -17.44
N SER B 129 46.34 -31.36 -16.63
CA SER B 129 47.61 -31.13 -15.95
C SER B 129 47.75 -32.05 -14.74
N ASP B 130 48.99 -32.27 -14.33
CA ASP B 130 49.24 -33.11 -13.16
C ASP B 130 48.70 -32.48 -11.88
N GLU B 131 48.56 -31.15 -11.85
CA GLU B 131 47.93 -30.50 -10.70
C GLU B 131 46.50 -30.97 -10.52
N GLN B 132 45.72 -30.96 -11.60
CA GLN B 132 44.34 -31.37 -11.51
C GLN B 132 44.22 -32.86 -11.20
N LEU B 133 45.09 -33.67 -11.78
CA LEU B 133 45.10 -35.09 -11.43
C LEU B 133 45.49 -35.34 -9.99
N LYS B 134 46.20 -34.40 -9.35
CA LYS B 134 46.50 -34.55 -7.92
C LYS B 134 45.23 -34.44 -7.08
N SER B 135 44.23 -33.72 -7.58
CA SER B 135 42.89 -33.82 -7.01
C SER B 135 42.21 -35.05 -7.59
N GLY B 136 40.88 -35.07 -7.61
CA GLY B 136 40.14 -36.23 -8.07
C GLY B 136 39.61 -36.21 -9.48
N THR B 137 39.78 -35.10 -10.20
CA THR B 137 39.14 -34.91 -11.50
C THR B 137 40.18 -34.63 -12.57
N ALA B 138 39.88 -35.03 -13.81
CA ALA B 138 40.70 -34.76 -14.98
C ALA B 138 39.82 -34.14 -16.07
N SER B 139 40.23 -32.99 -16.57
CA SER B 139 39.50 -32.27 -17.61
C SER B 139 40.35 -32.23 -18.87
N VAL B 140 39.83 -32.81 -19.96
CA VAL B 140 40.48 -32.81 -21.27
C VAL B 140 39.75 -31.79 -22.14
N VAL B 141 40.51 -30.87 -22.74
CA VAL B 141 39.91 -29.76 -23.48
C VAL B 141 40.28 -29.87 -24.95
N CYS B 142 39.30 -29.66 -25.81
CA CYS B 142 39.48 -29.62 -27.26
C CYS B 142 39.07 -28.22 -27.74
N LEU B 143 39.92 -27.60 -28.54
CA LEU B 143 39.72 -26.21 -28.95
C LEU B 143 39.55 -26.14 -30.46
N LEU B 144 38.43 -25.54 -30.89
CA LEU B 144 38.16 -25.22 -32.28
C LEU B 144 38.25 -23.71 -32.42
N ASN B 145 39.29 -23.23 -33.09
CA ASN B 145 39.64 -21.81 -33.09
C ASN B 145 39.36 -21.18 -34.45
N ASN B 146 38.59 -20.09 -34.44
CA ASN B 146 38.40 -19.21 -35.59
C ASN B 146 37.83 -19.94 -36.80
N PHE B 147 36.52 -20.20 -36.79
CA PHE B 147 35.88 -20.91 -37.89
C PHE B 147 34.56 -20.24 -38.23
N TYR B 148 34.11 -20.47 -39.46
CA TYR B 148 32.79 -20.04 -39.90
C TYR B 148 32.31 -21.04 -40.95
N PRO B 149 31.03 -21.45 -40.91
CA PRO B 149 29.99 -21.04 -39.96
C PRO B 149 30.09 -21.74 -38.60
N ARG B 150 29.06 -21.55 -37.76
CA ARG B 150 29.08 -22.08 -36.40
C ARG B 150 28.82 -23.58 -36.36
N GLU B 151 28.19 -24.14 -37.39
CA GLU B 151 27.90 -25.58 -37.41
C GLU B 151 29.19 -26.37 -37.33
N ALA B 152 29.38 -27.03 -36.19
CA ALA B 152 30.58 -27.83 -35.93
C ALA B 152 30.18 -29.00 -35.04
N LYS B 153 30.85 -30.13 -35.26
CA LYS B 153 30.59 -31.35 -34.51
C LYS B 153 31.90 -31.84 -33.92
N VAL B 154 31.92 -32.07 -32.61
CA VAL B 154 33.08 -32.58 -31.90
C VAL B 154 32.74 -33.93 -31.31
N GLN B 155 33.56 -34.94 -31.62
CA GLN B 155 33.33 -36.29 -31.15
C GLN B 155 34.54 -36.72 -30.31
N TRP B 156 34.29 -37.03 -29.04
CA TRP B 156 35.34 -37.52 -28.15
C TRP B 156 35.48 -39.02 -28.26
N LYS B 157 36.73 -39.50 -28.24
CA LYS B 157 37.04 -40.92 -28.23
C LYS B 157 38.09 -41.20 -27.16
N VAL B 158 37.83 -42.21 -26.33
CA VAL B 158 38.76 -42.62 -25.27
C VAL B 158 39.06 -44.10 -25.50
N ASP B 159 40.23 -44.40 -26.04
CA ASP B 159 40.57 -45.75 -26.49
C ASP B 159 39.52 -46.26 -27.48
N ASN B 160 39.19 -45.40 -28.45
CA ASN B 160 38.23 -45.68 -29.51
C ASN B 160 36.80 -45.86 -29.00
N ALA B 161 36.54 -45.60 -27.72
CA ALA B 161 35.19 -45.65 -27.18
C ALA B 161 34.54 -44.27 -27.36
N LEU B 162 33.44 -44.23 -28.09
CA LEU B 162 32.71 -42.98 -28.29
C LEU B 162 32.18 -42.48 -26.95
N GLN B 163 32.57 -41.26 -26.58
CA GLN B 163 32.04 -40.61 -25.39
C GLN B 163 30.81 -39.80 -25.76
N SER B 164 29.79 -39.91 -24.91
CA SER B 164 28.50 -39.26 -25.14
C SER B 164 27.97 -38.72 -23.83
N GLY B 165 27.61 -37.45 -23.81
CA GLY B 165 26.90 -36.86 -22.70
C GLY B 165 27.76 -36.42 -21.52
N ASN B 166 29.07 -36.69 -21.55
CA ASN B 166 29.97 -36.29 -20.48
C ASN B 166 30.89 -35.16 -20.91
N SER B 167 30.48 -34.38 -21.92
CA SER B 167 31.27 -33.27 -22.45
C SER B 167 30.39 -32.05 -22.60
N GLN B 168 30.92 -30.89 -22.19
CA GLN B 168 30.23 -29.62 -22.29
C GLN B 168 30.99 -28.69 -23.22
N GLU B 169 30.25 -28.01 -24.11
CA GLU B 169 30.83 -27.10 -25.08
C GLU B 169 30.52 -25.65 -24.73
N SER B 170 31.38 -24.75 -25.19
CA SER B 170 31.18 -23.32 -25.00
C SER B 170 31.70 -22.59 -26.23
N VAL B 171 30.87 -21.72 -26.80
CA VAL B 171 31.20 -20.98 -28.02
C VAL B 171 31.29 -19.50 -27.67
N THR B 172 32.26 -18.82 -28.28
CA THR B 172 32.33 -17.38 -28.14
C THR B 172 31.29 -16.72 -29.04
N GLU B 173 31.15 -15.41 -28.90
CA GLU B 173 30.32 -14.69 -29.84
C GLU B 173 31.08 -14.50 -31.15
N GLN B 174 30.33 -14.23 -32.21
CA GLN B 174 30.97 -13.98 -33.49
C GLN B 174 31.92 -12.81 -33.37
N ASP B 175 33.17 -13.02 -33.78
CA ASP B 175 34.23 -12.05 -33.56
C ASP B 175 33.96 -10.77 -34.36
N SER B 176 34.10 -9.62 -33.69
CA SER B 176 33.85 -8.34 -34.36
C SER B 176 34.97 -7.94 -35.30
N LYS B 177 36.04 -8.72 -35.36
CA LYS B 177 37.15 -8.48 -36.27
C LYS B 177 37.02 -9.30 -37.54
N ASP B 178 37.10 -10.63 -37.43
CA ASP B 178 37.10 -11.51 -38.59
C ASP B 178 35.83 -12.32 -38.75
N SER B 179 34.81 -12.09 -37.93
CA SER B 179 33.48 -12.70 -38.08
C SER B 179 33.53 -14.23 -37.95
N THR B 180 34.38 -14.73 -37.05
CA THR B 180 34.51 -16.16 -36.82
C THR B 180 34.00 -16.54 -35.43
N TYR B 181 33.92 -17.85 -35.20
CA TYR B 181 33.56 -18.41 -33.91
C TYR B 181 34.74 -19.20 -33.35
N SER B 182 34.71 -19.41 -32.04
CA SER B 182 35.66 -20.28 -31.38
C SER B 182 34.90 -21.10 -30.34
N LEU B 183 35.25 -22.38 -30.25
CA LEU B 183 34.55 -23.32 -29.38
C LEU B 183 35.56 -24.08 -28.53
N SER B 184 35.11 -24.49 -27.36
CA SER B 184 35.91 -25.34 -26.48
C SER B 184 35.03 -26.46 -25.96
N SER B 185 35.47 -27.69 -26.12
CA SER B 185 34.77 -28.85 -25.59
C SER B 185 35.59 -29.39 -24.42
N THR B 186 34.89 -29.79 -23.36
CA THR B 186 35.54 -30.24 -22.13
C THR B 186 35.00 -31.62 -21.76
N LEU B 187 35.85 -32.63 -21.81
CA LEU B 187 35.51 -33.96 -21.36
C LEU B 187 35.91 -34.13 -19.90
N THR B 188 34.96 -34.55 -19.07
CA THR B 188 35.18 -34.70 -17.65
C THR B 188 35.27 -36.18 -17.28
N LEU B 189 36.31 -36.55 -16.54
CA LEU B 189 36.53 -37.92 -16.11
C LEU B 189 37.06 -37.92 -14.68
N SER B 190 36.87 -39.04 -14.00
CA SER B 190 37.52 -39.22 -12.71
C SER B 190 38.98 -39.61 -12.92
N LYS B 191 39.78 -39.44 -11.87
CA LYS B 191 41.19 -39.82 -11.96
C LYS B 191 41.34 -41.31 -12.26
N ALA B 192 40.51 -42.14 -11.64
CA ALA B 192 40.56 -43.58 -11.89
C ALA B 192 40.31 -43.89 -13.36
N ASP B 193 39.23 -43.33 -13.91
CA ASP B 193 38.89 -43.59 -15.31
C ASP B 193 39.92 -43.01 -16.27
N TYR B 194 40.65 -41.98 -15.85
CA TYR B 194 41.63 -41.37 -16.76
C TYR B 194 42.88 -42.24 -16.89
N GLU B 195 43.34 -42.83 -15.78
CA GLU B 195 44.49 -43.74 -15.84
C GLU B 195 44.15 -45.06 -16.53
N LYS B 196 42.86 -45.44 -16.59
CA LYS B 196 42.45 -46.69 -17.23
C LYS B 196 42.65 -46.69 -18.73
N HIS B 197 42.93 -45.54 -19.36
CA HIS B 197 43.00 -45.46 -20.81
C HIS B 197 44.20 -44.63 -21.23
N LYS B 198 44.63 -44.83 -22.47
CA LYS B 198 45.86 -44.22 -22.99
C LYS B 198 45.61 -43.20 -24.10
N VAL B 199 44.77 -43.52 -25.07
CA VAL B 199 44.57 -42.68 -26.25
C VAL B 199 43.33 -41.83 -26.07
N TYR B 200 43.51 -40.51 -26.15
CA TYR B 200 42.44 -39.54 -26.05
C TYR B 200 42.40 -38.73 -27.33
N ALA B 201 41.20 -38.58 -27.91
CA ALA B 201 41.10 -37.85 -29.16
C ALA B 201 39.76 -37.14 -29.23
N CYS B 202 39.72 -36.07 -30.01
CA CYS B 202 38.47 -35.42 -30.38
C CYS B 202 38.43 -35.35 -31.89
N GLU B 203 37.29 -35.69 -32.45
CA GLU B 203 37.11 -35.72 -33.90
C GLU B 203 36.23 -34.55 -34.26
N VAL B 204 36.73 -33.67 -35.13
CA VAL B 204 36.09 -32.41 -35.41
C VAL B 204 35.53 -32.47 -36.82
N THR B 205 34.25 -32.19 -36.96
CA THR B 205 33.58 -32.22 -38.25
C THR B 205 33.12 -30.80 -38.57
N HIS B 206 33.50 -30.31 -39.74
CA HIS B 206 33.15 -28.94 -40.11
C HIS B 206 33.18 -28.81 -41.62
N GLN B 207 32.37 -27.88 -42.13
CA GLN B 207 32.22 -27.70 -43.57
C GLN B 207 33.52 -27.26 -44.22
N GLY B 208 34.37 -26.52 -43.50
CA GLY B 208 35.63 -26.03 -44.04
C GLY B 208 36.74 -27.05 -44.08
N LEU B 209 36.52 -28.24 -43.52
CA LEU B 209 37.48 -29.33 -43.55
C LEU B 209 37.10 -30.33 -44.64
N SER B 210 38.12 -30.90 -45.27
CA SER B 210 37.88 -31.90 -46.31
C SER B 210 37.39 -33.22 -45.74
N SER B 211 37.59 -33.46 -44.46
CA SER B 211 37.14 -34.66 -43.76
C SER B 211 37.30 -34.43 -42.27
N PRO B 212 36.65 -35.24 -41.43
CA PRO B 212 36.81 -35.08 -39.97
C PRO B 212 38.27 -35.15 -39.54
N VAL B 213 38.70 -34.11 -38.84
CA VAL B 213 40.07 -34.02 -38.34
C VAL B 213 40.12 -34.53 -36.91
N THR B 214 41.19 -35.24 -36.57
CA THR B 214 41.33 -35.90 -35.27
C THR B 214 42.66 -35.49 -34.65
N LYS B 215 42.62 -34.73 -33.58
CA LYS B 215 43.78 -34.49 -32.74
C LYS B 215 43.75 -35.45 -31.57
N SER B 216 44.89 -36.06 -31.27
CA SER B 216 44.98 -37.08 -30.25
C SER B 216 46.21 -36.83 -29.37
N PHE B 217 46.19 -37.43 -28.19
CA PHE B 217 47.39 -37.48 -27.36
C PHE B 217 47.38 -38.79 -26.59
N ASN B 218 48.56 -39.20 -26.13
CA ASN B 218 48.73 -40.38 -25.30
C ASN B 218 48.98 -39.95 -23.86
N ARG B 219 48.34 -40.65 -22.92
CA ARG B 219 48.43 -40.24 -21.51
C ARG B 219 49.88 -40.29 -21.02
N GLY B 220 50.66 -41.26 -21.46
CA GLY B 220 52.07 -41.28 -21.10
C GLY B 220 52.81 -40.09 -21.66
N GLU B 221 52.99 -40.06 -22.98
CA GLU B 221 53.50 -38.90 -23.69
C GLU B 221 53.25 -39.04 -25.19
N LEU C 4 -34.90 -3.54 12.44
CA LEU C 4 -34.83 -3.45 10.99
C LEU C 4 -33.41 -3.72 10.48
N LEU C 5 -32.42 -3.39 11.33
CA LEU C 5 -31.00 -3.71 11.08
C LEU C 5 -30.38 -4.04 12.44
N GLU C 6 -30.34 -5.32 12.77
CA GLU C 6 -29.65 -5.77 13.98
C GLU C 6 -28.17 -5.42 13.90
N GLN C 7 -27.57 -5.16 15.05
CA GLN C 7 -26.16 -4.80 15.08
C GLN C 7 -25.52 -5.41 16.32
N SER C 8 -24.22 -5.67 16.22
CA SER C 8 -23.45 -6.22 17.32
C SER C 8 -23.38 -5.22 18.48
N GLY C 9 -23.14 -5.74 19.68
CA GLY C 9 -23.14 -4.94 20.89
C GLY C 9 -21.86 -4.17 21.10
N ALA C 10 -21.86 -3.36 22.16
CA ALA C 10 -20.71 -2.51 22.46
C ALA C 10 -19.54 -3.33 23.01
N GLU C 11 -18.33 -2.87 22.73
CA GLU C 11 -17.13 -3.61 23.09
C GLU C 11 -16.01 -2.66 23.47
N LEU C 12 -15.20 -3.09 24.45
CA LEU C 12 -13.96 -2.40 24.80
C LEU C 12 -12.78 -3.13 24.17
N LYS C 13 -11.92 -2.38 23.48
CA LYS C 13 -10.78 -2.96 22.79
C LYS C 13 -9.51 -2.22 23.16
N LYS C 14 -8.38 -2.98 23.20
CA LYS C 14 -7.07 -2.40 23.47
C LYS C 14 -6.44 -1.87 22.18
N PRO C 15 -5.56 -0.88 22.28
CA PRO C 15 -4.89 -0.36 21.08
C PRO C 15 -4.16 -1.46 20.32
N GLY C 16 -4.25 -1.41 18.99
CA GLY C 16 -3.65 -2.40 18.14
C GLY C 16 -4.48 -3.64 17.90
N SER C 17 -5.53 -3.87 18.69
CA SER C 17 -6.37 -5.04 18.50
C SER C 17 -7.26 -4.87 17.28
N SER C 18 -8.19 -5.81 17.09
CA SER C 18 -9.13 -5.79 15.98
C SER C 18 -10.54 -6.00 16.51
N VAL C 19 -11.47 -5.19 16.01
CA VAL C 19 -12.88 -5.31 16.35
C VAL C 19 -13.63 -5.77 15.11
N LYS C 20 -14.66 -6.59 15.32
CA LYS C 20 -15.52 -7.06 14.25
C LYS C 20 -16.97 -6.80 14.65
N VAL C 21 -17.66 -5.98 13.88
CA VAL C 21 -19.05 -5.61 14.16
C VAL C 21 -19.95 -6.26 13.12
N SER C 22 -21.10 -6.77 13.57
CA SER C 22 -22.04 -7.47 12.71
C SER C 22 -23.26 -6.61 12.44
N CYS C 23 -23.94 -6.93 11.33
CA CYS C 23 -25.13 -6.22 10.87
C CYS C 23 -26.09 -7.26 10.30
N LYS C 24 -27.19 -7.52 11.01
CA LYS C 24 -28.12 -8.56 10.60
C LYS C 24 -29.43 -7.93 10.14
N PRO C 25 -29.82 -8.07 8.88
CA PRO C 25 -31.12 -7.55 8.44
C PRO C 25 -32.26 -8.31 9.10
N SER C 26 -33.33 -7.58 9.42
CA SER C 26 -34.48 -8.20 10.09
C SER C 26 -35.17 -9.25 9.23
N ASP C 27 -35.06 -9.16 7.90
CA ASP C 27 -35.66 -10.17 7.03
C ASP C 27 -35.11 -11.55 7.34
N GLY C 28 -33.79 -11.65 7.50
CA GLY C 28 -33.11 -12.92 7.50
C GLY C 28 -32.54 -13.31 6.16
N THR C 29 -32.71 -12.47 5.15
CA THR C 29 -32.15 -12.67 3.82
C THR C 29 -31.66 -11.34 3.27
N PHE C 30 -30.55 -11.38 2.54
CA PHE C 30 -30.12 -10.23 1.76
C PHE C 30 -31.00 -10.07 0.53
N ARG C 31 -31.12 -8.84 0.05
CA ARG C 31 -31.90 -8.53 -1.15
C ARG C 31 -31.12 -7.50 -1.95
N ALA C 32 -31.79 -6.85 -2.88
CA ALA C 32 -31.14 -5.90 -3.79
C ALA C 32 -30.94 -4.56 -3.08
N TYR C 33 -29.92 -4.53 -2.22
CA TYR C 33 -29.46 -3.29 -1.62
C TYR C 33 -27.98 -3.45 -1.26
N THR C 34 -27.29 -2.33 -1.11
CA THR C 34 -25.93 -2.32 -0.62
C THR C 34 -25.92 -1.93 0.85
N LEU C 35 -24.96 -2.47 1.60
CA LEU C 35 -24.76 -2.12 3.00
C LEU C 35 -23.48 -1.30 3.12
N SER C 36 -23.59 -0.11 3.71
CA SER C 36 -22.45 0.76 3.99
C SER C 36 -22.15 0.78 5.48
N TRP C 37 -20.97 1.28 5.82
CA TRP C 37 -20.56 1.43 7.20
C TRP C 37 -20.18 2.88 7.45
N VAL C 38 -20.90 3.53 8.35
CA VAL C 38 -20.66 4.93 8.71
C VAL C 38 -20.37 5.01 10.20
N ARG C 39 -19.37 5.79 10.57
CA ARG C 39 -19.03 5.98 11.96
C ARG C 39 -19.09 7.46 12.34
N GLN C 40 -19.30 7.71 13.62
CA GLN C 40 -19.27 9.06 14.16
C GLN C 40 -18.41 9.05 15.42
N ALA C 41 -17.26 9.71 15.36
CA ALA C 41 -16.38 9.86 16.50
C ALA C 41 -16.81 11.05 17.36
N PRO C 42 -16.48 11.04 18.65
CA PRO C 42 -16.86 12.17 19.51
C PRO C 42 -16.33 13.50 18.97
N GLY C 43 -17.21 14.48 18.87
CA GLY C 43 -16.84 15.77 18.32
C GLY C 43 -16.46 15.71 16.85
N GLN C 44 -16.99 14.74 16.11
CA GLN C 44 -16.68 14.57 14.69
C GLN C 44 -17.98 14.38 13.91
N THR C 45 -17.91 14.71 12.62
CA THR C 45 -19.04 14.48 11.74
C THR C 45 -19.08 13.03 11.29
N LEU C 46 -20.23 12.65 10.72
CA LEU C 46 -20.42 11.29 10.21
C LEU C 46 -19.42 11.00 9.10
N GLU C 47 -18.84 9.80 9.13
CA GLU C 47 -17.76 9.43 8.22
C GLU C 47 -18.09 8.10 7.57
N TRP C 48 -18.10 8.08 6.24
CA TRP C 48 -18.40 6.88 5.48
C TRP C 48 -17.13 6.05 5.31
N MET C 49 -17.19 4.79 5.77
CA MET C 49 -16.03 3.90 5.78
C MET C 49 -15.97 2.97 4.58
N GLY C 50 -17.09 2.36 4.21
CA GLY C 50 -17.05 1.37 3.16
C GLY C 50 -18.42 0.89 2.75
N ARG C 51 -18.43 -0.09 1.87
CA ARG C 51 -19.65 -0.50 1.18
C ARG C 51 -19.50 -1.94 0.74
N ILE C 52 -20.61 -2.68 0.77
CA ILE C 52 -20.64 -4.03 0.21
C ILE C 52 -22.02 -4.28 -0.39
N MET C 53 -22.04 -4.94 -1.54
CA MET C 53 -23.27 -5.51 -2.07
C MET C 53 -23.33 -6.96 -1.64
N PRO C 54 -24.10 -7.31 -0.62
CA PRO C 54 -24.10 -8.71 -0.14
C PRO C 54 -24.62 -9.71 -1.15
N THR C 55 -25.43 -9.27 -2.11
CA THR C 55 -25.90 -10.19 -3.16
C THR C 55 -24.82 -10.45 -4.20
N VAL C 56 -23.96 -9.47 -4.47
CA VAL C 56 -22.99 -9.55 -5.56
C VAL C 56 -21.58 -9.78 -5.04
N GLY C 57 -21.17 -9.06 -4.00
CA GLY C 57 -19.85 -9.26 -3.42
C GLY C 57 -18.90 -8.09 -3.59
N ILE C 58 -19.25 -7.10 -4.41
CA ILE C 58 -18.38 -5.93 -4.58
C ILE C 58 -18.22 -5.20 -3.26
N THR C 59 -16.99 -4.79 -2.95
CA THR C 59 -16.70 -3.93 -1.81
C THR C 59 -15.91 -2.71 -2.26
N ASN C 60 -16.10 -1.62 -1.53
CA ASN C 60 -15.37 -0.38 -1.74
C ASN C 60 -15.04 0.21 -0.37
N TYR C 61 -13.86 0.79 -0.25
CA TYR C 61 -13.42 1.39 1.01
C TYR C 61 -12.95 2.81 0.76
N ALA C 62 -13.25 3.70 1.69
CA ALA C 62 -12.69 5.05 1.66
C ALA C 62 -11.18 4.99 1.92
N GLN C 63 -10.46 5.94 1.30
CA GLN C 63 -9.01 5.92 1.37
C GLN C 63 -8.48 6.00 2.80
N LYS C 64 -9.21 6.68 3.69
CA LYS C 64 -8.73 6.84 5.06
C LYS C 64 -8.59 5.49 5.76
N PHE C 65 -9.47 4.54 5.45
CA PHE C 65 -9.48 3.23 6.09
C PHE C 65 -8.94 2.13 5.20
N GLN C 66 -8.54 2.45 3.98
CA GLN C 66 -8.01 1.44 3.07
C GLN C 66 -6.77 0.80 3.67
N GLY C 67 -6.77 -0.53 3.75
CA GLY C 67 -5.67 -1.28 4.29
C GLY C 67 -5.91 -1.86 5.67
N ARG C 68 -6.85 -1.31 6.44
CA ARG C 68 -7.12 -1.84 7.77
C ARG C 68 -8.61 -2.02 8.07
N VAL C 69 -9.45 -2.06 7.04
CA VAL C 69 -10.88 -2.33 7.21
C VAL C 69 -11.29 -3.38 6.18
N THR C 70 -12.15 -4.31 6.59
CA THR C 70 -12.61 -5.40 5.74
C THR C 70 -14.11 -5.60 5.94
N ILE C 71 -14.86 -5.63 4.85
CA ILE C 71 -16.31 -5.79 4.91
C ILE C 71 -16.68 -7.06 4.15
N SER C 72 -17.22 -8.03 4.86
CA SER C 72 -17.67 -9.28 4.26
C SER C 72 -19.15 -9.48 4.56
N ALA C 73 -19.73 -10.48 3.91
CA ALA C 73 -21.14 -10.79 4.09
C ALA C 73 -21.34 -12.29 3.98
N ASP C 74 -21.88 -12.91 5.04
CA ASP C 74 -22.17 -14.34 5.03
C ASP C 74 -23.55 -14.55 4.43
N MET C 75 -23.61 -15.28 3.32
CA MET C 75 -24.89 -15.48 2.65
C MET C 75 -25.81 -16.40 3.45
N SER C 76 -25.23 -17.40 4.13
CA SER C 76 -26.05 -18.41 4.81
C SER C 76 -26.78 -17.82 6.00
N THR C 77 -26.09 -17.03 6.83
CA THR C 77 -26.71 -16.42 7.99
C THR C 77 -27.29 -15.05 7.72
N ALA C 78 -27.12 -14.51 6.51
CA ALA C 78 -27.53 -13.15 6.17
C ALA C 78 -26.99 -12.15 7.20
N THR C 79 -25.66 -12.03 7.22
CA THR C 79 -24.98 -11.21 8.20
C THR C 79 -23.78 -10.56 7.54
N ALA C 80 -23.69 -9.24 7.63
CA ALA C 80 -22.54 -8.52 7.11
C ALA C 80 -21.64 -8.11 8.26
N TYR C 81 -20.33 -8.08 7.99
CA TYR C 81 -19.36 -7.79 9.03
C TYR C 81 -18.47 -6.63 8.59
N MET C 82 -17.88 -5.99 9.59
CA MET C 82 -16.80 -5.03 9.39
C MET C 82 -15.71 -5.31 10.40
N GLU C 83 -14.50 -5.53 9.93
CA GLU C 83 -13.33 -5.74 10.78
C GLU C 83 -12.46 -4.49 10.70
N LEU C 84 -12.11 -3.95 11.85
CA LEU C 84 -11.23 -2.79 11.95
C LEU C 84 -10.03 -3.17 12.80
N SER C 85 -8.86 -3.25 12.17
CA SER C 85 -7.65 -3.70 12.82
C SER C 85 -6.73 -2.52 13.09
N SER C 86 -5.65 -2.79 13.83
CA SER C 86 -4.72 -1.75 14.25
C SER C 86 -5.45 -0.60 14.94
N LEU C 87 -6.35 -0.98 15.84
CA LEU C 87 -7.17 0.01 16.53
C LEU C 87 -6.29 0.99 17.29
N ARG C 88 -6.69 2.26 17.26
CA ARG C 88 -6.00 3.35 17.93
C ARG C 88 -7.02 4.20 18.65
N SER C 89 -6.55 5.22 19.37
CA SER C 89 -7.42 5.97 20.27
C SER C 89 -8.52 6.69 19.50
N ASP C 90 -8.19 7.31 18.37
CA ASP C 90 -9.16 8.05 17.57
C ASP C 90 -10.09 7.15 16.75
N ASP C 91 -10.06 5.83 16.96
CA ASP C 91 -11.04 4.94 16.35
C ASP C 91 -12.25 4.73 17.24
N THR C 92 -12.23 5.27 18.47
CA THR C 92 -13.40 5.22 19.34
C THR C 92 -14.53 6.02 18.71
N ALA C 93 -15.63 5.34 18.41
CA ALA C 93 -16.76 5.98 17.74
C ALA C 93 -17.96 5.06 17.83
N ILE C 94 -19.10 5.56 17.36
CA ILE C 94 -20.27 4.74 17.13
C ILE C 94 -20.24 4.29 15.69
N TYR C 95 -20.36 2.98 15.46
CA TYR C 95 -20.28 2.40 14.13
C TYR C 95 -21.68 1.96 13.71
N TYR C 96 -22.20 2.57 12.64
CA TYR C 96 -23.50 2.24 12.09
C TYR C 96 -23.32 1.46 10.80
N CYS C 97 -24.21 0.49 10.56
CA CYS C 97 -24.41 -0.02 9.22
C CYS C 97 -25.69 0.58 8.67
N ALA C 98 -25.67 0.97 7.40
CA ALA C 98 -26.77 1.71 6.79
C ALA C 98 -27.07 1.11 5.43
N LYS C 99 -28.35 0.91 5.14
CA LYS C 99 -28.79 0.32 3.89
C LYS C 99 -29.01 1.42 2.86
N GLY C 100 -28.30 1.32 1.74
CA GLY C 100 -28.48 2.24 0.64
C GLY C 100 -29.01 1.54 -0.59
N PRO C 101 -29.34 2.30 -1.63
CA PRO C 101 -29.92 1.69 -2.82
C PRO C 101 -28.91 0.81 -3.57
N TYR C 102 -29.44 -0.29 -4.12
CA TYR C 102 -28.64 -1.25 -4.89
C TYR C 102 -27.89 -0.56 -6.02
N VAL C 103 -28.59 0.31 -6.74
CA VAL C 103 -28.02 1.06 -7.86
C VAL C 103 -26.74 1.81 -7.47
N GLY C 104 -26.57 2.14 -6.19
CA GLY C 104 -25.33 2.77 -5.75
C GLY C 104 -25.53 3.88 -4.72
N LEU C 105 -24.44 4.50 -4.31
CA LEU C 105 -24.56 5.63 -3.40
C LEU C 105 -25.16 6.82 -4.15
N GLY C 106 -25.61 7.82 -3.39
CA GLY C 106 -26.19 8.98 -4.01
C GLY C 106 -27.37 9.48 -3.22
N GLU C 107 -28.46 8.71 -3.26
CA GLU C 107 -29.59 8.96 -2.39
C GLU C 107 -29.26 8.78 -0.90
N GLY C 108 -28.04 8.36 -0.57
CA GLY C 108 -27.73 8.14 0.83
C GLY C 108 -28.23 6.81 1.37
N PHE C 109 -28.77 6.82 2.59
CA PHE C 109 -29.13 5.61 3.31
C PHE C 109 -30.54 5.77 3.87
N SER C 110 -31.43 4.84 3.52
CA SER C 110 -32.83 4.92 3.93
C SER C 110 -33.11 4.23 5.26
N GLU C 111 -32.21 3.37 5.73
CA GLU C 111 -32.39 2.65 6.97
C GLU C 111 -31.04 2.49 7.66
N TRP C 112 -31.06 2.52 8.98
CA TRP C 112 -29.85 2.52 9.77
C TRP C 112 -29.96 1.50 10.89
N GLY C 113 -28.81 0.95 11.28
CA GLY C 113 -28.74 0.20 12.51
C GLY C 113 -28.69 1.12 13.71
N GLN C 114 -28.74 0.51 14.89
CA GLN C 114 -28.73 1.28 16.14
C GLN C 114 -27.36 1.84 16.47
N GLY C 115 -26.31 1.45 15.75
CA GLY C 115 -24.97 1.93 16.04
C GLY C 115 -24.29 1.07 17.09
N THR C 116 -22.98 0.90 16.94
CA THR C 116 -22.17 0.14 17.89
C THR C 116 -21.07 1.04 18.43
N LEU C 117 -21.04 1.22 19.74
CA LEU C 117 -20.00 2.02 20.36
C LEU C 117 -18.77 1.15 20.59
N VAL C 118 -17.67 1.48 19.93
CA VAL C 118 -16.39 0.77 20.10
C VAL C 118 -15.45 1.70 20.84
N THR C 119 -14.99 1.29 22.01
CA THR C 119 -14.05 2.06 22.80
C THR C 119 -12.67 1.42 22.69
N VAL C 120 -11.72 2.18 22.19
CA VAL C 120 -10.32 1.77 22.16
C VAL C 120 -9.64 2.37 23.38
N SER C 121 -9.26 1.53 24.33
CA SER C 121 -8.70 2.01 25.59
C SER C 121 -7.83 0.93 26.20
N SER C 122 -6.91 1.36 27.06
CA SER C 122 -6.07 0.44 27.80
C SER C 122 -6.65 0.06 29.15
N ALA C 123 -7.59 0.84 29.68
CA ALA C 123 -8.19 0.53 30.97
C ALA C 123 -9.07 -0.72 30.86
N SER C 124 -9.27 -1.36 32.00
CA SER C 124 -10.04 -2.59 32.03
C SER C 124 -11.53 -2.31 32.13
N THR C 125 -12.33 -3.25 31.63
CA THR C 125 -13.78 -3.15 31.77
C THR C 125 -14.17 -3.24 33.23
N LYS C 126 -15.18 -2.49 33.62
CA LYS C 126 -15.73 -2.57 34.96
C LYS C 126 -17.24 -2.46 34.90
N GLY C 127 -17.93 -3.43 35.51
CA GLY C 127 -19.37 -3.44 35.52
C GLY C 127 -19.94 -2.44 36.51
N PRO C 128 -21.14 -1.94 36.23
CA PRO C 128 -21.76 -0.96 37.11
C PRO C 128 -22.42 -1.61 38.33
N SER C 129 -22.54 -0.82 39.38
CA SER C 129 -23.31 -1.16 40.56
C SER C 129 -24.59 -0.32 40.56
N VAL C 130 -25.72 -0.99 40.75
CA VAL C 130 -27.03 -0.36 40.58
C VAL C 130 -27.67 -0.20 41.94
N PHE C 131 -27.95 1.05 42.31
CA PHE C 131 -28.54 1.39 43.60
C PHE C 131 -29.89 2.07 43.41
N PRO C 132 -30.87 1.78 44.27
CA PRO C 132 -32.19 2.41 44.14
C PRO C 132 -32.19 3.84 44.64
N LEU C 133 -33.05 4.66 44.04
CA LEU C 133 -33.29 6.03 44.47
C LEU C 133 -34.75 6.13 44.91
N ALA C 134 -35.00 6.02 46.21
CA ALA C 134 -36.32 6.17 46.77
C ALA C 134 -36.37 7.40 47.67
N PRO C 135 -37.42 8.21 47.56
CA PRO C 135 -37.51 9.41 48.39
C PRO C 135 -37.83 9.07 49.84
N SER C 136 -37.73 10.09 50.70
CA SER C 136 -37.88 9.91 52.15
C SER C 136 -39.34 10.02 52.63
N SER C 137 -40.14 10.87 52.00
CA SER C 137 -41.53 11.15 52.43
C SER C 137 -41.58 11.65 53.87
N SER C 141 -44.02 16.14 49.96
CA SER C 141 -44.50 15.28 48.89
C SER C 141 -45.81 15.82 48.34
N GLY C 142 -46.16 15.41 47.12
CA GLY C 142 -47.41 15.84 46.49
C GLY C 142 -48.13 14.70 45.81
N GLY C 143 -48.74 14.99 44.64
CA GLY C 143 -49.43 13.97 43.88
C GLY C 143 -48.55 13.17 42.93
N THR C 144 -47.41 13.73 42.54
CA THR C 144 -46.46 13.07 41.65
C THR C 144 -45.23 12.66 42.44
N ALA C 145 -44.89 11.37 42.39
CA ALA C 145 -43.70 10.84 43.04
C ALA C 145 -42.58 10.66 42.02
N ALA C 146 -41.34 10.75 42.49
CA ALA C 146 -40.17 10.55 41.66
C ALA C 146 -39.39 9.34 42.18
N LEU C 147 -38.99 8.47 41.26
CA LEU C 147 -38.39 7.20 41.60
C LEU C 147 -37.23 7.00 40.63
N GLY C 148 -36.10 6.50 41.14
CA GLY C 148 -34.87 6.56 40.37
C GLY C 148 -34.01 5.33 40.53
N CYS C 149 -32.93 5.32 39.77
CA CYS C 149 -32.04 4.18 39.65
C CYS C 149 -30.63 4.73 39.40
N LEU C 150 -29.70 4.43 40.28
CA LEU C 150 -28.36 5.01 40.23
C LEU C 150 -27.38 3.97 39.67
N VAL C 151 -26.80 4.25 38.51
CA VAL C 151 -25.88 3.35 37.83
C VAL C 151 -24.48 3.93 37.97
N LYS C 152 -23.72 3.41 38.93
CA LYS C 152 -22.48 4.03 39.37
C LYS C 152 -21.27 3.15 39.09
N ASP C 153 -20.15 3.79 38.72
CA ASP C 153 -18.84 3.18 38.63
C ASP C 153 -18.74 2.08 37.56
N TYR C 154 -18.70 2.48 36.29
CA TYR C 154 -18.59 1.53 35.20
C TYR C 154 -17.66 2.09 34.13
N PHE C 155 -17.20 1.19 33.25
CA PHE C 155 -16.32 1.54 32.14
C PHE C 155 -16.27 0.39 31.15
N PRO C 156 -16.38 0.67 29.85
CA PRO C 156 -16.63 2.01 29.33
C PRO C 156 -18.11 2.29 29.10
N GLU C 157 -18.39 3.28 28.25
CA GLU C 157 -19.73 3.53 27.76
C GLU C 157 -20.13 2.48 26.74
N PRO C 158 -21.43 2.25 26.53
CA PRO C 158 -22.57 2.89 27.18
C PRO C 158 -23.28 1.96 28.16
N VAL C 159 -24.30 2.49 28.82
CA VAL C 159 -25.20 1.72 29.67
C VAL C 159 -26.61 2.05 29.26
N THR C 160 -27.42 1.02 29.02
CA THR C 160 -28.82 1.20 28.70
C THR C 160 -29.64 0.99 29.98
N VAL C 161 -30.68 1.79 30.15
CA VAL C 161 -31.60 1.65 31.26
C VAL C 161 -33.02 1.68 30.71
N SER C 162 -33.80 0.67 31.04
CA SER C 162 -35.23 0.65 30.77
C SER C 162 -35.98 0.47 32.08
N TRP C 163 -37.30 0.66 32.03
CA TRP C 163 -38.14 0.54 33.21
C TRP C 163 -39.26 -0.45 32.93
N ASN C 164 -39.39 -1.45 33.80
CA ASN C 164 -40.37 -2.53 33.63
C ASN C 164 -40.28 -3.14 32.23
N SER C 165 -39.04 -3.38 31.79
CA SER C 165 -38.74 -4.04 30.51
C SER C 165 -39.37 -3.30 29.32
N GLY C 166 -39.32 -1.97 29.34
CA GLY C 166 -39.85 -1.17 28.26
C GLY C 166 -41.31 -0.81 28.40
N ALA C 167 -42.03 -1.37 29.38
CA ALA C 167 -43.43 -1.05 29.55
C ALA C 167 -43.64 0.35 30.10
N LEU C 168 -42.64 0.94 30.75
CA LEU C 168 -42.73 2.27 31.32
C LEU C 168 -41.78 3.18 30.55
N THR C 169 -42.34 4.06 29.71
CA THR C 169 -41.55 5.00 28.94
C THR C 169 -41.95 6.45 29.14
N SER C 170 -43.16 6.74 29.62
CA SER C 170 -43.58 8.11 29.86
C SER C 170 -42.90 8.64 31.11
N GLY C 171 -42.35 9.85 31.02
CA GLY C 171 -41.70 10.47 32.16
C GLY C 171 -40.33 9.94 32.51
N VAL C 172 -39.76 9.04 31.72
CA VAL C 172 -38.45 8.48 32.02
C VAL C 172 -37.36 9.43 31.52
N HIS C 173 -36.43 9.78 32.40
CA HIS C 173 -35.26 10.57 32.03
C HIS C 173 -34.02 9.77 32.42
N THR C 174 -33.25 9.36 31.42
CA THR C 174 -31.98 8.70 31.65
C THR C 174 -30.87 9.69 31.31
N PHE C 175 -30.19 10.18 32.33
CA PHE C 175 -29.27 11.29 32.14
C PHE C 175 -28.00 10.84 31.45
N PRO C 176 -27.39 11.71 30.64
CA PRO C 176 -26.06 11.39 30.09
C PRO C 176 -25.07 11.13 31.20
N ALA C 177 -24.15 10.18 30.94
CA ALA C 177 -23.15 9.85 31.92
C ALA C 177 -22.11 10.96 32.04
N VAL C 178 -21.55 11.09 33.23
CA VAL C 178 -20.48 12.04 33.52
C VAL C 178 -19.25 11.25 33.97
N LEU C 179 -18.08 11.67 33.49
CA LEU C 179 -16.83 10.99 33.81
C LEU C 179 -16.31 11.52 35.13
N GLN C 180 -16.17 10.63 36.11
CA GLN C 180 -15.61 10.99 37.41
C GLN C 180 -14.09 11.06 37.33
N SER C 181 -13.49 11.57 38.41
CA SER C 181 -12.03 11.73 38.46
C SER C 181 -11.30 10.39 38.51
N SER C 182 -11.99 9.32 38.93
CA SER C 182 -11.40 7.99 38.95
C SER C 182 -11.34 7.33 37.58
N GLY C 183 -12.00 7.89 36.57
CA GLY C 183 -12.04 7.29 35.24
C GLY C 183 -13.27 6.45 34.96
N LEU C 184 -14.06 6.12 35.98
CA LEU C 184 -15.30 5.38 35.80
C LEU C 184 -16.45 6.35 35.51
N TYR C 185 -17.47 5.83 34.84
CA TYR C 185 -18.67 6.60 34.51
C TYR C 185 -19.77 6.36 35.54
N SER C 186 -20.74 7.28 35.56
CA SER C 186 -21.92 7.15 36.41
C SER C 186 -23.05 7.97 35.82
N LEU C 187 -24.28 7.47 35.96
CA LEU C 187 -25.45 8.21 35.54
C LEU C 187 -26.62 7.82 36.43
N SER C 188 -27.75 8.50 36.23
CA SER C 188 -28.98 8.18 36.93
C SER C 188 -30.13 8.11 35.93
N SER C 189 -31.09 7.26 36.25
CA SER C 189 -32.34 7.18 35.51
C SER C 189 -33.48 7.40 36.50
N VAL C 190 -34.37 8.33 36.18
CA VAL C 190 -35.49 8.68 37.06
C VAL C 190 -36.78 8.64 36.26
N VAL C 191 -37.88 8.41 36.96
CA VAL C 191 -39.20 8.41 36.36
C VAL C 191 -40.17 9.03 37.36
N THR C 192 -41.10 9.85 36.85
CA THR C 192 -42.15 10.45 37.66
C THR C 192 -43.43 9.66 37.48
N VAL C 193 -43.98 9.16 38.58
CA VAL C 193 -45.21 8.35 38.55
C VAL C 193 -46.22 8.98 39.49
N PRO C 194 -47.50 8.62 39.36
CA PRO C 194 -48.47 9.06 40.37
C PRO C 194 -48.13 8.49 41.74
N SER C 195 -48.27 9.33 42.76
CA SER C 195 -48.00 8.88 44.12
C SER C 195 -48.96 7.79 44.56
N SER C 196 -50.17 7.78 44.01
CA SER C 196 -51.17 6.79 44.37
C SER C 196 -50.82 5.39 43.88
N SER C 197 -49.78 5.24 43.06
CA SER C 197 -49.38 3.94 42.56
C SER C 197 -48.09 3.43 43.19
N LEU C 198 -47.66 4.03 44.30
CA LEU C 198 -46.38 3.63 44.89
C LEU C 198 -46.48 2.28 45.58
N GLY C 199 -47.59 2.02 46.28
CA GLY C 199 -47.73 0.77 46.99
C GLY C 199 -48.32 -0.37 46.21
N THR C 200 -48.76 -0.13 44.98
CA THR C 200 -49.48 -1.12 44.20
C THR C 200 -48.75 -1.57 42.94
N GLN C 201 -47.96 -0.69 42.32
CA GLN C 201 -47.19 -1.05 41.13
C GLN C 201 -45.73 -1.26 41.49
N THR C 202 -45.12 -2.24 40.84
CA THR C 202 -43.69 -2.51 41.00
C THR C 202 -42.91 -1.74 39.94
N TYR C 203 -41.79 -1.14 40.35
CA TYR C 203 -40.94 -0.35 39.46
C TYR C 203 -39.53 -0.92 39.51
N ILE C 204 -39.09 -1.47 38.37
CA ILE C 204 -37.81 -2.15 38.25
C ILE C 204 -37.04 -1.50 37.10
N CYS C 205 -35.81 -1.06 37.37
CA CYS C 205 -34.95 -0.60 36.30
C CYS C 205 -34.12 -1.76 35.78
N ASN C 206 -34.03 -1.85 34.46
CA ASN C 206 -33.26 -2.88 33.78
C ASN C 206 -32.00 -2.21 33.24
N VAL C 207 -30.87 -2.47 33.89
CA VAL C 207 -29.59 -1.91 33.48
C VAL C 207 -28.80 -2.98 32.72
N ASN C 208 -28.17 -2.56 31.62
CA ASN C 208 -27.32 -3.46 30.85
C ASN C 208 -26.04 -2.74 30.48
N HIS C 209 -24.91 -3.43 30.65
CA HIS C 209 -23.60 -2.91 30.27
C HIS C 209 -22.94 -3.98 29.38
N LYS C 210 -22.97 -3.75 28.07
CA LYS C 210 -22.47 -4.75 27.13
C LYS C 210 -21.00 -5.09 27.34
N PRO C 211 -20.07 -4.14 27.49
CA PRO C 211 -18.65 -4.53 27.58
C PRO C 211 -18.33 -5.50 28.71
N SER C 212 -19.01 -5.40 29.85
CA SER C 212 -18.83 -6.35 30.93
C SER C 212 -19.85 -7.47 30.90
N ASN C 213 -20.79 -7.44 29.96
CA ASN C 213 -21.85 -8.43 29.84
C ASN C 213 -22.54 -8.67 31.18
N THR C 214 -22.94 -7.57 31.83
CA THR C 214 -23.62 -7.62 33.12
C THR C 214 -25.03 -7.05 32.98
N LYS C 215 -26.00 -7.78 33.50
CA LYS C 215 -27.41 -7.39 33.47
C LYS C 215 -27.92 -7.32 34.90
N VAL C 216 -28.59 -6.23 35.25
CA VAL C 216 -29.09 -6.00 36.60
C VAL C 216 -30.54 -5.55 36.51
N ASP C 217 -31.41 -6.26 37.24
CA ASP C 217 -32.82 -5.89 37.41
C ASP C 217 -33.00 -5.48 38.87
N LYS C 218 -33.13 -4.18 39.10
CA LYS C 218 -33.20 -3.62 40.44
C LYS C 218 -34.62 -3.12 40.69
N LYS C 219 -35.27 -3.67 41.72
CA LYS C 219 -36.58 -3.20 42.14
C LYS C 219 -36.44 -2.04 43.12
N VAL C 220 -37.14 -0.94 42.87
CA VAL C 220 -37.10 0.24 43.71
C VAL C 220 -38.36 0.23 44.59
N GLU C 221 -38.16 0.22 45.89
CA GLU C 221 -39.27 0.11 46.82
C GLU C 221 -39.44 1.42 47.59
N PRO C 222 -40.70 1.85 47.82
CA PRO C 222 -40.98 3.09 48.55
C PRO C 222 -40.79 2.96 50.06
N ILE D 1 -9.18 15.89 -11.13
CA ILE D 1 -8.38 14.72 -10.78
C ILE D 1 -8.28 14.62 -9.26
N GLU D 2 -9.34 14.06 -8.65
CA GLU D 2 -9.48 13.92 -7.21
C GLU D 2 -9.14 15.20 -6.46
N LEU D 3 -10.05 16.17 -6.51
CA LEU D 3 -9.98 17.38 -5.71
C LEU D 3 -10.97 17.25 -4.56
N GLU D 4 -10.49 17.45 -3.34
CA GLU D 4 -11.30 17.23 -2.15
C GLU D 4 -12.54 18.11 -2.16
N LEU D 5 -13.69 17.51 -1.87
CA LEU D 5 -14.95 18.24 -1.77
C LEU D 5 -15.23 18.54 -0.30
N VAL D 6 -15.76 19.74 -0.05
CA VAL D 6 -16.04 20.19 1.31
C VAL D 6 -17.49 20.64 1.39
N LEU D 7 -18.19 20.18 2.42
CA LEU D 7 -19.56 20.59 2.70
C LEU D 7 -19.57 21.48 3.93
N THR D 8 -20.19 22.65 3.82
CA THR D 8 -20.27 23.60 4.93
C THR D 8 -21.73 23.90 5.21
N GLN D 9 -22.16 23.66 6.45
CA GLN D 9 -23.51 23.99 6.88
C GLN D 9 -23.50 25.28 7.68
N SER D 10 -24.48 26.14 7.41
CA SER D 10 -24.69 27.37 8.17
C SER D 10 -26.17 27.49 8.52
N PRO D 11 -26.48 27.89 9.77
CA PRO D 11 -25.50 28.13 10.82
C PRO D 11 -25.14 26.86 11.56
N LEU D 12 -24.24 26.96 12.54
CA LEU D 12 -23.87 25.78 13.32
C LEU D 12 -24.96 25.41 14.30
N SER D 13 -25.53 26.40 14.99
CA SER D 13 -26.67 26.21 15.87
C SER D 13 -27.77 27.16 15.45
N LEU D 14 -29.00 26.67 15.49
CA LEU D 14 -30.17 27.43 15.03
C LEU D 14 -31.20 27.49 16.14
N PRO D 15 -31.22 28.56 16.94
CA PRO D 15 -32.30 28.72 17.92
C PRO D 15 -33.56 29.26 17.23
N VAL D 16 -34.69 28.60 17.49
CA VAL D 16 -35.96 28.97 16.87
C VAL D 16 -37.09 28.68 17.85
N THR D 17 -38.09 29.56 17.88
CA THR D 17 -39.27 29.36 18.71
C THR D 17 -40.33 28.61 17.92
N LEU D 18 -41.20 27.88 18.64
CA LEU D 18 -42.18 27.00 17.98
C LEU D 18 -43.09 27.80 17.06
N GLY D 19 -43.42 27.20 15.92
CA GLY D 19 -44.25 27.86 14.93
C GLY D 19 -43.53 28.85 14.04
N GLN D 20 -42.20 28.94 14.12
CA GLN D 20 -41.46 29.87 13.26
C GLN D 20 -40.73 29.12 12.17
N PRO D 21 -40.76 29.62 10.93
CA PRO D 21 -40.01 28.96 9.86
C PRO D 21 -38.50 28.98 10.14
N ALA D 22 -37.82 27.95 9.65
CA ALA D 22 -36.38 27.82 9.79
C ALA D 22 -35.81 27.30 8.48
N SER D 23 -34.59 27.74 8.16
CA SER D 23 -33.89 27.27 6.98
C SER D 23 -32.45 26.95 7.33
N ILE D 24 -31.95 25.85 6.76
CA ILE D 24 -30.57 25.42 6.91
C ILE D 24 -29.96 25.34 5.54
N SER D 25 -28.79 25.96 5.35
CA SER D 25 -28.13 25.99 4.06
C SER D 25 -26.93 25.02 4.06
N CYS D 26 -26.81 24.27 2.97
CA CYS D 26 -25.67 23.40 2.72
C CYS D 26 -25.00 23.89 1.45
N ARG D 27 -23.76 24.36 1.56
CA ARG D 27 -23.00 24.86 0.43
C ARG D 27 -21.85 23.92 0.14
N SER D 28 -21.66 23.58 -1.14
CA SER D 28 -20.66 22.62 -1.60
C SER D 28 -19.64 23.32 -2.49
N THR D 29 -18.39 22.84 -2.43
CA THR D 29 -17.30 23.41 -3.23
C THR D 29 -17.30 22.92 -4.67
N GLN D 30 -18.07 21.90 -5.02
CA GLN D 30 -18.19 21.41 -6.38
C GLN D 30 -19.64 21.07 -6.67
N SER D 31 -20.05 21.21 -7.93
CA SER D 31 -21.44 20.97 -8.27
C SER D 31 -21.79 19.50 -8.08
N LEU D 32 -22.99 19.24 -7.59
CA LEU D 32 -23.42 17.89 -7.25
C LEU D 32 -24.26 17.25 -8.34
N VAL D 33 -24.27 17.83 -9.54
CA VAL D 33 -24.88 17.17 -10.69
C VAL D 33 -23.97 16.04 -11.15
N TYR D 34 -24.51 14.83 -11.20
CA TYR D 34 -23.73 13.66 -11.56
C TYR D 34 -23.82 13.41 -13.07
N SER D 35 -23.12 12.38 -13.53
CA SER D 35 -23.13 12.07 -14.96
C SER D 35 -24.48 11.58 -15.44
N ASP D 36 -25.33 11.09 -14.54
CA ASP D 36 -26.65 10.59 -14.90
C ASP D 36 -27.72 11.69 -14.91
N GLY D 37 -27.37 12.93 -14.59
CA GLY D 37 -28.26 14.06 -14.63
C GLY D 37 -28.85 14.45 -13.29
N ASN D 38 -28.95 13.51 -12.36
CA ASN D 38 -29.50 13.83 -11.05
C ASN D 38 -28.46 14.53 -10.19
N THR D 39 -28.94 15.27 -9.20
CA THR D 39 -28.09 15.97 -8.25
C THR D 39 -28.27 15.33 -6.88
N TYR D 40 -27.19 14.78 -6.33
CA TYR D 40 -27.28 13.91 -5.15
C TYR D 40 -26.90 14.69 -3.89
N LEU D 41 -27.88 15.41 -3.36
CA LEU D 41 -27.78 15.99 -2.02
C LEU D 41 -28.99 15.56 -1.22
N ASN D 42 -28.76 15.12 0.03
CA ASN D 42 -29.79 14.56 0.87
C ASN D 42 -29.67 15.17 2.26
N TRP D 43 -30.76 15.09 3.03
CA TRP D 43 -30.79 15.69 4.35
C TRP D 43 -31.16 14.64 5.40
N PHE D 44 -30.94 14.24 6.52
CA PHE D 44 -30.77 13.42 7.70
C PHE D 44 -30.97 14.25 8.96
N HIS D 45 -31.78 13.81 9.76
CA HIS D 45 -32.14 14.32 11.07
C HIS D 45 -31.72 13.30 12.12
N GLN D 46 -31.00 13.76 13.14
CA GLN D 46 -30.51 12.90 14.22
C GLN D 46 -31.05 13.39 15.55
N ARG D 47 -31.92 12.59 16.17
CA ARG D 47 -32.35 12.86 17.52
C ARG D 47 -31.27 12.42 18.51
N ALA D 48 -31.52 12.67 19.79
CA ALA D 48 -30.58 12.26 20.83
C ALA D 48 -30.70 10.76 21.07
N GLY D 49 -29.56 10.07 21.06
CA GLY D 49 -29.53 8.64 21.31
C GLY D 49 -30.17 7.80 20.23
N GLN D 50 -30.22 8.30 18.99
CA GLN D 50 -30.79 7.57 17.88
C GLN D 50 -29.94 7.75 16.64
N PRO D 51 -29.90 6.77 15.76
CA PRO D 51 -29.17 6.92 14.50
C PRO D 51 -29.84 7.95 13.61
N PRO D 52 -29.13 8.50 12.64
CA PRO D 52 -29.75 9.49 11.75
C PRO D 52 -30.85 8.86 10.91
N ARG D 53 -31.79 9.69 10.49
CA ARG D 53 -32.84 9.26 9.58
C ARG D 53 -32.93 10.25 8.42
N ARG D 54 -33.13 9.71 7.22
CA ARG D 54 -33.15 10.53 6.01
C ARG D 54 -34.51 11.17 5.81
N LEU D 55 -34.52 12.48 5.58
CA LEU D 55 -35.75 13.23 5.32
C LEU D 55 -35.95 13.54 3.85
N ILE D 56 -34.90 14.02 3.17
CA ILE D 56 -34.97 14.41 1.77
C ILE D 56 -33.88 13.65 1.02
N TYR D 57 -34.17 13.26 -0.22
CA TYR D 57 -33.18 12.68 -1.12
C TYR D 57 -33.31 13.31 -2.49
N LYS D 58 -32.17 13.52 -3.15
CA LYS D 58 -32.11 14.22 -4.43
C LYS D 58 -32.75 15.62 -4.31
N VAL D 59 -32.34 16.34 -3.27
CA VAL D 59 -32.64 17.76 -3.06
C VAL D 59 -34.10 18.01 -2.71
N SER D 60 -35.02 17.45 -3.49
CA SER D 60 -36.44 17.77 -3.37
C SER D 60 -37.30 16.63 -2.85
N ASN D 61 -37.00 15.38 -3.24
CA ASN D 61 -37.87 14.26 -2.93
C ASN D 61 -37.92 14.01 -1.44
N ARG D 62 -39.10 14.20 -0.84
CA ARG D 62 -39.30 13.92 0.56
C ARG D 62 -39.48 12.43 0.78
N ASP D 63 -38.97 11.93 1.90
CA ASP D 63 -39.09 10.50 2.19
C ASP D 63 -40.47 10.20 2.80
N SER D 64 -40.86 8.94 2.73
CA SER D 64 -42.15 8.53 3.25
C SER D 64 -42.19 8.68 4.77
N GLY D 65 -43.31 9.19 5.26
CA GLY D 65 -43.48 9.45 6.68
C GLY D 65 -42.92 10.76 7.15
N VAL D 66 -42.13 11.44 6.34
CA VAL D 66 -41.60 12.76 6.74
C VAL D 66 -42.71 13.79 6.64
N PRO D 67 -42.95 14.58 7.69
CA PRO D 67 -44.02 15.58 7.63
C PRO D 67 -43.83 16.56 6.47
N GLU D 68 -44.95 17.07 5.97
CA GLU D 68 -44.93 17.98 4.83
C GLU D 68 -44.25 19.31 5.15
N ARG D 69 -44.03 19.59 6.44
CA ARG D 69 -43.33 20.80 6.86
C ARG D 69 -41.89 20.86 6.37
N PHE D 70 -41.34 19.75 5.88
CA PHE D 70 -39.96 19.69 5.41
C PHE D 70 -39.92 19.79 3.90
N SER D 71 -39.01 20.62 3.40
CA SER D 71 -38.85 20.80 1.96
C SER D 71 -37.42 21.22 1.68
N GLY D 72 -36.84 20.64 0.63
CA GLY D 72 -35.49 20.94 0.23
C GLY D 72 -35.48 21.73 -1.08
N SER D 73 -34.48 22.60 -1.21
CA SER D 73 -34.39 23.49 -2.35
C SER D 73 -32.92 23.66 -2.72
N GLY D 74 -32.69 24.27 -3.87
CA GLY D 74 -31.35 24.60 -4.31
C GLY D 74 -30.92 23.79 -5.52
N SER D 75 -29.83 24.25 -6.12
CA SER D 75 -29.29 23.59 -7.31
C SER D 75 -27.81 23.94 -7.45
N GLY D 76 -27.07 23.01 -8.03
CA GLY D 76 -25.65 23.20 -8.23
C GLY D 76 -24.83 23.01 -6.97
N THR D 77 -24.45 24.11 -6.34
CA THR D 77 -23.60 24.08 -5.16
C THR D 77 -24.26 24.65 -3.91
N ASP D 78 -25.47 25.18 -4.01
CA ASP D 78 -26.17 25.76 -2.88
C ASP D 78 -27.52 25.08 -2.71
N PHE D 79 -27.83 24.71 -1.47
CA PHE D 79 -29.08 24.02 -1.17
C PHE D 79 -29.61 24.51 0.17
N THR D 80 -30.91 24.31 0.38
CA THR D 80 -31.58 24.78 1.59
C THR D 80 -32.61 23.77 2.04
N LEU D 81 -32.55 23.39 3.32
CA LEU D 81 -33.58 22.60 3.98
C LEU D 81 -34.48 23.53 4.76
N LYS D 82 -35.75 23.61 4.36
CA LYS D 82 -36.69 24.57 4.94
C LYS D 82 -37.73 23.86 5.77
N ILE D 83 -37.99 24.39 6.96
CA ILE D 83 -39.05 23.91 7.84
C ILE D 83 -40.10 25.01 7.96
N SER D 84 -41.32 24.71 7.51
CA SER D 84 -42.40 25.68 7.54
C SER D 84 -42.74 26.09 8.97
N ARG D 85 -43.25 25.15 9.75
CA ARG D 85 -43.66 25.39 11.13
C ARG D 85 -42.88 24.42 12.02
N VAL D 86 -41.94 24.96 12.80
CA VAL D 86 -41.11 24.10 13.64
C VAL D 86 -41.94 23.56 14.78
N GLU D 87 -42.03 22.23 14.87
CA GLU D 87 -42.69 21.55 15.97
C GLU D 87 -41.64 21.03 16.96
N ALA D 88 -42.13 20.49 18.08
CA ALA D 88 -41.23 20.09 19.16
C ALA D 88 -40.32 18.94 18.74
N GLU D 89 -40.86 17.98 17.99
CA GLU D 89 -40.09 16.81 17.60
C GLU D 89 -38.94 17.13 16.64
N ASP D 90 -38.91 18.33 16.07
CA ASP D 90 -37.86 18.69 15.12
C ASP D 90 -36.54 19.04 15.80
N VAL D 91 -36.46 19.03 17.12
CA VAL D 91 -35.22 19.35 17.81
C VAL D 91 -34.17 18.29 17.52
N GLY D 92 -32.92 18.71 17.40
CA GLY D 92 -31.82 17.80 17.12
C GLY D 92 -30.87 18.38 16.10
N ILE D 93 -30.06 17.50 15.49
CA ILE D 93 -29.00 17.91 14.58
C ILE D 93 -29.37 17.48 13.17
N TYR D 94 -29.22 18.39 12.21
CA TYR D 94 -29.54 18.14 10.82
C TYR D 94 -28.26 18.12 9.99
N TYR D 95 -28.06 17.04 9.24
CA TYR D 95 -26.88 16.86 8.40
C TYR D 95 -27.29 16.79 6.94
N CYS D 96 -26.50 17.43 6.08
CA CYS D 96 -26.56 17.19 4.65
C CYS D 96 -25.45 16.20 4.27
N MET D 97 -25.69 15.44 3.21
CA MET D 97 -24.67 14.59 2.64
C MET D 97 -24.80 14.60 1.13
N GLN D 98 -23.68 14.36 0.45
CA GLN D 98 -23.64 14.37 -1.00
C GLN D 98 -23.21 13.00 -1.51
N GLY D 99 -23.78 12.59 -2.64
CA GLY D 99 -23.42 11.33 -3.24
C GLY D 99 -23.04 11.46 -4.69
N ALA D 100 -22.38 12.56 -5.04
CA ALA D 100 -21.95 12.80 -6.41
C ALA D 100 -20.44 12.87 -6.56
N HIS D 101 -19.68 12.76 -5.47
CA HIS D 101 -18.23 12.88 -5.49
C HIS D 101 -17.66 11.87 -4.50
N TRP D 102 -16.67 11.11 -4.93
CA TRP D 102 -16.11 10.04 -4.11
C TRP D 102 -15.12 10.63 -3.10
N PRO D 103 -15.18 10.24 -1.82
CA PRO D 103 -16.21 9.38 -1.22
C PRO D 103 -17.40 10.20 -0.72
N PRO D 104 -18.56 9.57 -0.51
CA PRO D 104 -19.70 10.30 0.06
C PRO D 104 -19.33 10.87 1.43
N THR D 105 -19.74 12.11 1.66
CA THR D 105 -19.37 12.83 2.86
C THR D 105 -20.58 13.55 3.43
N PHE D 106 -20.52 13.79 4.74
CA PHE D 106 -21.58 14.47 5.46
C PHE D 106 -21.14 15.88 5.82
N GLY D 107 -22.12 16.75 6.00
CA GLY D 107 -21.86 18.08 6.53
C GLY D 107 -21.49 18.00 8.00
N GLY D 108 -21.14 19.16 8.55
CA GLY D 108 -20.81 19.23 9.96
C GLY D 108 -21.99 19.11 10.89
N GLY D 109 -23.19 19.42 10.41
CA GLY D 109 -24.38 19.37 11.23
C GLY D 109 -24.82 20.74 11.71
N THR D 110 -26.12 20.89 11.91
CA THR D 110 -26.75 22.11 12.41
C THR D 110 -27.66 21.75 13.57
N LYS D 111 -27.34 22.21 14.77
CA LYS D 111 -28.10 21.89 15.96
C LYS D 111 -29.27 22.87 16.09
N VAL D 112 -30.49 22.35 16.04
CA VAL D 112 -31.70 23.16 16.14
C VAL D 112 -32.17 23.13 17.59
N GLU D 113 -32.11 24.28 18.24
CA GLU D 113 -32.59 24.46 19.61
C GLU D 113 -33.95 25.14 19.57
N ILE D 114 -34.91 24.59 20.31
CA ILE D 114 -36.27 25.10 20.31
C ILE D 114 -36.46 26.00 21.53
N ASN D 115 -36.96 27.21 21.31
CA ASN D 115 -37.31 28.11 22.40
C ASN D 115 -38.81 28.05 22.66
N ARG D 116 -39.18 27.87 23.92
CA ARG D 116 -40.59 27.78 24.32
C ARG D 116 -40.87 28.70 25.51
N THR D 117 -42.05 28.55 26.11
CA THR D 117 -42.40 29.34 27.28
C THR D 117 -41.63 28.85 28.50
N VAL D 118 -41.57 29.71 29.52
CA VAL D 118 -40.89 29.38 30.76
C VAL D 118 -41.64 28.26 31.47
N ALA D 119 -40.89 27.32 32.05
CA ALA D 119 -41.46 26.21 32.80
C ALA D 119 -40.63 26.02 34.06
N ALA D 120 -41.22 26.29 35.21
CA ALA D 120 -40.51 26.09 36.46
C ALA D 120 -40.19 24.61 36.66
N PRO D 121 -39.04 24.31 37.27
CA PRO D 121 -38.69 22.91 37.53
C PRO D 121 -39.43 22.33 38.72
N SER D 122 -39.59 21.01 38.71
CA SER D 122 -40.09 20.26 39.86
C SER D 122 -38.92 19.53 40.47
N VAL D 123 -38.75 19.67 41.78
CA VAL D 123 -37.51 19.30 42.44
C VAL D 123 -37.75 18.12 43.35
N PHE D 124 -36.85 17.15 43.30
CA PHE D 124 -36.88 15.99 44.18
C PHE D 124 -35.47 15.75 44.69
N ILE D 125 -35.38 15.14 45.87
CA ILE D 125 -34.10 14.81 46.47
C ILE D 125 -34.16 13.36 46.95
N PHE D 126 -33.07 12.63 46.73
CA PHE D 126 -33.00 11.21 47.05
C PHE D 126 -31.88 10.95 48.04
N PRO D 127 -32.17 10.38 49.21
CA PRO D 127 -31.09 10.03 50.13
C PRO D 127 -30.35 8.82 49.65
N PRO D 128 -29.08 8.65 50.00
CA PRO D 128 -28.32 7.47 49.57
C PRO D 128 -28.92 6.19 50.13
N SER D 129 -29.04 5.18 49.27
CA SER D 129 -29.63 3.92 49.67
C SER D 129 -28.75 3.20 50.69
N ASP D 130 -29.38 2.33 51.48
CA ASP D 130 -28.62 1.59 52.48
C ASP D 130 -27.76 0.51 51.86
N GLU D 131 -28.01 0.14 50.60
CA GLU D 131 -27.14 -0.80 49.90
C GLU D 131 -25.84 -0.11 49.48
N GLN D 132 -25.92 1.17 49.08
CA GLN D 132 -24.72 1.92 48.77
C GLN D 132 -23.90 2.19 50.03
N LEU D 133 -24.59 2.41 51.16
CA LEU D 133 -23.87 2.60 52.43
C LEU D 133 -23.22 1.31 52.90
N LYS D 134 -23.89 0.17 52.69
CA LYS D 134 -23.29 -1.13 53.01
C LYS D 134 -22.06 -1.40 52.15
N SER D 135 -21.96 -0.76 50.99
CA SER D 135 -20.78 -0.92 50.15
C SER D 135 -19.64 -0.01 50.61
N GLY D 136 -19.97 1.22 51.03
CA GLY D 136 -18.96 2.10 51.57
C GLY D 136 -19.08 3.55 51.14
N THR D 137 -19.76 3.80 50.03
CA THR D 137 -19.89 5.15 49.48
C THR D 137 -21.28 5.72 49.79
N ALA D 138 -21.46 6.99 49.44
CA ALA D 138 -22.72 7.68 49.69
C ALA D 138 -22.91 8.78 48.66
N SER D 139 -24.08 8.79 48.02
CA SER D 139 -24.41 9.79 47.01
C SER D 139 -25.82 10.31 47.27
N VAL D 140 -25.96 11.63 47.29
CA VAL D 140 -27.25 12.28 47.43
C VAL D 140 -27.56 12.95 46.09
N VAL D 141 -28.75 12.69 45.56
CA VAL D 141 -29.10 13.13 44.22
C VAL D 141 -30.24 14.13 44.31
N CYS D 142 -30.10 15.24 43.59
CA CYS D 142 -31.12 16.26 43.46
C CYS D 142 -31.59 16.29 42.02
N LEU D 143 -32.90 16.20 41.81
CA LEU D 143 -33.48 16.11 40.47
C LEU D 143 -34.27 17.37 40.16
N LEU D 144 -33.97 17.99 39.01
CA LEU D 144 -34.70 19.14 38.51
C LEU D 144 -35.41 18.68 37.23
N ASN D 145 -36.70 18.44 37.34
CA ASN D 145 -37.45 17.74 36.30
C ASN D 145 -38.22 18.74 35.43
N ASN D 146 -38.01 18.64 34.11
CA ASN D 146 -38.81 19.31 33.09
C ASN D 146 -38.93 20.81 33.30
N PHE D 147 -37.88 21.56 32.96
CA PHE D 147 -37.88 23.00 33.13
C PHE D 147 -37.38 23.68 31.86
N TYR D 148 -37.60 25.00 31.79
CA TYR D 148 -37.11 25.80 30.68
C TYR D 148 -37.00 27.23 31.16
N PRO D 149 -35.95 27.97 30.80
CA PRO D 149 -34.82 27.55 29.94
C PRO D 149 -33.80 26.69 30.66
N ARG D 150 -32.70 26.40 29.96
CA ARG D 150 -31.68 25.50 30.51
C ARG D 150 -30.95 26.13 31.69
N GLU D 151 -30.88 27.46 31.75
CA GLU D 151 -30.15 28.14 32.80
C GLU D 151 -30.81 27.85 34.15
N ALA D 152 -30.07 27.18 35.03
CA ALA D 152 -30.55 26.83 36.36
C ALA D 152 -29.37 26.91 37.33
N LYS D 153 -29.69 26.93 38.62
CA LYS D 153 -28.68 27.03 39.66
C LYS D 153 -29.02 26.07 40.78
N VAL D 154 -28.08 25.22 41.15
CA VAL D 154 -28.25 24.25 42.22
C VAL D 154 -27.19 24.52 43.28
N GLN D 155 -27.63 24.64 44.53
CA GLN D 155 -26.72 24.81 45.65
C GLN D 155 -26.99 23.73 46.68
N TRP D 156 -25.93 23.03 47.08
CA TRP D 156 -26.03 22.00 48.10
C TRP D 156 -25.66 22.56 49.46
N LYS D 157 -26.38 22.12 50.49
CA LYS D 157 -26.09 22.50 51.86
C LYS D 157 -26.18 21.27 52.74
N VAL D 158 -25.16 21.07 53.58
CA VAL D 158 -25.10 19.96 54.52
C VAL D 158 -24.94 20.57 55.90
N ASP D 159 -26.02 20.58 56.68
CA ASP D 159 -26.08 21.32 57.95
C ASP D 159 -25.74 22.79 57.73
N ASN D 160 -26.37 23.37 56.70
CA ASN D 160 -26.23 24.78 56.34
C ASN D 160 -24.79 25.13 55.95
N ALA D 161 -24.04 24.14 55.46
CA ALA D 161 -22.69 24.35 54.98
C ALA D 161 -22.69 24.20 53.46
N LEU D 162 -22.39 25.29 52.76
CA LEU D 162 -22.33 25.24 51.31
C LEU D 162 -21.26 24.25 50.86
N GLN D 163 -21.62 23.40 49.90
CA GLN D 163 -20.70 22.42 49.33
C GLN D 163 -20.21 22.93 47.99
N SER D 164 -18.90 22.78 47.75
CA SER D 164 -18.32 23.19 46.49
C SER D 164 -17.22 22.19 46.11
N GLY D 165 -17.22 21.77 44.84
CA GLY D 165 -16.23 20.83 44.33
C GLY D 165 -16.66 19.38 44.35
N ASN D 166 -17.62 19.00 45.19
CA ASN D 166 -18.03 17.61 45.33
C ASN D 166 -19.40 17.35 44.72
N SER D 167 -19.76 18.11 43.69
CA SER D 167 -21.04 17.95 43.01
C SER D 167 -20.80 17.95 41.50
N GLN D 168 -21.49 17.06 40.80
CA GLN D 168 -21.44 17.00 39.34
C GLN D 168 -22.84 17.07 38.78
N GLU D 169 -23.01 17.85 37.71
CA GLU D 169 -24.31 18.04 37.09
C GLU D 169 -24.38 17.30 35.75
N SER D 170 -25.61 16.93 35.38
CA SER D 170 -25.87 16.25 34.12
C SER D 170 -27.25 16.69 33.63
N VAL D 171 -27.31 17.24 32.43
CA VAL D 171 -28.54 17.76 31.84
C VAL D 171 -28.95 16.87 30.68
N THR D 172 -30.24 16.52 30.62
CA THR D 172 -30.74 15.76 29.49
C THR D 172 -30.73 16.62 28.23
N GLU D 173 -30.99 15.96 27.11
CA GLU D 173 -31.29 16.66 25.88
C GLU D 173 -32.64 17.36 25.99
N GLN D 174 -32.87 18.32 25.10
CA GLN D 174 -34.16 18.97 25.05
C GLN D 174 -35.23 17.95 24.65
N ASP D 175 -36.25 17.81 25.49
CA ASP D 175 -37.26 16.79 25.28
C ASP D 175 -37.99 17.00 23.95
N SER D 176 -38.16 15.92 23.19
CA SER D 176 -38.89 16.01 21.93
C SER D 176 -40.39 16.17 22.13
N LYS D 177 -40.88 15.93 23.34
CA LYS D 177 -42.30 16.05 23.62
C LYS D 177 -42.69 17.49 23.95
N ASP D 178 -42.04 18.09 24.95
CA ASP D 178 -42.41 19.42 25.43
C ASP D 178 -41.26 20.41 25.42
N SER D 179 -40.12 20.06 24.81
CA SER D 179 -39.00 20.98 24.62
C SER D 179 -38.42 21.47 25.96
N THR D 180 -38.53 20.66 27.00
CA THR D 180 -37.97 21.00 28.30
C THR D 180 -36.64 20.30 28.52
N TYR D 181 -35.93 20.75 29.56
CA TYR D 181 -34.70 20.12 30.02
C TYR D 181 -34.94 19.50 31.39
N SER D 182 -34.09 18.56 31.74
CA SER D 182 -34.05 17.99 33.07
C SER D 182 -32.60 17.88 33.49
N LEU D 183 -32.37 18.04 34.79
CA LEU D 183 -31.03 18.10 35.34
C LEU D 183 -30.95 17.23 36.57
N SER D 184 -29.78 16.63 36.78
CA SER D 184 -29.47 15.88 37.98
C SER D 184 -28.21 16.46 38.61
N SER D 185 -28.24 16.64 39.93
CA SER D 185 -27.06 17.06 40.69
C SER D 185 -26.76 15.99 41.73
N THR D 186 -25.59 15.39 41.63
CA THR D 186 -25.17 14.31 42.51
C THR D 186 -24.08 14.84 43.45
N LEU D 187 -24.28 14.64 44.74
CA LEU D 187 -23.31 15.04 45.75
C LEU D 187 -22.61 13.79 46.26
N THR D 188 -21.29 13.78 46.21
CA THR D 188 -20.49 12.65 46.63
C THR D 188 -19.80 12.97 47.94
N LEU D 189 -19.99 12.10 48.93
CA LEU D 189 -19.31 12.22 50.20
C LEU D 189 -19.03 10.82 50.73
N SER D 190 -18.01 10.73 51.59
CA SER D 190 -17.65 9.44 52.16
C SER D 190 -18.67 9.02 53.21
N LYS D 191 -18.63 7.73 53.56
CA LYS D 191 -19.49 7.24 54.63
C LYS D 191 -19.20 7.92 55.96
N ALA D 192 -17.94 8.28 56.20
CA ALA D 192 -17.60 9.01 57.42
C ALA D 192 -18.18 10.41 57.40
N ASP D 193 -17.89 11.17 56.34
CA ASP D 193 -18.38 12.55 56.26
C ASP D 193 -19.90 12.61 56.17
N TYR D 194 -20.56 11.51 55.81
CA TYR D 194 -22.02 11.49 55.67
C TYR D 194 -22.74 11.23 56.98
N GLU D 195 -22.23 10.31 57.79
CA GLU D 195 -22.88 9.99 59.06
C GLU D 195 -22.67 11.06 60.13
N LYS D 196 -21.75 12.00 59.92
CA LYS D 196 -21.46 13.02 60.93
C LYS D 196 -22.43 14.19 60.86
N HIS D 197 -23.09 14.40 59.74
CA HIS D 197 -24.05 15.48 59.56
C HIS D 197 -25.46 14.90 59.50
N LYS D 198 -26.46 15.79 59.56
CA LYS D 198 -27.85 15.34 59.70
C LYS D 198 -28.79 15.90 58.65
N VAL D 199 -28.65 17.16 58.26
CA VAL D 199 -29.58 17.82 57.35
C VAL D 199 -28.91 17.98 55.99
N TYR D 200 -29.52 17.40 54.95
CA TYR D 200 -29.05 17.51 53.58
C TYR D 200 -30.11 18.20 52.75
N ALA D 201 -29.73 19.26 52.02
CA ALA D 201 -30.70 20.04 51.26
C ALA D 201 -30.05 20.56 49.98
N CYS D 202 -30.81 20.54 48.89
CA CYS D 202 -30.42 21.24 47.67
C CYS D 202 -31.39 22.38 47.42
N GLU D 203 -30.86 23.51 46.99
CA GLU D 203 -31.63 24.72 46.74
C GLU D 203 -31.59 25.02 45.25
N VAL D 204 -32.76 25.20 44.64
CA VAL D 204 -32.88 25.37 43.20
C VAL D 204 -33.32 26.80 42.92
N THR D 205 -32.54 27.49 42.09
CA THR D 205 -32.82 28.84 41.65
C THR D 205 -33.11 28.81 40.15
N HIS D 206 -34.29 29.26 39.76
CA HIS D 206 -34.65 29.21 38.36
C HIS D 206 -35.55 30.39 38.00
N GLN D 207 -35.57 30.73 36.71
CA GLN D 207 -36.32 31.87 36.22
C GLN D 207 -37.83 31.71 36.42
N GLY D 208 -38.33 30.48 36.36
CA GLY D 208 -39.75 30.24 36.53
C GLY D 208 -40.19 30.17 37.97
N LEU D 209 -39.32 30.50 38.91
CA LEU D 209 -39.65 30.50 40.34
C LEU D 209 -39.31 31.88 40.90
N SER D 210 -40.31 32.56 41.44
CA SER D 210 -40.07 33.85 42.06
C SER D 210 -39.21 33.73 43.31
N SER D 211 -39.08 32.54 43.87
CA SER D 211 -38.24 32.31 45.04
C SER D 211 -37.64 30.91 44.95
N PRO D 212 -36.42 30.72 45.43
CA PRO D 212 -35.78 29.40 45.31
C PRO D 212 -36.54 28.33 46.08
N VAL D 213 -36.58 27.14 45.51
CA VAL D 213 -37.17 25.95 46.13
C VAL D 213 -36.06 25.15 46.79
N THR D 214 -36.36 24.57 47.95
CA THR D 214 -35.39 23.80 48.71
C THR D 214 -36.03 22.49 49.15
N LYS D 215 -35.47 21.39 48.69
CA LYS D 215 -35.88 20.05 49.12
C LYS D 215 -34.81 19.48 50.03
N SER D 216 -35.22 18.94 51.17
CA SER D 216 -34.27 18.46 52.16
C SER D 216 -34.77 17.15 52.75
N PHE D 217 -33.88 16.49 53.48
CA PHE D 217 -34.23 15.31 54.25
C PHE D 217 -33.27 15.22 55.45
N ASN D 218 -33.64 14.37 56.40
CA ASN D 218 -32.85 14.14 57.61
C ASN D 218 -32.20 12.75 57.54
N ARG D 219 -31.37 12.44 58.53
CA ARG D 219 -30.45 11.31 58.52
C ARG D 219 -29.45 11.45 57.37
N VAL E 2 12.42 52.43 17.12
CA VAL E 2 13.03 53.64 17.65
C VAL E 2 14.27 53.34 18.50
N GLN E 3 14.26 52.18 19.16
CA GLN E 3 15.38 51.80 20.01
C GLN E 3 15.46 50.28 20.10
N LEU E 4 16.67 49.75 20.07
CA LEU E 4 16.94 48.33 20.31
C LEU E 4 17.64 48.19 21.66
N VAL E 5 17.02 47.43 22.57
CA VAL E 5 17.52 47.30 23.93
C VAL E 5 18.01 45.88 24.13
N GLN E 6 19.26 45.74 24.56
CA GLN E 6 19.91 44.44 24.68
C GLN E 6 20.03 44.02 26.15
N SER E 7 20.25 42.72 26.33
CA SER E 7 20.42 42.15 27.67
C SER E 7 21.76 42.59 28.26
N GLY E 8 21.97 42.21 29.53
CA GLY E 8 23.11 42.70 30.26
C GLY E 8 24.36 41.88 30.04
N ALA E 9 25.49 42.48 30.41
CA ALA E 9 26.78 41.83 30.27
C ALA E 9 26.86 40.60 31.17
N GLU E 10 27.53 39.56 30.67
CA GLU E 10 27.67 38.30 31.38
C GLU E 10 29.11 37.83 31.33
N VAL E 11 29.45 36.90 32.22
CA VAL E 11 30.68 36.12 32.14
C VAL E 11 30.28 34.65 32.03
N LYS E 12 30.84 33.96 31.04
CA LYS E 12 30.54 32.57 30.78
C LYS E 12 31.84 31.78 30.73
N LYS E 13 31.77 30.54 31.21
CA LYS E 13 32.94 29.66 31.18
C LYS E 13 33.17 29.13 29.77
N PRO E 14 34.42 28.80 29.43
CA PRO E 14 34.71 28.25 28.11
C PRO E 14 33.95 26.94 27.86
N GLY E 15 33.43 26.80 26.65
CA GLY E 15 32.63 25.64 26.28
C GLY E 15 31.16 25.77 26.59
N SER E 16 30.74 26.83 27.28
CA SER E 16 29.35 27.00 27.65
C SER E 16 28.64 27.81 26.58
N SER E 17 27.44 28.30 26.91
CA SER E 17 26.61 29.03 25.95
C SER E 17 26.14 30.33 26.58
N VAL E 18 25.90 31.32 25.72
CA VAL E 18 25.37 32.62 26.13
C VAL E 18 24.23 33.00 25.21
N LYS E 19 23.16 33.53 25.79
CA LYS E 19 21.99 33.98 25.03
C LYS E 19 21.82 35.47 25.26
N VAL E 20 21.76 36.22 24.16
CA VAL E 20 21.64 37.68 24.19
C VAL E 20 20.32 38.05 23.55
N SER E 21 19.59 38.97 24.18
CA SER E 21 18.30 39.40 23.66
C SER E 21 18.43 40.78 23.04
N CYS E 22 17.44 41.15 22.24
CA CYS E 22 17.42 42.44 21.54
C CYS E 22 15.95 42.80 21.33
N LYS E 23 15.43 43.72 22.15
CA LYS E 23 14.02 44.08 22.15
C LYS E 23 13.81 45.38 21.39
N ALA E 24 13.02 45.33 20.33
CA ALA E 24 12.69 46.52 19.54
C ALA E 24 11.45 47.17 20.15
N SER E 25 11.65 48.29 20.83
CA SER E 25 10.52 49.03 21.39
C SER E 25 9.73 49.70 20.27
N GLY E 26 8.40 49.57 20.33
CA GLY E 26 7.52 50.22 19.37
C GLY E 26 7.80 49.91 17.92
N GLY E 27 7.80 48.64 17.56
CA GLY E 27 8.04 48.26 16.18
C GLY E 27 7.88 46.75 16.03
N THR E 28 7.62 46.36 14.79
CA THR E 28 7.59 44.95 14.44
C THR E 28 9.00 44.45 14.24
N LEU E 29 9.41 43.45 15.05
CA LEU E 29 10.79 42.98 15.04
C LEU E 29 11.23 42.52 13.66
N SER E 30 10.32 41.99 12.85
CA SER E 30 10.69 41.44 11.55
C SER E 30 11.08 42.52 10.54
N SER E 31 10.65 43.76 10.75
CA SER E 31 10.92 44.80 9.75
C SER E 31 12.34 45.34 9.85
N TYR E 32 13.04 45.10 10.96
CA TYR E 32 14.35 45.70 11.14
C TYR E 32 15.48 44.94 10.46
N GLY E 33 15.28 43.69 10.08
CA GLY E 33 16.34 42.89 9.51
C GLY E 33 17.51 42.69 10.46
N ILE E 34 17.21 42.14 11.64
CA ILE E 34 18.18 42.13 12.73
C ILE E 34 19.36 41.22 12.37
N SER E 35 20.56 41.80 12.40
CA SER E 35 21.81 41.06 12.34
C SER E 35 22.55 41.21 13.66
N TRP E 36 23.60 40.42 13.83
CA TRP E 36 24.43 40.50 15.02
C TRP E 36 25.88 40.75 14.61
N VAL E 37 26.43 41.86 15.10
CA VAL E 37 27.81 42.24 14.83
C VAL E 37 28.53 42.37 16.17
N ARG E 38 29.70 41.72 16.28
CA ARG E 38 30.48 41.78 17.50
C ARG E 38 31.79 42.53 17.26
N GLN E 39 32.32 43.08 18.35
CA GLN E 39 33.56 43.87 18.30
C GLN E 39 34.43 43.44 19.48
N ALA E 40 35.54 42.78 19.18
CA ALA E 40 36.51 42.44 20.20
C ALA E 40 37.09 43.71 20.82
N PRO E 41 37.56 43.64 22.08
CA PRO E 41 38.14 44.82 22.74
C PRO E 41 39.20 45.54 21.91
N GLY E 42 38.89 46.77 21.52
CA GLY E 42 39.80 47.58 20.73
C GLY E 42 40.09 47.08 19.34
N GLN E 43 39.16 46.33 18.73
CA GLN E 43 39.39 45.78 17.39
C GLN E 43 38.25 46.21 16.47
N GLY E 44 38.09 45.49 15.35
CA GLY E 44 37.12 45.84 14.34
C GLY E 44 35.76 45.20 14.57
N LEU E 45 34.89 45.38 13.59
CA LEU E 45 33.55 44.82 13.59
C LEU E 45 33.51 43.52 12.78
N GLU E 46 32.74 42.55 13.27
CA GLU E 46 32.63 41.25 12.63
C GLU E 46 31.17 40.83 12.57
N TRP E 47 30.68 40.54 11.36
CA TRP E 47 29.27 40.22 11.15
C TRP E 47 29.08 38.72 11.37
N LEU E 48 28.30 38.37 12.38
CA LEU E 48 27.90 36.98 12.55
C LEU E 48 26.72 36.71 11.63
N GLY E 49 25.65 36.10 12.13
CA GLY E 49 24.50 35.86 11.31
C GLY E 49 23.70 37.13 11.06
N GLY E 50 22.65 36.97 10.26
CA GLY E 50 21.75 38.07 9.97
C GLY E 50 20.44 37.57 9.41
N SER E 51 19.40 38.36 9.60
CA SER E 51 18.06 38.01 9.12
C SER E 51 17.93 38.29 7.63
N ILE E 52 17.28 37.36 6.93
CA ILE E 52 17.02 37.48 5.51
C ILE E 52 15.52 37.34 5.28
N PRO E 53 14.81 38.44 5.05
CA PRO E 53 13.34 38.35 4.97
C PRO E 53 12.84 37.47 3.85
N ILE E 54 13.52 37.46 2.70
CA ILE E 54 13.05 36.66 1.57
C ILE E 54 13.11 35.18 1.87
N LEU E 55 13.93 34.75 2.84
CA LEU E 55 13.96 33.37 3.31
C LEU E 55 13.17 33.16 4.58
N GLY E 56 12.77 34.22 5.26
CA GLY E 56 12.03 34.09 6.51
C GLY E 56 12.80 33.44 7.64
N THR E 57 14.13 33.50 7.59
CA THR E 57 14.99 32.95 8.64
C THR E 57 16.27 33.76 8.67
N SER E 58 17.20 33.36 9.53
CA SER E 58 18.52 33.99 9.61
C SER E 58 19.59 33.02 9.14
N VAL E 59 20.59 33.55 8.43
CA VAL E 59 21.73 32.76 7.99
C VAL E 59 22.99 33.31 8.63
N TYR E 60 23.95 32.42 8.86
CA TYR E 60 25.14 32.76 9.62
C TYR E 60 26.38 32.63 8.74
N ALA E 61 27.39 33.42 9.06
CA ALA E 61 28.68 33.27 8.41
C ALA E 61 29.27 31.92 8.77
N GLN E 62 29.96 31.30 7.80
CA GLN E 62 30.45 29.95 8.00
C GLN E 62 31.37 29.81 9.21
N LYS E 63 32.00 30.91 9.62
CA LYS E 63 32.87 30.87 10.80
C LYS E 63 32.10 30.44 12.03
N PHE E 64 30.79 30.71 12.10
CA PHE E 64 29.99 30.37 13.26
C PHE E 64 28.90 29.35 12.97
N GLN E 65 28.89 28.74 11.78
CA GLN E 65 27.71 27.99 11.33
C GLN E 65 27.36 26.84 12.26
N GLY E 66 28.35 26.15 12.82
CA GLY E 66 28.00 25.06 13.70
C GLY E 66 27.70 25.39 15.15
N ARG E 67 27.70 26.67 15.56
CA ARG E 67 27.52 26.97 16.97
C ARG E 67 26.78 28.28 17.27
N VAL E 68 26.13 28.91 16.29
CA VAL E 68 25.30 30.08 16.54
C VAL E 68 23.92 29.83 15.95
N THR E 69 22.88 30.26 16.68
CA THR E 69 21.51 30.20 16.23
C THR E 69 20.83 31.53 16.58
N MET E 70 19.98 32.01 15.68
CA MET E 70 19.31 33.29 15.84
C MET E 70 17.81 33.10 15.73
N THR E 71 17.09 33.56 16.74
CA THR E 71 15.64 33.42 16.80
C THR E 71 15.00 34.79 16.91
N ALA E 72 13.71 34.86 16.61
CA ALA E 72 12.97 36.10 16.70
C ALA E 72 11.52 35.77 17.07
N ASP E 73 11.01 36.42 18.10
CA ASP E 73 9.64 36.23 18.58
C ASP E 73 8.86 37.51 18.33
N GLU E 74 7.99 37.49 17.31
CA GLU E 74 7.22 38.67 16.98
C GLU E 74 6.24 39.06 18.08
N SER E 75 5.73 38.07 18.84
CA SER E 75 4.77 38.38 19.89
C SER E 75 5.37 39.20 21.03
N THR E 76 6.69 39.11 21.24
CA THR E 76 7.38 39.87 22.28
C THR E 76 8.35 40.90 21.72
N SER E 77 8.42 41.06 20.40
CA SER E 77 9.33 42.01 19.74
C SER E 77 10.77 41.82 20.19
N THR E 78 11.17 40.56 20.38
CA THR E 78 12.48 40.24 20.92
C THR E 78 13.21 39.28 19.99
N ALA E 79 14.45 39.61 19.66
CA ALA E 79 15.33 38.75 18.90
C ALA E 79 16.42 38.21 19.82
N HIS E 80 16.85 36.98 19.57
CA HIS E 80 17.84 36.33 20.40
C HIS E 80 19.00 35.84 19.55
N MET E 81 20.18 35.80 20.16
CA MET E 81 21.35 35.17 19.56
C MET E 81 21.97 34.26 20.61
N GLU E 82 22.16 32.98 20.25
CA GLU E 82 22.78 32.01 21.13
C GLU E 82 24.10 31.56 20.51
N LEU E 83 25.17 31.67 21.28
CA LEU E 83 26.51 31.27 20.84
C LEU E 83 27.01 30.18 21.77
N SER E 84 27.30 29.01 21.20
CA SER E 84 27.66 27.82 21.97
C SER E 84 29.14 27.51 21.81
N SER E 85 29.63 26.63 22.68
CA SER E 85 31.04 26.24 22.70
C SER E 85 31.95 27.46 22.67
N LEU E 86 31.77 28.31 23.70
CA LEU E 86 32.48 29.59 23.75
C LEU E 86 33.97 29.37 23.99
N ARG E 87 34.79 30.08 23.22
CA ARG E 87 36.24 30.09 23.41
C ARG E 87 36.68 31.47 23.88
N PHE E 88 37.94 31.56 24.32
CA PHE E 88 38.45 32.84 24.80
C PHE E 88 38.37 33.91 23.72
N ASP E 89 38.43 33.51 22.45
CA ASP E 89 38.37 34.44 21.33
C ASP E 89 37.00 35.09 21.16
N ASP E 90 35.97 34.60 21.85
CA ASP E 90 34.62 35.14 21.71
C ASP E 90 34.34 36.31 22.65
N THR E 91 35.32 36.71 23.46
CA THR E 91 35.15 37.86 24.35
C THR E 91 35.03 39.13 23.50
N ALA E 92 33.88 39.77 23.54
CA ALA E 92 33.63 40.95 22.73
C ALA E 92 32.36 41.62 23.23
N ILE E 93 32.03 42.75 22.62
CA ILE E 93 30.74 43.40 22.79
C ILE E 93 29.86 43.00 21.62
N TYR E 94 28.69 42.46 21.91
CA TYR E 94 27.80 41.95 20.87
C TYR E 94 26.69 42.96 20.63
N TYR E 95 26.60 43.47 19.40
CA TYR E 95 25.58 44.42 19.02
C TYR E 95 24.54 43.72 18.14
N CYS E 96 23.28 43.96 18.43
CA CYS E 96 22.25 43.71 17.43
C CYS E 96 22.08 44.97 16.63
N ALA E 97 21.85 44.81 15.33
CA ALA E 97 21.78 45.96 14.44
C ALA E 97 20.66 45.73 13.44
N GLY E 98 20.17 46.83 12.88
CA GLY E 98 19.14 46.76 11.88
C GLY E 98 19.03 48.07 11.15
N VAL E 99 18.01 48.19 10.30
CA VAL E 99 17.71 49.46 9.66
C VAL E 99 16.23 49.77 9.86
N ARG E 100 15.91 51.03 10.12
CA ARG E 100 14.61 51.44 10.59
C ARG E 100 13.68 51.80 9.43
N GLU E 101 12.40 52.05 9.78
CA GLU E 101 11.35 52.46 8.84
C GLU E 101 11.09 51.41 7.77
N GLY E 102 11.34 50.14 8.08
CA GLY E 102 11.11 49.06 7.14
C GLY E 102 11.89 49.17 5.85
N MET E 103 13.10 49.73 5.89
CA MET E 103 13.93 49.86 4.69
C MET E 103 14.92 48.71 4.55
N ALA E 104 14.78 47.67 5.36
CA ALA E 104 15.72 46.55 5.33
C ALA E 104 15.54 45.76 4.04
N ALA E 105 16.64 45.58 3.31
CA ALA E 105 16.61 44.79 2.09
C ALA E 105 16.19 43.37 2.41
N ILE E 106 15.24 42.84 1.62
CA ILE E 106 14.84 41.46 1.83
C ILE E 106 15.96 40.49 1.48
N SER E 107 16.98 40.94 0.74
CA SER E 107 18.16 40.12 0.47
C SER E 107 19.00 39.89 1.72
N GLY E 108 18.80 40.71 2.75
CA GLY E 108 19.65 40.69 3.93
C GLY E 108 20.93 41.50 3.80
N LYS E 109 21.23 42.04 2.62
CA LYS E 109 22.46 42.81 2.40
C LYS E 109 22.23 44.24 2.85
N ASN E 110 22.44 44.49 4.13
CA ASN E 110 22.00 45.72 4.76
C ASN E 110 23.16 46.54 5.32
N ALA E 111 23.01 47.86 5.21
CA ALA E 111 23.75 48.80 6.04
C ALA E 111 22.82 49.27 7.17
N PHE E 112 23.35 49.32 8.39
CA PHE E 112 22.53 49.40 9.60
C PHE E 112 22.58 50.81 10.18
N ASP E 113 21.40 51.45 10.31
CA ASP E 113 21.31 52.78 10.90
C ASP E 113 20.69 52.78 12.29
N ILE E 114 20.41 51.62 12.86
CA ILE E 114 19.99 51.53 14.26
C ILE E 114 20.75 50.38 14.91
N TRP E 115 21.29 50.63 16.10
CA TRP E 115 22.15 49.69 16.81
C TRP E 115 21.72 49.58 18.26
N GLY E 116 21.76 48.35 18.79
CA GLY E 116 21.57 48.18 20.21
C GLY E 116 22.72 48.76 21.00
N GLN E 117 22.54 48.85 22.31
CA GLN E 117 23.59 49.43 23.14
C GLN E 117 24.79 48.49 23.31
N GLY E 118 24.65 47.22 22.95
CA GLY E 118 25.77 46.31 23.03
C GLY E 118 25.79 45.55 24.34
N THR E 119 26.34 44.33 24.28
CA THR E 119 26.35 43.42 25.42
C THR E 119 27.72 42.77 25.47
N MET E 120 28.52 43.06 26.48
CA MET E 120 29.84 42.47 26.55
C MET E 120 29.75 41.08 27.17
N VAL E 121 30.19 40.07 26.42
CA VAL E 121 30.33 38.71 26.93
C VAL E 121 31.81 38.47 27.17
N THR E 122 32.13 37.99 28.36
CA THR E 122 33.51 37.69 28.75
C THR E 122 33.61 36.20 28.98
N VAL E 123 34.43 35.53 28.17
CA VAL E 123 34.70 34.12 28.34
C VAL E 123 35.88 33.99 29.30
N SER E 124 35.62 33.47 30.50
CA SER E 124 36.63 33.35 31.53
C SER E 124 36.14 32.34 32.57
N SER E 125 37.09 31.80 33.33
CA SER E 125 36.76 30.88 34.40
C SER E 125 36.61 31.57 35.75
N ALA E 126 36.90 32.86 35.83
CA ALA E 126 36.89 33.58 37.09
C ALA E 126 35.46 33.94 37.50
N SER E 127 35.23 33.96 38.81
CA SER E 127 33.90 34.24 39.35
C SER E 127 33.56 35.72 39.22
N THR E 128 32.26 36.01 39.17
CA THR E 128 31.79 37.39 39.23
C THR E 128 32.07 37.97 40.61
N LYS E 129 32.53 39.23 40.64
CA LYS E 129 32.79 39.93 41.89
C LYS E 129 32.33 41.37 41.76
N GLY E 130 31.55 41.83 42.74
CA GLY E 130 31.07 43.18 42.74
C GLY E 130 32.14 44.15 43.17
N PRO E 131 31.99 45.41 42.77
CA PRO E 131 32.98 46.42 43.12
C PRO E 131 32.69 47.06 44.48
N SER E 132 33.74 47.65 45.04
CA SER E 132 33.61 48.63 46.10
C SER E 132 33.77 50.02 45.50
N VAL E 133 33.02 50.98 46.03
CA VAL E 133 33.07 52.36 45.56
C VAL E 133 33.70 53.21 46.66
N PHE E 134 34.83 53.84 46.35
CA PHE E 134 35.48 54.76 47.27
C PHE E 134 35.46 56.18 46.72
N PRO E 135 35.33 57.19 47.59
CA PRO E 135 35.26 58.57 47.09
C PRO E 135 36.65 59.16 46.85
N LEU E 136 36.74 60.00 45.82
CA LEU E 136 37.91 60.82 45.58
C LEU E 136 37.56 62.22 46.05
N ALA E 137 37.83 62.50 47.32
CA ALA E 137 37.34 63.74 47.92
C ALA E 137 38.24 64.91 47.54
N PRO E 138 37.66 66.07 47.24
CA PRO E 138 38.47 67.27 46.99
C PRO E 138 38.97 67.89 48.29
N SER E 139 40.08 68.61 48.17
CA SER E 139 40.67 69.29 49.32
C SER E 139 41.04 70.73 48.99
N GLY E 146 40.14 78.07 39.95
CA GLY E 146 38.80 78.22 40.50
C GLY E 146 37.97 76.97 40.39
N THR E 147 38.54 75.91 39.81
CA THR E 147 37.86 74.65 39.61
C THR E 147 38.45 73.59 40.54
N ALA E 148 37.59 72.75 41.09
CA ALA E 148 37.98 71.63 41.95
C ALA E 148 37.69 70.32 41.25
N ALA E 149 38.40 69.27 41.67
CA ALA E 149 38.22 67.94 41.12
C ALA E 149 37.77 66.98 42.21
N LEU E 150 36.80 66.14 41.86
CA LEU E 150 36.33 65.10 42.76
C LEU E 150 35.89 63.92 41.92
N GLY E 151 35.89 62.74 42.52
CA GLY E 151 35.46 61.59 41.76
C GLY E 151 35.19 60.37 42.62
N CYS E 152 35.09 59.23 41.95
CA CYS E 152 34.80 57.95 42.58
C CYS E 152 35.79 56.90 42.10
N LEU E 153 36.11 55.98 43.00
CA LEU E 153 37.07 54.91 42.75
C LEU E 153 36.32 53.58 42.82
N VAL E 154 36.19 52.91 41.68
CA VAL E 154 35.46 51.65 41.57
C VAL E 154 36.50 50.53 41.49
N LYS E 155 36.67 49.80 42.58
CA LYS E 155 37.81 48.90 42.73
C LYS E 155 37.37 47.45 42.85
N ASP E 156 38.20 46.55 42.30
CA ASP E 156 38.06 45.11 42.47
C ASP E 156 36.71 44.57 42.01
N TYR E 157 36.52 44.46 40.70
CA TYR E 157 35.30 43.89 40.13
C TYR E 157 35.66 43.03 38.93
N PHE E 158 34.80 42.04 38.66
CA PHE E 158 35.01 41.18 37.50
C PHE E 158 33.67 40.57 37.13
N PRO E 159 33.32 40.51 35.84
CA PRO E 159 34.13 41.03 34.73
C PRO E 159 33.76 42.45 34.38
N GLU E 160 34.18 42.88 33.21
CA GLU E 160 33.77 44.17 32.68
C GLU E 160 32.36 44.08 32.12
N PRO E 161 31.64 45.21 32.04
CA PRO E 161 32.08 46.55 32.42
C PRO E 161 31.40 47.07 33.67
N VAL E 162 31.80 48.27 34.06
CA VAL E 162 31.12 49.05 35.07
C VAL E 162 30.84 50.42 34.46
N THR E 163 29.65 50.94 34.71
CA THR E 163 29.24 52.24 34.17
C THR E 163 29.08 53.22 35.32
N VAL E 164 29.52 54.46 35.09
CA VAL E 164 29.44 55.52 36.09
C VAL E 164 28.75 56.72 35.45
N SER E 165 27.71 57.22 36.10
CA SER E 165 27.10 58.50 35.76
C SER E 165 27.20 59.41 36.99
N TRP E 166 26.93 60.69 36.77
CA TRP E 166 27.00 61.68 37.84
C TRP E 166 25.68 62.42 37.94
N ASN E 167 25.11 62.45 39.15
CA ASN E 167 23.81 63.06 39.41
C ASN E 167 22.74 62.49 38.47
N SER E 168 22.72 61.16 38.36
CA SER E 168 21.72 60.45 37.55
C SER E 168 21.71 60.95 36.11
N GLY E 169 22.90 61.24 35.58
CA GLY E 169 23.05 61.71 34.22
C GLY E 169 22.87 63.20 34.03
N ALA E 170 22.62 63.96 35.10
CA ALA E 170 22.44 65.41 34.97
C ALA E 170 23.75 66.17 34.84
N LEU E 171 24.85 65.60 35.33
CA LEU E 171 26.18 66.22 35.23
C LEU E 171 26.99 65.47 34.17
N THR E 172 27.27 66.15 33.06
CA THR E 172 28.01 65.56 31.95
C THR E 172 29.27 66.35 31.63
N SER E 173 29.17 67.67 31.47
CA SER E 173 30.33 68.47 31.14
C SER E 173 31.34 68.45 32.29
N GLY E 174 32.58 68.08 31.99
CA GLY E 174 33.62 67.99 32.99
C GLY E 174 33.88 66.59 33.52
N VAL E 175 33.08 65.61 33.12
CA VAL E 175 33.21 64.25 33.63
C VAL E 175 34.22 63.48 32.79
N HIS E 176 35.06 62.70 33.46
CA HIS E 176 36.01 61.81 32.80
C HIS E 176 35.95 60.45 33.48
N THR E 177 35.42 59.45 32.79
CA THR E 177 35.44 58.08 33.25
C THR E 177 36.55 57.35 32.50
N PHE E 178 37.61 56.99 33.21
CA PHE E 178 38.79 56.42 32.59
C PHE E 178 38.56 54.96 32.20
N PRO E 179 39.34 54.45 31.26
CA PRO E 179 39.26 53.01 30.95
C PRO E 179 39.68 52.19 32.15
N ALA E 180 39.10 51.00 32.24
CA ALA E 180 39.42 50.10 33.34
C ALA E 180 40.81 49.53 33.16
N VAL E 181 41.49 49.31 34.28
CA VAL E 181 42.81 48.68 34.30
C VAL E 181 42.68 47.34 34.98
N LEU E 182 43.40 46.35 34.47
CA LEU E 182 43.39 45.01 35.05
C LEU E 182 44.53 44.94 36.07
N GLN E 183 44.16 44.78 37.34
CA GLN E 183 45.17 44.69 38.38
C GLN E 183 45.85 43.32 38.32
N SER E 184 46.89 43.17 39.14
CA SER E 184 47.64 41.92 39.18
C SER E 184 46.85 40.78 39.81
N SER E 185 45.73 41.07 40.46
CA SER E 185 44.89 40.06 41.08
C SER E 185 43.82 39.51 40.15
N GLY E 186 43.80 39.92 38.89
CA GLY E 186 42.77 39.47 37.97
C GLY E 186 41.47 40.23 38.06
N LEU E 187 41.36 41.17 38.98
CA LEU E 187 40.21 42.04 39.10
C LEU E 187 40.48 43.37 38.39
N TYR E 188 39.40 44.03 38.00
CA TYR E 188 39.47 45.32 37.33
C TYR E 188 39.28 46.47 38.33
N SER E 189 39.80 47.63 37.93
CA SER E 189 39.66 48.86 38.71
C SER E 189 39.39 50.02 37.76
N LEU E 190 38.68 51.01 38.27
CA LEU E 190 38.28 52.13 37.43
C LEU E 190 38.03 53.35 38.31
N SER E 191 38.27 54.53 37.74
CA SER E 191 38.02 55.78 38.43
C SER E 191 37.31 56.75 37.49
N SER E 192 36.43 57.58 38.06
CA SER E 192 35.69 58.57 37.31
C SER E 192 35.74 59.88 38.07
N VAL E 193 36.17 60.95 37.39
CA VAL E 193 36.34 62.24 38.04
C VAL E 193 35.54 63.29 37.29
N VAL E 194 35.34 64.43 37.96
CA VAL E 194 34.64 65.55 37.34
C VAL E 194 35.18 66.83 37.96
N THR E 195 35.44 67.83 37.11
CA THR E 195 35.87 69.14 37.57
C THR E 195 34.66 70.03 37.79
N VAL E 196 34.61 70.67 38.96
CA VAL E 196 33.45 71.47 39.34
C VAL E 196 33.95 72.80 39.91
N PRO E 197 33.11 73.84 39.88
CA PRO E 197 33.49 75.10 40.52
C PRO E 197 33.71 74.93 42.02
N SER E 198 34.78 75.54 42.54
CA SER E 198 35.16 75.37 43.93
C SER E 198 34.19 76.04 44.89
N SER E 199 33.36 76.97 44.40
CA SER E 199 32.43 77.68 45.27
C SER E 199 31.23 76.83 45.66
N SER E 200 30.86 75.87 44.82
CA SER E 200 29.69 75.03 45.06
C SER E 200 30.03 73.73 45.78
N LEU E 201 31.23 73.60 46.34
CA LEU E 201 31.62 72.35 46.99
C LEU E 201 30.81 72.05 48.24
N GLY E 202 30.27 73.06 48.90
CA GLY E 202 29.47 72.83 50.09
C GLY E 202 27.99 72.85 49.83
N THR E 203 27.58 73.57 48.78
CA THR E 203 26.17 73.74 48.46
C THR E 203 25.64 72.75 47.44
N GLN E 204 26.47 72.30 46.50
CA GLN E 204 26.02 71.41 45.42
C GLN E 204 26.28 69.96 45.78
N THR E 205 25.34 69.09 45.40
CA THR E 205 25.44 67.65 45.62
C THR E 205 26.07 66.98 44.39
N TYR E 206 27.07 66.12 44.64
CA TYR E 206 27.74 65.37 43.59
C TYR E 206 27.68 63.89 43.96
N ILE E 207 26.83 63.15 43.25
CA ILE E 207 26.66 61.71 43.47
C ILE E 207 27.10 60.97 42.21
N CYS E 208 27.94 59.97 42.38
CA CYS E 208 28.31 59.08 41.28
C CYS E 208 27.45 57.83 41.35
N ASN E 209 26.83 57.48 40.22
CA ASN E 209 25.95 56.33 40.13
C ASN E 209 26.72 55.18 39.49
N VAL E 210 27.03 54.14 40.27
CA VAL E 210 27.82 53.02 39.81
C VAL E 210 26.90 51.82 39.57
N ASN E 211 27.10 51.13 38.45
CA ASN E 211 26.28 49.96 38.11
C ASN E 211 27.18 48.88 37.55
N HIS E 212 27.16 47.70 38.18
CA HIS E 212 27.90 46.53 37.71
C HIS E 212 26.86 45.43 37.52
N LYS E 213 26.35 45.33 36.29
CA LYS E 213 25.28 44.38 36.02
C LYS E 213 25.66 42.91 36.22
N PRO E 214 26.85 42.43 35.85
CA PRO E 214 27.18 41.03 36.12
C PRO E 214 27.00 40.62 37.59
N SER E 215 27.19 41.54 38.53
CA SER E 215 26.96 41.24 39.94
C SER E 215 25.64 41.82 40.45
N ASN E 216 24.91 42.53 39.58
CA ASN E 216 23.70 43.25 39.97
C ASN E 216 23.96 44.14 41.18
N THR E 217 25.02 44.95 41.09
CA THR E 217 25.43 45.86 42.14
C THR E 217 25.22 47.30 41.65
N LYS E 218 24.46 48.07 42.41
CA LYS E 218 24.22 49.47 42.10
C LYS E 218 24.51 50.28 43.35
N VAL E 219 25.33 51.33 43.19
CA VAL E 219 25.76 52.18 44.29
C VAL E 219 25.56 53.63 43.86
N ASP E 220 25.09 54.46 44.79
CA ASP E 220 25.05 55.91 44.64
C ASP E 220 25.86 56.52 45.77
N LYS E 221 27.04 57.06 45.42
CA LYS E 221 28.00 57.57 46.38
C LYS E 221 28.07 59.08 46.24
N LYS E 222 27.62 59.79 47.27
CA LYS E 222 27.76 61.24 47.33
C LYS E 222 29.17 61.60 47.76
N VAL E 223 29.86 62.37 46.93
CA VAL E 223 31.25 62.74 47.17
C VAL E 223 31.28 64.14 47.79
N GLU E 224 31.88 64.24 48.97
CA GLU E 224 32.03 65.47 49.72
C GLU E 224 33.49 65.64 50.15
N PRO E 225 33.92 66.88 50.34
CA PRO E 225 35.29 67.11 50.84
C PRO E 225 35.44 66.65 52.28
N LYS E 226 36.70 66.46 52.67
CA LYS E 226 37.07 66.06 54.04
C LYS E 226 36.50 64.69 54.39
N ASP F 1 34.33 35.23 0.55
CA ASP F 1 34.35 36.42 1.43
C ASP F 1 34.93 37.62 0.66
N ILE F 2 34.17 38.68 0.50
CA ILE F 2 34.76 39.98 0.06
C ILE F 2 35.64 40.52 1.20
N GLN F 3 36.84 41.01 0.90
CA GLN F 3 37.72 41.53 1.95
C GLN F 3 37.86 43.05 1.80
N MET F 4 37.79 43.77 2.90
CA MET F 4 37.88 45.22 2.86
C MET F 4 39.21 45.62 3.47
N THR F 5 40.00 46.39 2.71
CA THR F 5 41.30 46.87 3.13
C THR F 5 41.21 48.39 3.26
N GLN F 6 41.35 48.90 4.47
CA GLN F 6 41.10 50.30 4.76
C GLN F 6 42.39 50.96 5.26
N SER F 7 42.70 52.14 4.71
CA SER F 7 43.96 52.82 4.99
C SER F 7 43.72 54.28 5.33
N PRO F 8 44.47 54.84 6.29
CA PRO F 8 45.48 54.10 7.05
C PRO F 8 44.96 53.53 8.36
N SER F 9 45.83 52.85 9.11
CA SER F 9 45.45 52.37 10.44
C SER F 9 45.06 53.52 11.35
N SER F 10 45.94 54.50 11.46
CA SER F 10 45.77 55.63 12.37
C SER F 10 46.03 56.91 11.60
N LEU F 11 45.34 57.98 11.99
CA LEU F 11 45.43 59.23 11.24
C LEU F 11 45.42 60.41 12.21
N SER F 12 46.23 61.43 11.88
CA SER F 12 46.33 62.65 12.67
C SER F 12 46.20 63.84 11.75
N ALA F 13 45.39 64.82 12.16
CA ALA F 13 45.16 66.02 11.36
C ALA F 13 44.80 67.18 12.28
N SER F 14 44.60 68.35 11.68
CA SER F 14 44.31 69.58 12.42
C SER F 14 42.91 70.07 12.09
N VAL F 15 42.30 70.75 13.06
CA VAL F 15 40.95 71.28 12.87
C VAL F 15 40.92 72.15 11.62
N GLY F 16 39.95 71.90 10.76
CA GLY F 16 39.79 72.63 9.53
C GLY F 16 40.39 71.99 8.29
N ASP F 17 41.37 70.87 8.05
CA ASP F 17 42.03 69.94 7.15
C ASP F 17 41.05 68.95 6.55
N ARG F 18 41.45 68.86 5.44
CA ARG F 18 40.83 67.78 4.68
C ARG F 18 41.41 66.44 5.11
N VAL F 19 40.54 65.46 5.31
CA VAL F 19 40.96 64.12 5.70
C VAL F 19 40.34 63.13 4.73
N THR F 20 41.17 62.24 4.19
CA THR F 20 40.76 61.26 3.20
C THR F 20 41.07 59.88 3.74
N ILE F 21 40.04 59.03 3.80
CA ILE F 21 40.18 57.64 4.21
C ILE F 21 39.82 56.77 3.02
N THR F 22 40.70 55.82 2.69
CA THR F 22 40.50 54.97 1.53
C THR F 22 40.12 53.55 1.95
N CYS F 23 39.28 52.92 1.15
CA CYS F 23 38.80 51.57 1.43
C CYS F 23 38.78 50.84 0.09
N ARG F 24 39.58 49.79 -0.02
CA ARG F 24 39.68 48.98 -1.23
C ARG F 24 38.98 47.65 -1.03
N ALA F 25 38.48 47.09 -2.13
CA ALA F 25 37.69 45.87 -2.09
C ALA F 25 38.33 44.81 -2.99
N SER F 26 38.23 43.55 -2.56
CA SER F 26 38.85 42.45 -3.28
C SER F 26 38.09 42.02 -4.53
N GLN F 27 36.82 42.38 -4.64
CA GLN F 27 36.02 42.19 -5.84
C GLN F 27 35.29 43.49 -6.14
N GLY F 28 34.86 43.63 -7.39
CA GLY F 28 33.94 44.70 -7.72
C GLY F 28 32.68 44.56 -6.90
N ILE F 29 32.30 45.62 -6.18
CA ILE F 29 31.08 45.64 -5.40
C ILE F 29 30.13 46.73 -5.87
N SER F 30 30.25 47.17 -7.12
CA SER F 30 29.40 48.23 -7.69
C SER F 30 29.56 49.46 -6.79
N ASN F 31 28.47 50.06 -6.28
CA ASN F 31 28.55 51.15 -5.32
C ASN F 31 28.01 50.75 -3.95
N TYR F 32 27.97 49.45 -3.65
CA TYR F 32 27.36 48.95 -2.42
C TYR F 32 28.39 48.95 -1.29
N LEU F 33 28.69 50.15 -0.81
CA LEU F 33 29.62 50.33 0.29
C LEU F 33 29.09 51.39 1.25
N ALA F 34 29.16 51.10 2.55
CA ALA F 34 28.73 52.01 3.58
C ALA F 34 29.91 52.40 4.44
N TRP F 35 29.76 53.54 5.14
CA TRP F 35 30.75 54.07 6.07
C TRP F 35 30.11 54.35 7.41
N TYR F 36 30.79 53.97 8.49
CA TYR F 36 30.32 54.19 9.84
C TYR F 36 31.30 55.06 10.61
N GLN F 37 30.78 55.91 11.51
CA GLN F 37 31.60 56.58 12.51
C GLN F 37 31.28 56.00 13.88
N GLN F 38 32.32 55.76 14.67
CA GLN F 38 32.17 55.19 16.01
C GLN F 38 33.09 55.97 16.94
N LYS F 39 32.51 56.91 17.67
CA LYS F 39 33.18 57.64 18.73
C LYS F 39 33.37 56.73 19.94
N PRO F 40 34.45 56.90 20.69
CA PRO F 40 34.78 55.92 21.74
C PRO F 40 33.65 55.83 22.77
N GLY F 41 33.37 54.60 23.19
CA GLY F 41 32.29 54.32 24.11
C GLY F 41 30.92 54.31 23.49
N LYS F 42 30.79 54.62 22.21
CA LYS F 42 29.49 54.70 21.55
C LYS F 42 29.34 53.60 20.51
N VAL F 43 28.11 53.47 20.02
CA VAL F 43 27.76 52.48 19.00
C VAL F 43 28.09 53.09 17.64
N PRO F 44 28.27 52.30 16.58
CA PRO F 44 28.52 52.91 15.27
C PRO F 44 27.31 53.68 14.75
N LYS F 45 27.58 54.79 14.06
CA LYS F 45 26.58 55.56 13.34
C LYS F 45 26.82 55.42 11.84
N LEU F 46 25.74 55.24 11.09
CA LEU F 46 25.82 55.13 9.64
C LEU F 46 25.87 56.53 9.06
N LEU F 47 26.99 56.87 8.41
CA LEU F 47 27.17 58.19 7.81
C LEU F 47 26.83 58.17 6.32
N ILE F 48 27.42 57.24 5.58
CA ILE F 48 27.26 57.14 4.13
C ILE F 48 26.69 55.78 3.80
N TYR F 49 25.73 55.77 2.88
CA TYR F 49 25.13 54.55 2.40
C TYR F 49 25.20 54.50 0.88
N ALA F 50 25.45 53.30 0.34
CA ALA F 50 25.54 53.09 -1.10
C ALA F 50 26.64 53.97 -1.73
N ALA F 51 27.79 54.02 -1.06
CA ALA F 51 28.99 54.70 -1.51
C ALA F 51 28.91 56.22 -1.38
N SER F 52 27.80 56.84 -1.79
CA SER F 52 27.76 58.29 -1.78
C SER F 52 26.48 58.90 -1.22
N THR F 53 25.47 58.10 -0.91
CA THR F 53 24.23 58.66 -0.34
C THR F 53 24.47 58.98 1.13
N LEU F 54 24.40 60.27 1.44
CA LEU F 54 24.61 60.74 2.80
C LEU F 54 23.35 60.51 3.64
N GLN F 55 23.54 60.07 4.88
CA GLN F 55 22.42 59.81 5.77
C GLN F 55 21.86 61.12 6.35
N SER F 56 20.60 61.06 6.76
CA SER F 56 19.92 62.25 7.25
C SER F 56 20.47 62.66 8.62
N GLY F 57 20.72 63.95 8.77
CA GLY F 57 21.30 64.46 9.99
C GLY F 57 22.80 64.33 10.07
N VAL F 58 23.49 64.25 8.94
CA VAL F 58 24.94 64.14 8.89
C VAL F 58 25.50 65.44 8.33
N PRO F 59 26.50 66.04 8.95
CA PRO F 59 27.07 67.29 8.43
C PRO F 59 27.52 67.15 6.98
N SER F 60 27.26 68.18 6.18
CA SER F 60 27.60 68.20 4.76
C SER F 60 29.10 68.04 4.49
N ARG F 61 29.96 68.09 5.51
CA ARG F 61 31.40 67.95 5.27
C ARG F 61 31.81 66.51 4.99
N PHE F 62 31.01 65.53 5.42
CA PHE F 62 31.27 64.14 5.09
C PHE F 62 30.72 63.82 3.70
N SER F 63 31.53 63.15 2.90
CA SER F 63 31.08 62.71 1.58
C SER F 63 31.78 61.41 1.22
N GLY F 64 31.13 60.64 0.35
CA GLY F 64 31.72 59.42 -0.15
C GLY F 64 31.82 59.42 -1.65
N SER F 65 32.68 58.58 -2.21
CA SER F 65 32.79 58.46 -3.66
C SER F 65 33.44 57.12 -3.98
N GLY F 66 33.32 56.71 -5.23
CA GLY F 66 33.92 55.46 -5.65
C GLY F 66 32.94 54.48 -6.26
N TYR F 67 33.48 53.62 -7.11
CA TYR F 67 32.68 52.61 -7.78
C TYR F 67 33.62 51.49 -8.20
N GLY F 68 33.27 50.26 -7.83
CA GLY F 68 34.12 49.12 -8.16
C GLY F 68 34.90 48.60 -6.97
N THR F 69 36.20 48.90 -6.92
CA THR F 69 37.06 48.35 -5.88
C THR F 69 37.53 49.37 -4.86
N GLU F 70 37.76 50.61 -5.29
CA GLU F 70 38.35 51.65 -4.40
C GLU F 70 37.33 52.73 -4.02
N PHE F 71 37.23 53.04 -2.73
CA PHE F 71 36.29 54.03 -2.24
C PHE F 71 36.98 54.96 -1.25
N THR F 72 36.53 56.21 -1.20
CA THR F 72 37.15 57.20 -0.32
C THR F 72 36.06 57.94 0.46
N LEU F 73 36.25 58.04 1.77
CA LEU F 73 35.45 58.92 2.62
C LEU F 73 36.29 60.15 2.88
N THR F 74 35.75 61.33 2.55
CA THR F 74 36.47 62.58 2.72
C THR F 74 35.71 63.50 3.68
N ILE F 75 36.47 64.12 4.59
CA ILE F 75 35.95 65.12 5.52
C ILE F 75 36.57 66.45 5.16
N SER F 76 35.78 67.35 4.56
CA SER F 76 36.32 68.59 4.01
C SER F 76 36.95 69.47 5.09
N SER F 77 36.22 69.75 6.16
CA SER F 77 36.72 70.54 7.28
C SER F 77 36.63 69.70 8.54
N LEU F 78 37.79 69.21 9.01
CA LEU F 78 37.81 68.35 10.19
C LEU F 78 37.44 69.14 11.43
N GLN F 79 36.57 68.58 12.25
CA GLN F 79 36.04 69.26 13.42
C GLN F 79 36.33 68.46 14.68
N PRO F 80 36.36 69.12 15.85
CA PRO F 80 36.64 68.38 17.09
C PRO F 80 35.74 67.18 17.29
N GLU F 81 34.44 67.32 17.04
CA GLU F 81 33.52 66.20 17.24
C GLU F 81 33.68 65.10 16.19
N ASP F 82 34.63 65.20 15.27
CA ASP F 82 34.84 64.17 14.27
C ASP F 82 35.85 63.12 14.68
N VAL F 83 36.49 63.25 15.85
CA VAL F 83 37.41 62.21 16.30
C VAL F 83 36.81 60.91 16.78
N ALA F 84 37.01 59.88 15.97
CA ALA F 84 36.53 58.52 16.24
C ALA F 84 37.12 57.56 15.19
N THR F 85 36.93 56.27 15.36
CA THR F 85 37.35 55.30 14.36
C THR F 85 36.26 55.21 13.29
N TYR F 86 36.66 55.22 12.02
CA TYR F 86 35.75 55.14 10.89
C TYR F 86 35.92 53.81 10.18
N TYR F 87 34.80 53.17 9.87
CA TYR F 87 34.81 51.81 9.28
C TYR F 87 34.01 51.79 7.99
N CYS F 88 34.44 50.98 7.04
CA CYS F 88 33.72 50.80 5.76
C CYS F 88 33.14 49.38 5.74
N GLN F 89 31.92 49.21 5.29
CA GLN F 89 31.36 47.84 5.22
C GLN F 89 30.75 47.63 3.84
N GLN F 90 30.99 46.50 3.21
CA GLN F 90 30.37 46.23 1.90
C GLN F 90 28.98 45.62 2.15
N HIS F 91 27.98 46.01 1.39
CA HIS F 91 26.62 45.43 1.52
C HIS F 91 26.20 44.80 0.19
N ASP F 92 27.16 44.49 -0.67
CA ASP F 92 26.86 43.86 -1.99
C ASP F 92 26.85 42.34 -1.88
N ASN F 93 27.55 41.77 -0.91
CA ASN F 93 27.67 40.29 -0.85
C ASN F 93 27.57 39.80 0.60
N LEU F 94 27.17 38.55 0.75
CA LEU F 94 27.08 37.86 2.05
C LEU F 94 28.24 36.88 2.11
N PRO F 95 29.03 36.89 3.17
CA PRO F 95 28.78 37.62 4.42
C PRO F 95 29.16 39.08 4.35
N LEU F 96 28.40 39.92 5.05
CA LEU F 96 28.73 41.33 5.16
C LEU F 96 30.03 41.49 5.91
N THR F 97 30.94 42.28 5.33
CA THR F 97 32.30 42.34 5.84
C THR F 97 32.72 43.79 6.04
N PHE F 98 33.46 44.02 7.10
CA PHE F 98 33.88 45.38 7.49
C PHE F 98 35.38 45.58 7.29
N GLY F 99 35.76 46.83 7.17
CA GLY F 99 37.16 47.25 7.07
C GLY F 99 37.82 47.28 8.44
N GLY F 100 39.13 47.35 8.51
CA GLY F 100 39.86 47.41 9.79
C GLY F 100 39.49 48.64 10.59
N GLY F 101 39.28 49.76 9.93
CA GLY F 101 38.88 51.01 10.59
C GLY F 101 40.02 52.01 10.62
N THR F 102 39.70 53.28 10.61
CA THR F 102 40.77 54.30 10.64
C THR F 102 40.56 55.18 11.86
N LYS F 103 41.51 55.24 12.76
CA LYS F 103 41.39 56.10 13.93
C LYS F 103 41.78 57.52 13.56
N VAL F 104 40.87 58.47 13.78
CA VAL F 104 41.08 59.87 13.42
C VAL F 104 41.25 60.67 14.71
N GLU F 105 42.41 61.30 14.85
CA GLU F 105 42.70 62.18 15.99
C GLU F 105 43.08 63.56 15.48
N ILE F 106 43.22 64.48 16.43
CA ILE F 106 43.41 65.90 16.12
C ILE F 106 44.72 66.39 16.71
N LYS F 107 45.47 67.15 15.90
CA LYS F 107 46.55 67.98 16.40
C LYS F 107 45.99 69.35 16.75
N ARG F 108 46.36 69.85 17.94
CA ARG F 108 45.91 71.14 18.42
C ARG F 108 47.04 71.78 19.21
N THR F 109 46.84 73.01 19.65
CA THR F 109 47.89 73.72 20.39
C THR F 109 48.21 72.98 21.68
N VAL F 110 49.45 73.16 22.16
CA VAL F 110 49.88 72.51 23.39
C VAL F 110 49.07 73.04 24.57
N ALA F 111 48.71 72.14 25.48
CA ALA F 111 47.92 72.48 26.65
C ALA F 111 48.45 71.68 27.84
N ALA F 112 48.86 72.38 28.88
CA ALA F 112 49.42 71.71 30.06
C ALA F 112 48.31 71.08 30.89
N PRO F 113 48.64 70.07 31.70
CA PRO F 113 47.63 69.42 32.52
C PRO F 113 47.39 70.14 33.83
N SER F 114 46.18 69.96 34.36
CA SER F 114 45.84 70.37 35.72
C SER F 114 45.93 69.15 36.62
N VAL F 115 46.82 69.19 37.60
CA VAL F 115 47.16 68.03 38.42
C VAL F 115 46.42 68.13 39.76
N PHE F 116 45.78 67.03 40.15
CA PHE F 116 45.16 66.87 41.46
C PHE F 116 45.61 65.56 42.08
N ILE F 117 45.79 65.54 43.38
CA ILE F 117 46.18 64.32 44.10
C ILE F 117 45.10 64.00 45.13
N PHE F 118 44.79 62.71 45.25
CA PHE F 118 43.70 62.24 46.09
C PHE F 118 44.21 61.23 47.11
N PRO F 119 44.10 61.50 48.40
CA PRO F 119 44.48 60.50 49.40
C PRO F 119 43.50 59.35 49.41
N PRO F 120 43.88 58.20 49.96
CA PRO F 120 42.93 57.09 50.08
C PRO F 120 41.84 57.38 51.10
N SER F 121 40.63 56.94 50.80
CA SER F 121 39.51 57.19 51.71
C SER F 121 39.66 56.36 52.97
N ASP F 122 39.06 56.85 54.05
CA ASP F 122 39.11 56.12 55.31
C ASP F 122 38.31 54.84 55.25
N GLU F 123 37.28 54.79 54.39
CA GLU F 123 36.58 53.53 54.14
C GLU F 123 37.52 52.48 53.59
N GLN F 124 38.39 52.87 52.65
CA GLN F 124 39.33 51.91 52.07
C GLN F 124 40.39 51.49 53.08
N LEU F 125 40.84 52.40 53.94
CA LEU F 125 41.88 52.05 54.91
C LEU F 125 41.37 51.05 55.94
N LYS F 126 40.06 51.03 56.20
CA LYS F 126 39.51 50.03 57.11
C LYS F 126 39.57 48.62 56.53
N SER F 127 39.69 48.48 55.21
CA SER F 127 39.74 47.18 54.58
C SER F 127 41.15 46.63 54.45
N GLY F 128 42.17 47.44 54.71
CA GLY F 128 43.55 47.00 54.67
C GLY F 128 44.34 47.42 53.45
N THR F 129 43.78 48.22 52.56
CA THR F 129 44.50 48.63 51.37
C THR F 129 44.45 50.14 51.24
N ALA F 130 45.36 50.67 50.44
CA ALA F 130 45.42 52.12 50.23
C ALA F 130 45.64 52.41 48.75
N SER F 131 44.84 53.32 48.21
CA SER F 131 44.97 53.74 46.82
C SER F 131 45.11 55.26 46.77
N VAL F 132 46.24 55.72 46.25
CA VAL F 132 46.52 57.14 46.06
C VAL F 132 46.37 57.45 44.58
N VAL F 133 45.58 58.46 44.25
CA VAL F 133 45.23 58.76 42.86
C VAL F 133 45.75 60.14 42.51
N CYS F 134 46.49 60.22 41.40
CA CYS F 134 46.90 61.48 40.80
C CYS F 134 46.20 61.62 39.45
N LEU F 135 45.68 62.81 39.20
CA LEU F 135 44.82 63.06 38.04
C LEU F 135 45.39 64.19 37.20
N LEU F 136 45.69 63.91 35.95
CA LEU F 136 46.10 64.92 34.99
C LEU F 136 44.91 65.23 34.09
N ASN F 137 44.50 66.48 34.06
CA ASN F 137 43.23 66.86 33.43
C ASN F 137 43.47 67.77 32.25
N ASN F 138 42.89 67.39 31.10
CA ASN F 138 42.75 68.22 29.92
C ASN F 138 44.10 68.79 29.47
N PHE F 139 44.94 67.87 28.97
CA PHE F 139 46.24 68.21 28.42
C PHE F 139 46.37 67.67 27.00
N TYR F 140 47.34 68.22 26.28
CA TYR F 140 47.73 67.84 24.93
C TYR F 140 49.19 68.27 24.82
N PRO F 141 50.05 67.44 24.19
CA PRO F 141 49.76 66.15 23.56
C PRO F 141 49.59 65.02 24.58
N ARG F 142 49.27 63.82 24.07
CA ARG F 142 48.99 62.69 24.94
C ARG F 142 50.21 62.26 25.74
N GLU F 143 51.41 62.46 25.18
CA GLU F 143 52.64 62.06 25.86
C GLU F 143 52.77 62.79 27.19
N ALA F 144 52.89 62.02 28.27
CA ALA F 144 53.02 62.58 29.61
C ALA F 144 53.85 61.61 30.46
N LYS F 145 54.13 62.03 31.69
CA LYS F 145 54.99 61.26 32.58
C LYS F 145 54.65 61.63 34.02
N VAL F 146 54.23 60.65 34.81
CA VAL F 146 53.97 60.87 36.22
C VAL F 146 54.93 60.00 37.03
N GLN F 147 55.38 60.54 38.17
CA GLN F 147 56.20 59.78 39.09
C GLN F 147 55.68 60.00 40.50
N TRP F 148 55.60 58.92 41.26
CA TRP F 148 55.16 58.95 42.64
C TRP F 148 56.38 59.02 43.55
N LYS F 149 56.33 59.89 44.55
CA LYS F 149 57.37 59.96 45.56
C LYS F 149 56.73 59.87 46.93
N VAL F 150 57.23 58.94 47.74
CA VAL F 150 56.74 58.72 49.10
C VAL F 150 57.89 59.02 50.05
N ASP F 151 57.75 60.10 50.82
CA ASP F 151 58.85 60.66 51.61
C ASP F 151 60.05 60.98 50.73
N ASN F 152 59.76 61.49 49.53
CA ASN F 152 60.73 61.86 48.50
C ASN F 152 61.49 60.67 47.95
N ALA F 153 61.00 59.46 48.15
CA ALA F 153 61.61 58.25 47.59
C ALA F 153 60.81 57.80 46.38
N LEU F 154 61.48 57.70 45.24
CA LEU F 154 60.81 57.37 43.99
C LEU F 154 60.21 55.96 44.05
N GLN F 155 59.02 55.81 43.52
CA GLN F 155 58.31 54.50 43.55
C GLN F 155 58.21 53.93 42.13
N SER F 156 58.49 52.64 41.98
CA SER F 156 58.38 51.97 40.66
C SER F 156 57.69 50.61 40.81
N GLY F 157 56.81 50.27 39.86
CA GLY F 157 56.12 48.97 39.84
C GLY F 157 54.94 48.89 40.80
N ASN F 158 54.56 49.99 41.44
CA ASN F 158 53.43 49.96 42.40
C ASN F 158 52.29 50.83 41.87
N SER F 159 52.30 51.18 40.60
CA SER F 159 51.20 52.05 40.09
C SER F 159 50.84 51.70 38.64
N GLN F 160 49.64 52.09 38.23
CA GLN F 160 49.15 51.90 36.88
C GLN F 160 48.45 53.17 36.42
N GLU F 161 48.59 53.48 35.13
CA GLU F 161 48.00 54.67 34.54
C GLU F 161 46.84 54.28 33.63
N SER F 162 45.98 55.26 33.34
CA SER F 162 44.85 55.07 32.44
C SER F 162 44.56 56.38 31.74
N VAL F 163 44.32 56.32 30.44
CA VAL F 163 44.17 57.52 29.61
C VAL F 163 42.82 57.50 28.93
N THR F 164 42.10 58.61 29.02
CA THR F 164 40.87 58.76 28.25
C THR F 164 41.21 58.95 26.78
N GLU F 165 40.21 58.69 25.94
CA GLU F 165 40.34 59.01 24.54
C GLU F 165 40.28 60.52 24.36
N GLN F 166 40.55 60.97 23.14
CA GLN F 166 40.64 62.39 22.87
C GLN F 166 39.25 63.02 22.98
N ASP F 167 39.15 64.07 23.79
CA ASP F 167 37.86 64.70 24.04
C ASP F 167 37.30 65.33 22.77
N SER F 168 35.98 65.19 22.57
CA SER F 168 35.34 65.66 21.35
C SER F 168 35.10 67.16 21.33
N LYS F 169 35.30 67.87 22.44
CA LYS F 169 35.03 69.30 22.48
C LYS F 169 36.30 70.15 22.50
N ASP F 170 37.35 69.73 23.21
CA ASP F 170 38.58 70.51 23.28
C ASP F 170 39.81 69.74 22.82
N SER F 171 39.64 68.53 22.28
CA SER F 171 40.73 67.71 21.72
C SER F 171 41.85 67.47 22.72
N THR F 172 41.55 67.42 24.00
CA THR F 172 42.57 67.13 25.00
C THR F 172 42.43 65.70 25.50
N TYR F 173 43.42 65.30 26.28
CA TYR F 173 43.45 64.02 26.94
C TYR F 173 43.39 64.22 28.45
N SER F 174 43.16 63.14 29.15
CA SER F 174 43.22 63.13 30.60
C SER F 174 43.77 61.79 31.03
N LEU F 175 44.49 61.80 32.14
CA LEU F 175 45.17 60.62 32.62
C LEU F 175 44.88 60.47 34.10
N SER F 176 44.90 59.22 34.58
CA SER F 176 44.88 58.96 36.01
C SER F 176 45.90 57.87 36.29
N SER F 177 46.82 58.17 37.19
CA SER F 177 47.74 57.18 37.74
C SER F 177 47.31 56.85 39.17
N THR F 178 47.34 55.57 39.52
CA THR F 178 46.93 55.12 40.84
C THR F 178 48.07 54.34 41.49
N LEU F 179 48.44 54.77 42.69
CA LEU F 179 49.49 54.13 43.47
C LEU F 179 48.85 53.29 44.57
N THR F 180 49.13 51.99 44.57
CA THR F 180 48.49 51.06 45.49
C THR F 180 49.51 50.56 46.52
N LEU F 181 49.16 50.73 47.80
CA LEU F 181 49.97 50.26 48.92
C LEU F 181 49.09 49.49 49.90
N SER F 182 49.75 48.72 50.75
CA SER F 182 49.06 48.09 51.86
C SER F 182 48.80 49.11 52.97
N LYS F 183 47.91 48.73 53.89
CA LYS F 183 47.62 49.60 55.02
C LYS F 183 48.85 49.75 55.92
N ALA F 184 49.64 48.69 56.06
CA ALA F 184 50.83 48.77 56.90
C ALA F 184 51.87 49.70 56.29
N ASP F 185 52.11 49.60 54.99
CA ASP F 185 53.11 50.44 54.34
C ASP F 185 52.64 51.87 54.13
N TYR F 186 51.32 52.11 54.11
CA TYR F 186 50.82 53.47 53.99
C TYR F 186 51.12 54.26 55.25
N GLU F 187 50.82 53.69 56.43
CA GLU F 187 50.99 54.38 57.69
C GLU F 187 52.45 54.55 58.09
N LYS F 188 53.40 54.07 57.26
CA LYS F 188 54.82 54.19 57.57
C LYS F 188 55.41 55.53 57.17
N HIS F 189 54.85 56.18 56.14
CA HIS F 189 55.43 57.40 55.61
C HIS F 189 54.43 58.55 55.66
N LYS F 190 54.97 59.76 55.54
CA LYS F 190 54.19 60.98 55.71
C LYS F 190 53.84 61.66 54.39
N VAL F 191 54.83 61.96 53.57
CA VAL F 191 54.61 62.79 52.39
C VAL F 191 54.33 61.91 51.18
N TYR F 192 53.22 62.18 50.49
CA TYR F 192 52.84 61.48 49.27
C TYR F 192 52.70 62.52 48.17
N ALA F 193 53.53 62.39 47.14
CA ALA F 193 53.65 63.40 46.10
C ALA F 193 53.52 62.77 44.73
N CYS F 194 53.13 63.61 43.78
CA CYS F 194 52.89 63.22 42.39
C CYS F 194 53.61 64.19 41.48
N GLU F 195 54.68 63.72 40.83
CA GLU F 195 55.56 64.58 40.02
C GLU F 195 55.24 64.38 38.55
N VAL F 196 54.84 65.47 37.89
CA VAL F 196 54.25 65.43 36.55
C VAL F 196 55.15 66.17 35.58
N THR F 197 55.46 65.54 34.46
CA THR F 197 56.29 66.14 33.43
C THR F 197 55.52 66.17 32.12
N HIS F 198 55.48 67.33 31.48
CA HIS F 198 54.71 67.49 30.25
C HIS F 198 55.26 68.66 29.45
N GLN F 199 55.10 68.56 28.13
CA GLN F 199 55.60 69.60 27.22
C GLN F 199 55.04 70.98 27.55
N GLY F 200 53.80 71.05 28.02
CA GLY F 200 53.18 72.33 28.34
C GLY F 200 53.61 72.93 29.65
N LEU F 201 54.38 72.20 30.46
CA LEU F 201 54.86 72.68 31.75
C LEU F 201 56.32 73.07 31.60
N SER F 202 56.64 74.31 31.95
CA SER F 202 58.05 74.73 31.92
C SER F 202 58.86 74.04 33.00
N SER F 203 58.21 73.64 34.09
CA SER F 203 58.87 73.03 35.24
C SER F 203 57.96 71.94 35.78
N PRO F 204 58.54 70.82 36.23
CA PRO F 204 57.71 69.71 36.71
C PRO F 204 56.81 70.13 37.87
N VAL F 205 55.52 69.84 37.75
CA VAL F 205 54.54 70.17 38.78
C VAL F 205 54.46 69.02 39.77
N THR F 206 54.31 69.36 41.04
CA THR F 206 54.24 68.39 42.12
C THR F 206 53.04 68.72 43.00
N LYS F 207 52.15 67.75 43.17
CA LYS F 207 51.04 67.84 44.11
C LYS F 207 51.20 66.76 45.17
N SER F 208 51.06 67.14 46.44
CA SER F 208 51.39 66.24 47.52
C SER F 208 50.45 66.46 48.71
N PHE F 209 50.56 65.55 49.68
CA PHE F 209 49.78 65.64 50.91
C PHE F 209 50.49 64.82 51.99
N ASN F 210 50.16 65.13 53.24
CA ASN F 210 50.60 64.33 54.38
C ASN F 210 49.41 63.62 54.99
N ARG F 211 49.63 62.39 55.46
CA ARG F 211 48.57 61.70 56.20
C ARG F 211 48.14 62.54 57.38
N GLY F 212 46.84 62.82 57.47
CA GLY F 212 46.30 63.62 58.56
C GLY F 212 45.74 64.96 58.13
N GLN G 1 -15.92 -45.60 -34.44
CA GLN G 1 -17.34 -45.93 -34.29
C GLN G 1 -17.96 -45.26 -33.07
N VAL G 2 -19.24 -44.92 -33.18
CA VAL G 2 -19.96 -44.26 -32.08
C VAL G 2 -20.24 -45.29 -31.00
N GLN G 3 -19.61 -45.15 -29.84
CA GLN G 3 -19.68 -46.18 -28.81
C GLN G 3 -19.15 -45.61 -27.50
N LEU G 4 -19.69 -46.10 -26.38
CA LEU G 4 -19.21 -45.75 -25.05
C LEU G 4 -18.83 -47.03 -24.31
N VAL G 5 -17.57 -47.13 -23.91
CA VAL G 5 -17.05 -48.32 -23.25
C VAL G 5 -16.66 -47.96 -21.82
N GLN G 6 -17.11 -48.78 -20.87
CA GLN G 6 -16.88 -48.55 -19.45
C GLN G 6 -15.94 -49.60 -18.86
N SER G 7 -15.40 -49.28 -17.69
CA SER G 7 -14.47 -50.14 -17.00
C SER G 7 -15.20 -51.33 -16.37
N GLY G 8 -14.42 -52.26 -15.83
CA GLY G 8 -14.97 -53.52 -15.36
C GLY G 8 -15.74 -53.40 -14.05
N ALA G 9 -16.58 -54.40 -13.80
CA ALA G 9 -17.32 -54.50 -12.56
C ALA G 9 -16.35 -54.64 -11.38
N GLU G 10 -16.84 -54.24 -10.20
CA GLU G 10 -15.99 -54.19 -9.01
C GLU G 10 -16.82 -54.44 -7.76
N VAL G 11 -16.18 -55.02 -6.76
CA VAL G 11 -16.68 -55.06 -5.40
C VAL G 11 -15.88 -54.03 -4.58
N LYS G 12 -16.58 -53.27 -3.76
CA LYS G 12 -15.98 -52.21 -2.96
C LYS G 12 -16.46 -52.33 -1.52
N LYS G 13 -15.53 -52.15 -0.58
CA LYS G 13 -15.92 -52.23 0.82
C LYS G 13 -16.77 -51.02 1.21
N PRO G 14 -17.66 -51.16 2.19
CA PRO G 14 -18.41 -49.99 2.68
C PRO G 14 -17.46 -48.94 3.21
N GLY G 15 -17.71 -47.69 2.82
CA GLY G 15 -16.89 -46.57 3.22
C GLY G 15 -15.76 -46.24 2.26
N SER G 16 -15.43 -47.15 1.34
CA SER G 16 -14.39 -46.92 0.36
C SER G 16 -14.93 -46.06 -0.77
N SER G 17 -14.11 -45.85 -1.81
CA SER G 17 -14.49 -45.05 -2.97
C SER G 17 -14.30 -45.86 -4.24
N VAL G 18 -15.18 -45.65 -5.21
CA VAL G 18 -15.14 -46.36 -6.49
C VAL G 18 -15.01 -45.34 -7.61
N LYS G 19 -14.18 -45.67 -8.60
CA LYS G 19 -13.96 -44.81 -9.75
C LYS G 19 -14.33 -45.61 -11.00
N VAL G 20 -15.26 -45.07 -11.79
CA VAL G 20 -15.73 -45.69 -13.01
C VAL G 20 -15.31 -44.80 -14.17
N SER G 21 -14.78 -45.41 -15.23
CA SER G 21 -14.34 -44.69 -16.41
C SER G 21 -15.30 -44.97 -17.56
N CYS G 22 -15.30 -44.05 -18.52
CA CYS G 22 -16.21 -44.14 -19.67
C CYS G 22 -15.48 -43.56 -20.87
N LYS G 23 -14.88 -44.42 -21.68
CA LYS G 23 -14.13 -43.99 -22.85
C LYS G 23 -15.04 -43.89 -24.06
N ALA G 24 -15.01 -42.74 -24.73
CA ALA G 24 -15.86 -42.47 -25.88
C ALA G 24 -15.04 -42.55 -27.17
N SER G 25 -15.66 -43.09 -28.21
CA SER G 25 -15.07 -43.12 -29.53
C SER G 25 -16.10 -42.64 -30.54
N GLY G 26 -15.62 -42.19 -31.69
CA GLY G 26 -16.51 -41.67 -32.71
C GLY G 26 -16.97 -40.25 -32.45
N GLY G 27 -16.10 -39.42 -31.91
CA GLY G 27 -16.42 -38.04 -31.58
C GLY G 27 -15.68 -37.65 -30.31
N THR G 28 -15.47 -36.33 -30.17
CA THR G 28 -14.79 -35.84 -28.98
C THR G 28 -15.62 -36.13 -27.73
N LEU G 29 -14.91 -36.31 -26.61
CA LEU G 29 -15.59 -36.63 -25.35
C LEU G 29 -16.54 -35.52 -24.93
N SER G 30 -16.15 -34.26 -25.11
CA SER G 30 -16.99 -33.16 -24.64
C SER G 30 -18.22 -32.97 -25.50
N SER G 31 -18.26 -33.54 -26.71
CA SER G 31 -19.43 -33.38 -27.57
C SER G 31 -20.61 -34.22 -27.11
N TYR G 32 -20.37 -35.29 -26.35
CA TYR G 32 -21.44 -36.19 -25.94
C TYR G 32 -22.25 -35.66 -24.77
N GLY G 33 -21.70 -34.76 -23.96
CA GLY G 33 -22.38 -34.34 -22.75
C GLY G 33 -22.62 -35.48 -21.80
N ILE G 34 -21.55 -36.13 -21.34
CA ILE G 34 -21.68 -37.35 -20.56
C ILE G 34 -22.38 -37.06 -19.24
N SER G 35 -23.43 -37.80 -18.97
CA SER G 35 -24.04 -37.87 -17.64
C SER G 35 -23.80 -39.27 -17.06
N TRP G 36 -24.11 -39.43 -15.78
CA TRP G 36 -24.01 -40.74 -15.13
C TRP G 36 -25.34 -41.11 -14.51
N VAL G 37 -25.89 -42.25 -14.93
CA VAL G 37 -27.18 -42.74 -14.47
C VAL G 37 -26.99 -44.14 -13.89
N ARG G 38 -27.46 -44.35 -12.67
CA ARG G 38 -27.33 -45.66 -12.02
C ARG G 38 -28.70 -46.31 -11.85
N GLN G 39 -28.66 -47.63 -11.71
CA GLN G 39 -29.87 -48.46 -11.62
C GLN G 39 -29.61 -49.55 -10.59
N ALA G 40 -30.20 -49.39 -9.40
CA ALA G 40 -30.11 -50.40 -8.37
C ALA G 40 -30.78 -51.70 -8.86
N PRO G 41 -30.37 -52.85 -8.32
CA PRO G 41 -30.93 -54.12 -8.81
C PRO G 41 -32.45 -54.17 -8.76
N GLY G 42 -33.07 -54.32 -9.93
CA GLY G 42 -34.52 -54.43 -10.03
C GLY G 42 -35.28 -53.14 -9.83
N GLN G 43 -34.62 -51.99 -9.90
CA GLN G 43 -35.25 -50.71 -9.64
C GLN G 43 -35.10 -49.79 -10.85
N GLY G 44 -35.41 -48.52 -10.66
CA GLY G 44 -35.47 -47.57 -11.74
C GLY G 44 -34.15 -46.88 -12.03
N LEU G 45 -34.20 -45.89 -12.91
CA LEU G 45 -33.04 -45.11 -13.33
C LEU G 45 -32.92 -43.84 -12.48
N GLU G 46 -31.71 -43.58 -11.98
CA GLU G 46 -31.46 -42.42 -11.12
C GLU G 46 -30.27 -41.64 -11.69
N TRP G 47 -30.44 -40.33 -11.82
CA TRP G 47 -29.43 -39.46 -12.42
C TRP G 47 -28.52 -38.88 -11.34
N LEU G 48 -27.22 -39.17 -11.43
CA LEU G 48 -26.25 -38.65 -10.46
C LEU G 48 -25.77 -37.26 -10.78
N GLY G 49 -25.69 -36.91 -12.05
CA GLY G 49 -25.14 -35.65 -12.49
C GLY G 49 -24.56 -35.82 -13.87
N GLY G 50 -24.25 -34.70 -14.51
CA GLY G 50 -23.78 -34.79 -15.88
C GLY G 50 -23.15 -33.49 -16.32
N SER G 51 -22.80 -33.47 -17.60
CA SER G 51 -22.06 -32.35 -18.17
C SER G 51 -22.99 -31.17 -18.45
N ILE G 52 -22.50 -29.98 -18.17
CA ILE G 52 -23.17 -28.74 -18.54
C ILE G 52 -22.19 -27.92 -19.38
N PRO G 53 -22.23 -28.06 -20.71
CA PRO G 53 -21.21 -27.40 -21.54
C PRO G 53 -21.13 -25.90 -21.34
N ILE G 54 -22.27 -25.23 -21.13
CA ILE G 54 -22.23 -23.78 -21.00
C ILE G 54 -21.50 -23.35 -19.72
N LEU G 55 -21.37 -24.24 -18.75
CA LEU G 55 -20.55 -23.98 -17.56
C LEU G 55 -19.15 -24.55 -17.68
N GLY G 56 -18.86 -25.35 -18.72
CA GLY G 56 -17.56 -25.97 -18.85
C GLY G 56 -17.21 -26.97 -17.78
N THR G 57 -18.21 -27.50 -17.07
CA THR G 57 -17.99 -28.42 -15.97
C THR G 57 -19.22 -29.31 -15.84
N SER G 58 -19.15 -30.26 -14.91
CA SER G 58 -20.29 -31.08 -14.54
C SER G 58 -20.83 -30.63 -13.19
N VAL G 59 -22.16 -30.88 -12.98
CA VAL G 59 -22.91 -30.51 -11.79
C VAL G 59 -23.66 -31.74 -11.28
N TYR G 60 -23.84 -31.88 -10.01
CA TYR G 60 -24.35 -33.11 -9.42
C TYR G 60 -25.68 -32.86 -8.75
N ALA G 61 -26.49 -33.92 -8.67
CA ALA G 61 -27.73 -33.86 -7.91
C ALA G 61 -27.42 -33.66 -6.43
N GLN G 62 -28.36 -33.05 -5.71
CA GLN G 62 -28.11 -32.71 -4.31
C GLN G 62 -27.86 -33.95 -3.45
N LYS G 63 -28.49 -35.07 -3.81
CA LYS G 63 -28.30 -36.32 -3.06
C LYS G 63 -26.85 -36.77 -3.08
N PHE G 64 -26.11 -36.45 -4.12
CA PHE G 64 -24.73 -36.90 -4.26
C PHE G 64 -23.71 -35.77 -4.15
N GLN G 65 -24.16 -34.51 -4.02
CA GLN G 65 -23.23 -33.42 -3.83
C GLN G 65 -22.47 -33.60 -2.52
N GLY G 66 -21.14 -33.74 -2.63
CA GLY G 66 -20.28 -33.92 -1.48
C GLY G 66 -19.50 -35.23 -1.52
N ARG G 67 -20.01 -36.23 -2.24
CA ARG G 67 -19.30 -37.51 -2.33
C ARG G 67 -19.26 -38.06 -3.76
N VAL G 68 -19.58 -37.24 -4.76
CA VAL G 68 -19.40 -37.61 -6.15
C VAL G 68 -18.62 -36.51 -6.86
N THR G 69 -17.68 -36.90 -7.73
CA THR G 69 -16.94 -35.98 -8.56
C THR G 69 -16.82 -36.60 -9.95
N MET G 70 -17.00 -35.77 -10.98
CA MET G 70 -16.97 -36.21 -12.36
C MET G 70 -15.92 -35.40 -13.11
N THR G 71 -14.94 -36.09 -13.69
CA THR G 71 -13.88 -35.44 -14.45
C THR G 71 -13.94 -35.91 -15.90
N ALA G 72 -13.40 -35.08 -16.79
CA ALA G 72 -13.37 -35.39 -18.21
C ALA G 72 -12.00 -35.04 -18.77
N ASP G 73 -11.35 -36.00 -19.40
CA ASP G 73 -10.06 -35.81 -20.06
C ASP G 73 -10.29 -35.89 -21.56
N GLU G 74 -10.07 -34.77 -22.25
CA GLU G 74 -10.31 -34.73 -23.70
C GLU G 74 -9.21 -35.47 -24.46
N SER G 75 -7.99 -35.50 -23.94
CA SER G 75 -6.90 -36.14 -24.65
C SER G 75 -7.10 -37.65 -24.72
N THR G 76 -7.54 -38.26 -23.62
CA THR G 76 -7.82 -39.69 -23.60
C THR G 76 -9.26 -40.02 -23.97
N SER G 77 -10.11 -39.00 -24.21
CA SER G 77 -11.52 -39.22 -24.53
C SER G 77 -12.22 -40.07 -23.47
N THR G 78 -11.81 -39.95 -22.22
CA THR G 78 -12.34 -40.76 -21.13
C THR G 78 -12.94 -39.86 -20.07
N ALA G 79 -14.19 -40.12 -19.73
CA ALA G 79 -14.85 -39.49 -18.58
C ALA G 79 -14.77 -40.41 -17.37
N HIS G 80 -14.66 -39.80 -16.20
CA HIS G 80 -14.55 -40.54 -14.94
C HIS G 80 -15.58 -40.01 -13.96
N MET G 81 -16.03 -40.91 -13.09
CA MET G 81 -16.87 -40.54 -11.96
C MET G 81 -16.36 -41.26 -10.72
N GLU G 82 -16.22 -40.51 -9.64
CA GLU G 82 -15.82 -41.07 -8.36
C GLU G 82 -16.97 -40.91 -7.37
N LEU G 83 -17.21 -41.96 -6.58
CA LEU G 83 -18.30 -41.96 -5.60
C LEU G 83 -17.74 -42.53 -4.30
N SER G 84 -17.53 -41.66 -3.31
CA SER G 84 -16.91 -42.03 -2.06
C SER G 84 -17.97 -42.36 -0.99
N SER G 85 -17.50 -42.79 0.18
CA SER G 85 -18.38 -43.13 1.31
C SER G 85 -19.46 -44.10 0.89
N LEU G 86 -19.04 -45.22 0.30
CA LEU G 86 -19.99 -46.15 -0.28
C LEU G 86 -20.80 -46.87 0.81
N ARG G 87 -22.05 -47.11 0.51
CA ARG G 87 -23.00 -47.78 1.37
C ARG G 87 -23.62 -48.94 0.61
N PHE G 88 -24.29 -49.83 1.34
CA PHE G 88 -24.93 -50.97 0.71
C PHE G 88 -25.96 -50.53 -0.32
N ASP G 89 -26.63 -49.40 -0.09
CA ASP G 89 -27.61 -48.89 -1.04
C ASP G 89 -26.97 -48.22 -2.25
N ASP G 90 -25.64 -48.16 -2.31
CA ASP G 90 -24.95 -47.70 -3.51
C ASP G 90 -24.69 -48.82 -4.50
N THR G 91 -24.96 -50.08 -4.13
CA THR G 91 -24.88 -51.22 -5.05
C THR G 91 -25.82 -51.00 -6.23
N ALA G 92 -25.26 -50.84 -7.42
CA ALA G 92 -26.07 -50.61 -8.62
C ALA G 92 -25.20 -50.81 -9.85
N ILE G 93 -25.86 -50.79 -11.00
CA ILE G 93 -25.16 -50.70 -12.29
C ILE G 93 -25.04 -49.22 -12.64
N TYR G 94 -23.82 -48.79 -12.97
CA TYR G 94 -23.57 -47.39 -13.29
C TYR G 94 -23.35 -47.25 -14.79
N TYR G 95 -24.25 -46.49 -15.43
CA TYR G 95 -24.13 -46.19 -16.85
C TYR G 95 -23.61 -44.78 -17.04
N CYS G 96 -22.80 -44.58 -18.07
CA CYS G 96 -22.61 -43.26 -18.63
C CYS G 96 -23.50 -43.13 -19.85
N ALA G 97 -24.02 -41.93 -20.08
CA ALA G 97 -25.00 -41.72 -21.14
C ALA G 97 -24.69 -40.41 -21.84
N GLY G 98 -25.04 -40.36 -23.12
CA GLY G 98 -24.72 -39.19 -23.91
C GLY G 98 -25.68 -38.99 -25.06
N VAL G 99 -25.38 -38.02 -25.91
CA VAL G 99 -26.20 -37.68 -27.07
C VAL G 99 -25.31 -37.73 -28.30
N ARG G 100 -25.72 -38.51 -29.29
CA ARG G 100 -24.88 -38.76 -30.46
C ARG G 100 -24.84 -37.53 -31.38
N GLU G 101 -23.79 -37.48 -32.21
CA GLU G 101 -23.67 -36.49 -33.28
C GLU G 101 -23.72 -35.06 -32.76
N GLY G 102 -23.28 -34.83 -31.53
CA GLY G 102 -23.19 -33.49 -31.01
C GLY G 102 -24.50 -32.76 -30.83
N MET G 103 -25.59 -33.50 -30.62
CA MET G 103 -26.89 -32.89 -30.39
C MET G 103 -27.17 -32.63 -28.91
N ALA G 104 -26.18 -32.78 -28.05
CA ALA G 104 -26.39 -32.60 -26.62
C ALA G 104 -26.54 -31.11 -26.31
N ALA G 105 -27.64 -30.74 -25.65
CA ALA G 105 -27.87 -29.34 -25.34
C ALA G 105 -26.79 -28.82 -24.41
N ILE G 106 -26.37 -27.58 -24.64
CA ILE G 106 -25.35 -26.96 -23.78
C ILE G 106 -25.88 -26.70 -22.38
N SER G 107 -27.19 -26.73 -22.19
CA SER G 107 -27.78 -26.61 -20.85
C SER G 107 -27.70 -27.89 -20.04
N GLY G 108 -27.35 -29.02 -20.67
CA GLY G 108 -27.32 -30.29 -19.98
C GLY G 108 -28.66 -30.99 -19.82
N LYS G 109 -29.74 -30.39 -20.30
CA LYS G 109 -31.08 -30.97 -20.15
C LYS G 109 -31.36 -31.90 -21.34
N ASN G 110 -30.83 -33.11 -21.24
CA ASN G 110 -30.77 -34.00 -22.38
C ASN G 110 -31.58 -35.27 -22.15
N ALA G 111 -32.05 -35.85 -23.23
CA ALA G 111 -32.42 -37.25 -23.28
C ALA G 111 -31.31 -37.98 -24.02
N PHE G 112 -30.97 -39.18 -23.54
CA PHE G 112 -29.75 -39.86 -23.95
C PHE G 112 -30.07 -40.99 -24.93
N ASP G 113 -29.40 -40.97 -26.09
CA ASP G 113 -29.56 -42.01 -27.10
C ASP G 113 -28.31 -42.84 -27.33
N ILE G 114 -27.26 -42.66 -26.51
CA ILE G 114 -26.13 -43.57 -26.51
C ILE G 114 -25.80 -43.89 -25.05
N TRP G 115 -25.62 -45.17 -24.76
CA TRP G 115 -25.41 -45.65 -23.39
C TRP G 115 -24.22 -46.60 -23.34
N GLY G 116 -23.38 -46.43 -22.33
CA GLY G 116 -22.35 -47.41 -22.07
C GLY G 116 -22.94 -48.72 -21.58
N GLN G 117 -22.14 -49.79 -21.67
CA GLN G 117 -22.63 -51.12 -21.31
C GLN G 117 -22.93 -51.24 -19.82
N GLY G 118 -22.48 -50.29 -19.01
CA GLY G 118 -22.78 -50.32 -17.59
C GLY G 118 -21.73 -51.02 -16.76
N THR G 119 -21.46 -50.49 -15.57
CA THR G 119 -20.51 -51.09 -14.64
C THR G 119 -21.27 -51.45 -13.37
N MET G 120 -21.23 -52.71 -12.98
CA MET G 120 -21.89 -53.15 -11.76
C MET G 120 -20.91 -52.97 -10.61
N VAL G 121 -21.25 -52.08 -9.68
CA VAL G 121 -20.49 -51.89 -8.45
C VAL G 121 -21.25 -52.56 -7.33
N THR G 122 -20.56 -53.45 -6.61
CA THR G 122 -21.13 -54.18 -5.48
C THR G 122 -20.44 -53.69 -4.21
N VAL G 123 -21.21 -53.04 -3.34
CA VAL G 123 -20.70 -52.60 -2.05
C VAL G 123 -20.92 -53.73 -1.05
N SER G 124 -19.84 -54.36 -0.63
CA SER G 124 -19.92 -55.48 0.29
C SER G 124 -18.57 -55.64 0.97
N SER G 125 -18.58 -56.36 2.08
CA SER G 125 -17.35 -56.69 2.79
C SER G 125 -16.78 -58.05 2.40
N ALA G 126 -17.55 -58.90 1.70
CA ALA G 126 -17.10 -60.23 1.34
C ALA G 126 -16.04 -60.18 0.25
N SER G 127 -15.26 -61.26 0.15
CA SER G 127 -14.14 -61.34 -0.78
C SER G 127 -14.62 -61.72 -2.18
N THR G 128 -13.80 -61.38 -3.17
CA THR G 128 -14.03 -61.82 -4.55
C THR G 128 -13.64 -63.28 -4.67
N LYS G 129 -14.60 -64.12 -5.05
CA LYS G 129 -14.38 -65.56 -5.22
C LYS G 129 -14.84 -65.99 -6.61
N GLY G 130 -14.03 -66.80 -7.27
CA GLY G 130 -14.37 -67.36 -8.55
C GLY G 130 -15.32 -68.55 -8.43
N PRO G 131 -16.07 -68.81 -9.49
CA PRO G 131 -17.06 -69.88 -9.47
C PRO G 131 -16.47 -71.25 -9.79
N SER G 132 -17.26 -72.28 -9.50
CA SER G 132 -17.01 -73.65 -9.91
C SER G 132 -18.05 -74.03 -10.95
N VAL G 133 -17.61 -74.65 -12.04
CA VAL G 133 -18.49 -75.01 -13.15
C VAL G 133 -18.66 -76.53 -13.16
N PHE G 134 -19.89 -76.97 -12.90
CA PHE G 134 -20.24 -78.39 -12.93
C PHE G 134 -21.22 -78.67 -14.05
N PRO G 135 -21.13 -79.83 -14.70
CA PRO G 135 -22.00 -80.11 -15.84
C PRO G 135 -23.39 -80.57 -15.43
N LEU G 136 -24.39 -80.15 -16.21
CA LEU G 136 -25.74 -80.70 -16.10
C LEU G 136 -25.92 -81.65 -17.27
N ALA G 137 -25.44 -82.88 -17.07
CA ALA G 137 -25.35 -83.84 -18.16
C ALA G 137 -26.73 -84.31 -18.59
N PRO G 138 -26.98 -84.47 -19.88
CA PRO G 138 -28.25 -85.01 -20.36
C PRO G 138 -28.29 -86.52 -20.20
N SER G 139 -29.44 -87.10 -20.55
CA SER G 139 -29.60 -88.55 -20.54
C SER G 139 -30.40 -89.03 -21.74
N GLY G 146 -37.83 -86.03 -28.44
CA GLY G 146 -36.82 -85.89 -29.47
C GLY G 146 -35.78 -84.83 -29.16
N THR G 147 -36.07 -83.98 -28.18
CA THR G 147 -35.18 -82.90 -27.77
C THR G 147 -34.76 -83.12 -26.32
N ALA G 148 -33.45 -83.00 -26.07
CA ALA G 148 -32.89 -83.17 -24.74
C ALA G 148 -32.38 -81.83 -24.21
N ALA G 149 -32.08 -81.80 -22.91
CA ALA G 149 -31.64 -80.58 -22.25
C ALA G 149 -30.32 -80.85 -21.53
N LEU G 150 -29.36 -79.94 -21.71
CA LEU G 150 -28.08 -79.99 -21.01
C LEU G 150 -27.70 -78.58 -20.57
N GLY G 151 -26.85 -78.50 -19.55
CA GLY G 151 -26.45 -77.19 -19.08
C GLY G 151 -25.24 -77.21 -18.18
N CYS G 152 -24.96 -76.03 -17.59
CA CYS G 152 -23.84 -75.83 -16.69
C CYS G 152 -24.33 -75.21 -15.38
N LEU G 153 -23.85 -75.76 -14.27
CA LEU G 153 -24.10 -75.22 -12.93
C LEU G 153 -22.88 -74.41 -12.53
N VAL G 154 -23.03 -73.08 -12.58
CA VAL G 154 -21.98 -72.14 -12.18
C VAL G 154 -22.24 -71.79 -10.72
N LYS G 155 -21.49 -72.42 -9.82
CA LYS G 155 -21.81 -72.40 -8.40
C LYS G 155 -20.75 -71.63 -7.62
N ASP G 156 -21.19 -70.92 -6.56
CA ASP G 156 -20.33 -70.27 -5.58
C ASP G 156 -19.38 -69.25 -6.17
N TYR G 157 -19.85 -68.03 -6.39
CA TYR G 157 -18.97 -66.95 -6.84
C TYR G 157 -19.45 -65.64 -6.20
N PHE G 158 -18.58 -64.62 -6.30
CA PHE G 158 -18.84 -63.29 -5.76
C PHE G 158 -17.79 -62.30 -6.27
N PRO G 159 -18.20 -61.11 -6.73
CA PRO G 159 -19.60 -60.69 -6.82
C PRO G 159 -20.19 -61.00 -8.18
N GLU G 160 -21.38 -60.48 -8.46
CA GLU G 160 -21.94 -60.55 -9.79
C GLU G 160 -21.19 -59.60 -10.73
N PRO G 161 -21.25 -59.83 -12.05
CA PRO G 161 -21.98 -60.89 -12.77
C PRO G 161 -21.10 -61.98 -13.36
N VAL G 162 -21.75 -62.96 -13.97
CA VAL G 162 -21.10 -64.02 -14.71
C VAL G 162 -21.79 -64.13 -16.06
N THR G 163 -21.00 -64.10 -17.14
CA THR G 163 -21.51 -64.34 -18.47
C THR G 163 -21.30 -65.81 -18.82
N VAL G 164 -22.30 -66.39 -19.49
CA VAL G 164 -22.22 -67.78 -19.95
C VAL G 164 -22.68 -67.84 -21.40
N SER G 165 -21.82 -68.34 -22.27
CA SER G 165 -22.16 -68.60 -23.66
C SER G 165 -21.95 -70.09 -23.94
N TRP G 166 -22.37 -70.52 -25.12
CA TRP G 166 -22.30 -71.91 -25.51
C TRP G 166 -21.60 -72.06 -26.84
N ASN G 167 -20.59 -72.94 -26.89
CA ASN G 167 -19.80 -73.19 -28.09
C ASN G 167 -19.24 -71.90 -28.68
N SER G 168 -18.64 -71.09 -27.80
CA SER G 168 -18.01 -69.82 -28.19
C SER G 168 -19.00 -68.90 -28.90
N GLY G 169 -20.25 -68.93 -28.46
CA GLY G 169 -21.27 -68.04 -28.99
C GLY G 169 -22.00 -68.54 -30.22
N ALA G 170 -21.60 -69.69 -30.77
CA ALA G 170 -22.28 -70.22 -31.96
C ALA G 170 -23.64 -70.82 -31.64
N LEU G 171 -23.85 -71.27 -30.40
CA LEU G 171 -25.11 -71.89 -29.98
C LEU G 171 -25.91 -70.88 -29.16
N THR G 172 -26.83 -70.17 -29.83
CA THR G 172 -27.61 -69.11 -29.22
C THR G 172 -29.04 -69.51 -28.93
N SER G 173 -29.77 -70.00 -29.94
CA SER G 173 -31.19 -70.30 -29.76
C SER G 173 -31.38 -71.47 -28.81
N GLY G 174 -32.44 -71.41 -28.01
CA GLY G 174 -32.70 -72.43 -27.02
C GLY G 174 -31.87 -72.35 -25.76
N VAL G 175 -31.09 -71.29 -25.59
CA VAL G 175 -30.26 -71.12 -24.40
C VAL G 175 -31.02 -70.29 -23.38
N HIS G 176 -31.05 -70.75 -22.14
CA HIS G 176 -31.63 -69.99 -21.04
C HIS G 176 -30.61 -69.90 -19.92
N THR G 177 -30.06 -68.69 -19.71
CA THR G 177 -29.16 -68.43 -18.60
C THR G 177 -29.98 -67.82 -17.47
N PHE G 178 -30.21 -68.60 -16.42
CA PHE G 178 -31.09 -68.16 -15.35
C PHE G 178 -30.45 -67.03 -14.55
N PRO G 179 -31.26 -66.14 -13.98
CA PRO G 179 -30.71 -65.14 -13.06
C PRO G 179 -30.09 -65.79 -11.83
N ALA G 180 -29.05 -65.16 -11.31
CA ALA G 180 -28.34 -65.71 -10.17
C ALA G 180 -29.18 -65.58 -8.90
N VAL G 181 -28.99 -66.53 -8.00
CA VAL G 181 -29.67 -66.55 -6.71
C VAL G 181 -28.61 -66.43 -5.62
N LEU G 182 -28.94 -65.70 -4.56
CA LEU G 182 -28.04 -65.52 -3.44
C LEU G 182 -28.29 -66.65 -2.44
N GLN G 183 -27.28 -67.48 -2.23
CA GLN G 183 -27.38 -68.59 -1.30
C GLN G 183 -27.14 -68.10 0.12
N SER G 184 -27.43 -68.99 1.08
CA SER G 184 -27.23 -68.67 2.48
C SER G 184 -25.77 -68.35 2.80
N SER G 185 -24.84 -68.85 2.00
CA SER G 185 -23.42 -68.62 2.25
C SER G 185 -22.94 -67.25 1.80
N GLY G 186 -23.83 -66.41 1.25
CA GLY G 186 -23.41 -65.15 0.69
C GLY G 186 -22.85 -65.23 -0.72
N LEU G 187 -22.68 -66.43 -1.28
CA LEU G 187 -22.19 -66.60 -2.63
C LEU G 187 -23.37 -66.77 -3.59
N TYR G 188 -23.17 -66.32 -4.83
CA TYR G 188 -24.18 -66.44 -5.87
C TYR G 188 -24.07 -67.79 -6.57
N SER G 189 -25.19 -68.25 -7.11
CA SER G 189 -25.26 -69.50 -7.84
C SER G 189 -26.10 -69.31 -9.09
N LEU G 190 -25.63 -69.88 -10.20
CA LEU G 190 -26.24 -69.68 -11.51
C LEU G 190 -26.25 -71.01 -12.25
N SER G 191 -27.16 -71.13 -13.21
CA SER G 191 -27.20 -72.29 -14.09
C SER G 191 -27.68 -71.86 -15.46
N SER G 192 -26.99 -72.33 -16.51
CA SER G 192 -27.31 -71.99 -17.89
C SER G 192 -27.64 -73.27 -18.63
N VAL G 193 -28.82 -73.33 -19.25
CA VAL G 193 -29.29 -74.54 -19.91
C VAL G 193 -29.46 -74.27 -21.40
N VAL G 194 -29.52 -75.35 -22.16
CA VAL G 194 -29.77 -75.29 -23.60
C VAL G 194 -30.41 -76.60 -24.04
N THR G 195 -31.48 -76.51 -24.82
CA THR G 195 -32.16 -77.69 -25.34
C THR G 195 -31.68 -77.97 -26.75
N VAL G 196 -31.28 -79.22 -26.98
CA VAL G 196 -30.72 -79.62 -28.27
C VAL G 196 -31.45 -80.88 -28.74
N PRO G 197 -31.34 -81.21 -30.03
CA PRO G 197 -31.90 -82.49 -30.49
C PRO G 197 -31.16 -83.67 -29.91
N SER G 198 -31.92 -84.72 -29.55
CA SER G 198 -31.32 -85.93 -28.99
C SER G 198 -30.45 -86.67 -30.00
N SER G 199 -30.69 -86.48 -31.29
CA SER G 199 -29.95 -87.19 -32.32
C SER G 199 -28.47 -86.86 -32.32
N SER G 200 -28.08 -85.70 -31.81
CA SER G 200 -26.69 -85.26 -31.84
C SER G 200 -26.07 -85.19 -30.45
N LEU G 201 -26.53 -86.05 -29.52
CA LEU G 201 -26.00 -86.01 -28.16
C LEU G 201 -24.56 -86.52 -28.09
N GLY G 202 -24.17 -87.42 -28.99
CA GLY G 202 -22.83 -87.99 -28.91
C GLY G 202 -21.92 -87.57 -30.03
N THR G 203 -22.46 -86.89 -31.04
CA THR G 203 -21.67 -86.49 -32.20
C THR G 203 -21.36 -85.00 -32.23
N GLN G 204 -22.05 -84.18 -31.44
CA GLN G 204 -21.81 -82.75 -31.40
C GLN G 204 -21.32 -82.36 -30.02
N THR G 205 -20.26 -81.55 -29.96
CA THR G 205 -19.73 -81.10 -28.69
C THR G 205 -20.52 -79.89 -28.18
N TYR G 206 -20.69 -79.82 -26.86
CA TYR G 206 -21.38 -78.71 -26.20
C TYR G 206 -20.48 -78.18 -25.08
N ILE G 207 -19.93 -76.98 -25.29
CA ILE G 207 -19.03 -76.35 -24.33
C ILE G 207 -19.66 -75.05 -23.87
N CYS G 208 -19.89 -74.93 -22.56
CA CYS G 208 -20.35 -73.67 -21.98
C CYS G 208 -19.13 -72.85 -21.59
N ASN G 209 -19.16 -71.58 -21.96
CA ASN G 209 -18.05 -70.65 -21.71
C ASN G 209 -18.45 -69.73 -20.57
N VAL G 210 -17.83 -69.93 -19.40
CA VAL G 210 -18.12 -69.15 -18.20
C VAL G 210 -17.02 -68.12 -18.00
N ASN G 211 -17.41 -66.87 -17.72
CA ASN G 211 -16.45 -65.79 -17.54
C ASN G 211 -16.86 -64.93 -16.35
N HIS G 212 -16.00 -64.89 -15.33
CA HIS G 212 -16.23 -64.12 -14.11
C HIS G 212 -15.09 -63.11 -13.99
N LYS G 213 -15.29 -61.94 -14.60
CA LYS G 213 -14.22 -60.94 -14.70
C LYS G 213 -13.76 -60.40 -13.35
N PRO G 214 -14.62 -60.14 -12.35
CA PRO G 214 -14.12 -59.68 -11.05
C PRO G 214 -13.06 -60.57 -10.42
N SER G 215 -13.01 -61.85 -10.76
CA SER G 215 -11.98 -62.75 -10.28
C SER G 215 -11.05 -63.21 -11.39
N ASN G 216 -11.19 -62.65 -12.60
CA ASN G 216 -10.38 -63.03 -13.76
C ASN G 216 -10.39 -64.53 -13.99
N THR G 217 -11.58 -65.13 -13.94
CA THR G 217 -11.77 -66.56 -14.09
C THR G 217 -12.49 -66.87 -15.39
N LYS G 218 -11.91 -67.76 -16.19
CA LYS G 218 -12.53 -68.26 -17.40
C LYS G 218 -12.45 -69.78 -17.42
N VAL G 219 -13.60 -70.43 -17.65
CA VAL G 219 -13.69 -71.89 -17.66
C VAL G 219 -14.48 -72.31 -18.89
N ASP G 220 -13.96 -73.29 -19.63
CA ASP G 220 -14.68 -73.93 -20.72
C ASP G 220 -15.01 -75.35 -20.29
N LYS G 221 -16.29 -75.60 -20.00
CA LYS G 221 -16.75 -76.89 -19.50
C LYS G 221 -17.44 -77.64 -20.63
N LYS G 222 -16.97 -78.84 -20.92
CA LYS G 222 -17.57 -79.70 -21.92
C LYS G 222 -18.61 -80.58 -21.24
N VAL G 223 -19.83 -80.54 -21.75
CA VAL G 223 -20.97 -81.26 -21.17
C VAL G 223 -21.21 -82.50 -22.00
N GLU G 224 -21.11 -83.67 -21.37
CA GLU G 224 -21.25 -84.95 -22.05
C GLU G 224 -22.27 -85.82 -21.34
N PRO G 225 -22.95 -86.70 -22.08
CA PRO G 225 -23.83 -87.67 -21.43
C PRO G 225 -23.05 -88.63 -20.54
N LYS G 226 -23.78 -89.28 -19.64
CA LYS G 226 -23.21 -90.23 -18.68
C LYS G 226 -22.21 -89.55 -17.76
N ASP H 1 -37.84 -30.37 -7.17
CA ASP H 1 -37.59 -31.22 -8.33
C ASP H 1 -38.89 -31.78 -8.89
N ILE H 2 -38.84 -32.28 -10.12
CA ILE H 2 -40.03 -32.73 -10.83
C ILE H 2 -40.17 -34.23 -10.65
N GLN H 3 -41.31 -34.65 -10.10
CA GLN H 3 -41.59 -36.07 -9.88
C GLN H 3 -42.44 -36.60 -11.03
N MET H 4 -41.97 -37.69 -11.65
CA MET H 4 -42.65 -38.34 -12.76
C MET H 4 -43.39 -39.55 -12.24
N THR H 5 -44.71 -39.54 -12.39
CA THR H 5 -45.57 -40.65 -11.99
C THR H 5 -45.97 -41.43 -13.23
N GLN H 6 -45.73 -42.74 -13.22
CA GLN H 6 -45.99 -43.60 -14.35
C GLN H 6 -47.06 -44.62 -13.99
N SER H 7 -48.07 -44.74 -14.84
CA SER H 7 -49.16 -45.69 -14.66
C SER H 7 -49.38 -46.51 -15.91
N PRO H 8 -49.55 -47.83 -15.78
CA PRO H 8 -49.50 -48.50 -14.49
C PRO H 8 -48.10 -49.00 -14.18
N SER H 9 -47.93 -49.70 -13.06
CA SER H 9 -46.65 -50.33 -12.75
C SER H 9 -46.41 -51.53 -13.65
N SER H 10 -47.33 -52.49 -13.62
CA SER H 10 -47.31 -53.70 -14.43
C SER H 10 -48.43 -53.63 -15.47
N LEU H 11 -48.32 -54.49 -16.49
CA LEU H 11 -49.30 -54.50 -17.57
C LEU H 11 -49.15 -55.71 -18.47
N SER H 12 -50.26 -56.41 -18.74
CA SER H 12 -50.29 -57.57 -19.63
C SER H 12 -51.27 -57.32 -20.76
N ALA H 13 -50.87 -57.69 -21.98
CA ALA H 13 -51.76 -57.57 -23.14
C ALA H 13 -51.39 -58.64 -24.14
N SER H 14 -52.25 -58.82 -25.14
CA SER H 14 -52.06 -59.85 -26.15
C SER H 14 -51.41 -59.26 -27.41
N VAL H 15 -50.81 -60.15 -28.20
CA VAL H 15 -50.16 -59.72 -29.44
C VAL H 15 -51.20 -59.07 -30.35
N GLY H 16 -50.87 -57.90 -30.87
CA GLY H 16 -51.76 -57.16 -31.75
C GLY H 16 -52.61 -56.10 -31.06
N ASP H 17 -52.65 -56.17 -29.72
CA ASP H 17 -53.47 -55.25 -28.88
C ASP H 17 -52.83 -53.85 -28.82
N ARG H 18 -53.64 -52.85 -28.49
CA ARG H 18 -53.18 -51.48 -28.31
C ARG H 18 -52.86 -51.25 -26.84
N VAL H 19 -51.67 -50.74 -26.55
CA VAL H 19 -51.18 -50.57 -25.19
C VAL H 19 -50.92 -49.08 -24.96
N THR H 20 -51.43 -48.55 -23.86
CA THR H 20 -51.27 -47.15 -23.49
C THR H 20 -50.54 -47.05 -22.16
N ILE H 21 -49.47 -46.24 -22.14
CA ILE H 21 -48.72 -45.97 -20.93
C ILE H 21 -48.78 -44.48 -20.66
N THR H 22 -49.10 -44.10 -19.43
CA THR H 22 -49.23 -42.69 -19.06
C THR H 22 -48.12 -42.27 -18.12
N CYS H 23 -47.73 -41.01 -18.23
CA CYS H 23 -46.69 -40.43 -17.39
C CYS H 23 -47.17 -39.04 -17.01
N ARG H 24 -47.17 -38.75 -15.71
CA ARG H 24 -47.62 -37.46 -15.20
C ARG H 24 -46.47 -36.76 -14.50
N ALA H 25 -46.31 -35.48 -14.79
CA ALA H 25 -45.27 -34.64 -14.19
C ALA H 25 -45.88 -33.73 -13.13
N SER H 26 -45.13 -33.50 -12.05
CA SER H 26 -45.59 -32.65 -10.96
C SER H 26 -45.71 -31.18 -11.35
N GLN H 27 -44.97 -30.73 -12.37
CA GLN H 27 -45.07 -29.37 -12.89
C GLN H 27 -45.13 -29.43 -14.41
N GLY H 28 -45.49 -28.29 -15.01
CA GLY H 28 -45.50 -28.19 -16.45
C GLY H 28 -44.09 -28.26 -17.03
N ILE H 29 -43.84 -29.24 -17.90
CA ILE H 29 -42.54 -29.40 -18.53
C ILE H 29 -42.64 -29.18 -20.03
N SER H 30 -43.67 -28.47 -20.49
CA SER H 30 -43.93 -28.20 -21.91
C SER H 30 -44.00 -29.55 -22.62
N ASN H 31 -43.22 -29.77 -23.68
CA ASN H 31 -43.18 -31.06 -24.37
C ASN H 31 -41.86 -31.80 -24.16
N TYR H 32 -41.08 -31.41 -23.15
CA TYR H 32 -39.75 -32.00 -22.95
C TYR H 32 -39.88 -33.24 -22.08
N LEU H 33 -40.24 -34.35 -22.72
CA LEU H 33 -40.37 -35.62 -22.05
C LEU H 33 -39.90 -36.73 -22.99
N ALA H 34 -39.13 -37.67 -22.45
CA ALA H 34 -38.55 -38.74 -23.24
C ALA H 34 -39.10 -40.07 -22.80
N TRP H 35 -39.06 -41.04 -23.71
CA TRP H 35 -39.47 -42.40 -23.41
C TRP H 35 -38.34 -43.36 -23.74
N TYR H 36 -38.02 -44.23 -22.81
CA TYR H 36 -37.04 -45.28 -23.02
C TYR H 36 -37.70 -46.65 -22.90
N GLN H 37 -37.24 -47.60 -23.69
CA GLN H 37 -37.51 -49.00 -23.42
C GLN H 37 -36.23 -49.66 -22.94
N GLN H 38 -36.38 -50.64 -22.05
CA GLN H 38 -35.25 -51.40 -21.54
C GLN H 38 -35.66 -52.87 -21.50
N LYS H 39 -35.23 -53.63 -22.50
CA LYS H 39 -35.42 -55.06 -22.49
C LYS H 39 -34.53 -55.68 -21.41
N PRO H 40 -34.90 -56.84 -20.88
CA PRO H 40 -34.13 -57.42 -19.76
C PRO H 40 -32.68 -57.68 -20.15
N GLY H 41 -31.76 -57.27 -19.27
CA GLY H 41 -30.35 -57.43 -19.52
C GLY H 41 -29.72 -56.39 -20.42
N LYS H 42 -30.49 -55.57 -21.11
CA LYS H 42 -29.97 -54.61 -22.08
C LYS H 42 -30.02 -53.20 -21.51
N VAL H 43 -29.29 -52.30 -22.18
CA VAL H 43 -29.24 -50.90 -21.75
C VAL H 43 -30.51 -50.19 -22.19
N PRO H 44 -30.88 -49.08 -21.54
CA PRO H 44 -32.04 -48.31 -22.00
C PRO H 44 -31.84 -47.80 -23.43
N LYS H 45 -32.93 -47.80 -24.19
CA LYS H 45 -32.92 -47.37 -25.58
C LYS H 45 -33.94 -46.26 -25.75
N LEU H 46 -33.49 -45.10 -26.22
CA LEU H 46 -34.37 -43.94 -26.36
C LEU H 46 -35.33 -44.15 -27.51
N LEU H 47 -36.63 -44.16 -27.21
CA LEU H 47 -37.67 -44.30 -28.23
C LEU H 47 -38.22 -42.94 -28.66
N ILE H 48 -38.68 -42.14 -27.71
CA ILE H 48 -39.39 -40.90 -27.99
C ILE H 48 -38.59 -39.74 -27.40
N TYR H 49 -38.48 -38.67 -28.17
CA TYR H 49 -37.78 -37.47 -27.76
C TYR H 49 -38.71 -36.28 -27.91
N ALA H 50 -38.68 -35.36 -26.95
CA ALA H 50 -39.54 -34.19 -26.95
C ALA H 50 -41.02 -34.59 -27.10
N ALA H 51 -41.43 -35.54 -26.26
CA ALA H 51 -42.81 -35.99 -26.15
C ALA H 51 -43.33 -36.72 -27.39
N SER H 52 -42.86 -36.36 -28.59
CA SER H 52 -43.48 -36.89 -29.80
C SER H 52 -42.50 -37.30 -30.90
N THR H 53 -41.30 -36.74 -30.98
CA THR H 53 -40.37 -37.10 -32.03
C THR H 53 -39.91 -38.54 -31.86
N LEU H 54 -40.28 -39.40 -32.81
CA LEU H 54 -39.86 -40.79 -32.81
C LEU H 54 -38.40 -40.91 -33.25
N GLN H 55 -37.65 -41.78 -32.58
CA GLN H 55 -36.24 -41.92 -32.86
C GLN H 55 -35.99 -42.83 -34.06
N SER H 56 -34.83 -42.67 -34.68
CA SER H 56 -34.47 -43.48 -35.83
C SER H 56 -34.20 -44.92 -35.41
N GLY H 57 -34.66 -45.85 -36.25
CA GLY H 57 -34.56 -47.26 -35.93
C GLY H 57 -35.68 -47.80 -35.06
N VAL H 58 -36.61 -46.96 -34.64
CA VAL H 58 -37.71 -47.37 -33.76
C VAL H 58 -38.92 -47.65 -34.63
N PRO H 59 -39.65 -48.75 -34.41
CA PRO H 59 -40.81 -49.06 -35.26
C PRO H 59 -41.88 -47.97 -35.17
N SER H 60 -42.72 -47.91 -36.20
CA SER H 60 -43.76 -46.89 -36.27
C SER H 60 -44.93 -47.18 -35.35
N ARG H 61 -45.01 -48.38 -34.79
CA ARG H 61 -46.09 -48.69 -33.86
C ARG H 61 -45.92 -47.97 -32.52
N PHE H 62 -44.73 -47.45 -32.25
CA PHE H 62 -44.50 -46.62 -31.08
C PHE H 62 -44.80 -45.17 -31.42
N SER H 63 -45.60 -44.52 -30.59
CA SER H 63 -45.86 -43.10 -30.76
C SER H 63 -46.08 -42.48 -29.38
N GLY H 64 -45.78 -41.20 -29.28
CA GLY H 64 -45.93 -40.48 -28.04
C GLY H 64 -46.62 -39.15 -28.25
N SER H 65 -47.27 -38.67 -27.19
CA SER H 65 -47.97 -37.40 -27.25
C SER H 65 -48.10 -36.85 -25.83
N GLY H 66 -48.50 -35.59 -25.75
CA GLY H 66 -48.74 -34.95 -24.47
C GLY H 66 -48.08 -33.59 -24.40
N TYR H 67 -48.62 -32.74 -23.53
CA TYR H 67 -48.04 -31.43 -23.29
C TYR H 67 -48.48 -30.96 -21.91
N GLY H 68 -47.55 -30.34 -21.20
CA GLY H 68 -47.83 -29.86 -19.85
C GLY H 68 -47.40 -30.85 -18.79
N THR H 69 -48.35 -31.62 -18.28
CA THR H 69 -48.10 -32.50 -17.16
C THR H 69 -48.34 -33.97 -17.45
N GLU H 70 -49.28 -34.31 -18.34
CA GLU H 70 -49.62 -35.70 -18.60
C GLU H 70 -49.24 -36.07 -20.03
N PHE H 71 -48.45 -37.14 -20.15
CA PHE H 71 -47.96 -37.62 -21.44
C PHE H 71 -48.29 -39.10 -21.56
N THR H 72 -48.40 -39.56 -22.80
CA THR H 72 -48.79 -40.94 -23.08
C THR H 72 -47.90 -41.54 -24.15
N LEU H 73 -47.46 -42.77 -23.90
CA LEU H 73 -46.80 -43.61 -24.89
C LEU H 73 -47.76 -44.72 -25.28
N THR H 74 -47.99 -44.88 -26.59
CA THR H 74 -48.92 -45.89 -27.09
C THR H 74 -48.20 -46.81 -28.06
N ILE H 75 -48.39 -48.11 -27.86
CA ILE H 75 -47.99 -49.13 -28.82
C ILE H 75 -49.23 -49.52 -29.60
N SER H 76 -49.22 -49.30 -30.92
CA SER H 76 -50.43 -49.52 -31.71
C SER H 76 -50.74 -51.00 -31.86
N SER H 77 -49.70 -51.83 -31.98
CA SER H 77 -49.88 -53.27 -32.10
C SER H 77 -48.74 -53.95 -31.35
N LEU H 78 -49.04 -54.49 -30.18
CA LEU H 78 -48.02 -55.07 -29.32
C LEU H 78 -47.43 -56.33 -29.95
N GLN H 79 -46.11 -56.43 -29.96
CA GLN H 79 -45.38 -57.54 -30.55
C GLN H 79 -44.57 -58.27 -29.47
N PRO H 80 -44.19 -59.52 -29.71
CA PRO H 80 -43.45 -60.27 -28.68
C PRO H 80 -42.08 -59.67 -28.35
N GLU H 81 -41.48 -58.88 -29.24
CA GLU H 81 -40.20 -58.26 -28.96
C GLU H 81 -40.33 -56.98 -28.14
N ASP H 82 -41.54 -56.59 -27.77
CA ASP H 82 -41.77 -55.38 -27.00
C ASP H 82 -41.81 -55.62 -25.50
N VAL H 83 -41.68 -56.88 -25.05
CA VAL H 83 -41.66 -57.16 -23.62
C VAL H 83 -40.43 -56.50 -23.00
N ALA H 84 -40.67 -55.48 -22.19
CA ALA H 84 -39.60 -54.69 -21.59
C ALA H 84 -40.23 -53.79 -20.54
N THR H 85 -39.39 -52.98 -19.90
CA THR H 85 -39.82 -51.95 -18.97
C THR H 85 -39.63 -50.60 -19.65
N TYR H 86 -40.63 -49.73 -19.53
CA TYR H 86 -40.62 -48.44 -20.22
C TYR H 86 -40.54 -47.32 -19.18
N TYR H 87 -39.64 -46.38 -19.41
CA TYR H 87 -39.45 -45.25 -18.51
C TYR H 87 -39.70 -43.95 -19.24
N CYS H 88 -40.29 -42.99 -18.56
CA CYS H 88 -40.30 -41.62 -19.04
C CYS H 88 -39.21 -40.84 -18.32
N GLN H 89 -38.82 -39.72 -18.92
CA GLN H 89 -37.81 -38.86 -18.31
C GLN H 89 -38.01 -37.45 -18.83
N GLN H 90 -38.20 -36.50 -17.93
CA GLN H 90 -38.29 -35.11 -18.35
C GLN H 90 -36.90 -34.56 -18.58
N HIS H 91 -36.75 -33.78 -19.65
CA HIS H 91 -35.48 -33.11 -19.91
C HIS H 91 -35.73 -31.62 -20.06
N ASP H 92 -36.48 -31.06 -19.12
CA ASP H 92 -36.74 -29.64 -19.04
C ASP H 92 -36.10 -28.99 -17.82
N ASN H 93 -35.72 -29.78 -16.82
CA ASN H 93 -35.30 -29.26 -15.53
C ASN H 93 -34.15 -30.09 -14.99
N LEU H 94 -33.25 -29.42 -14.27
CA LEU H 94 -32.26 -30.15 -13.49
C LEU H 94 -32.72 -30.24 -12.04
N PRO H 95 -32.55 -31.41 -11.39
CA PRO H 95 -31.94 -32.62 -11.92
C PRO H 95 -32.85 -33.36 -12.90
N LEU H 96 -32.25 -34.08 -13.85
CA LEU H 96 -33.02 -34.94 -14.74
C LEU H 96 -33.63 -36.08 -13.94
N THR H 97 -34.92 -36.30 -14.12
CA THR H 97 -35.66 -37.24 -13.29
C THR H 97 -36.43 -38.21 -14.18
N PHE H 98 -36.46 -39.47 -13.75
CA PHE H 98 -37.08 -40.56 -14.46
C PHE H 98 -38.35 -41.01 -13.75
N GLY H 99 -39.24 -41.63 -14.52
CA GLY H 99 -40.41 -42.27 -13.93
C GLY H 99 -40.07 -43.64 -13.37
N GLY H 100 -40.98 -44.16 -12.56
CA GLY H 100 -40.77 -45.45 -11.91
C GLY H 100 -40.68 -46.61 -12.88
N GLY H 101 -41.34 -46.50 -14.04
CA GLY H 101 -41.28 -47.57 -15.03
C GLY H 101 -42.50 -48.48 -15.12
N THR H 102 -42.89 -48.83 -16.34
CA THR H 102 -44.02 -49.74 -16.57
C THR H 102 -43.49 -51.02 -17.23
N LYS H 103 -43.55 -52.13 -16.51
CA LYS H 103 -43.19 -53.42 -17.08
C LYS H 103 -44.31 -53.93 -17.97
N VAL H 104 -43.97 -54.32 -19.19
CA VAL H 104 -44.94 -54.77 -20.18
C VAL H 104 -44.66 -56.24 -20.49
N GLU H 105 -45.68 -57.07 -20.30
CA GLU H 105 -45.60 -58.49 -20.57
C GLU H 105 -46.72 -58.88 -21.52
N ILE H 106 -46.76 -60.16 -21.91
CA ILE H 106 -47.65 -60.62 -22.96
C ILE H 106 -48.48 -61.78 -22.46
N LYS H 107 -49.77 -61.76 -22.79
CA LYS H 107 -50.65 -62.91 -22.58
C LYS H 107 -50.67 -63.74 -23.86
N ARG H 108 -50.47 -65.05 -23.71
CA ARG H 108 -50.43 -65.95 -24.86
C ARG H 108 -51.15 -67.25 -24.47
N THR H 109 -51.11 -68.22 -25.38
CA THR H 109 -51.72 -69.53 -25.12
C THR H 109 -51.00 -70.24 -24.00
N VAL H 110 -51.76 -70.97 -23.17
CA VAL H 110 -51.16 -71.78 -22.12
C VAL H 110 -50.23 -72.82 -22.73
N ALA H 111 -48.99 -72.85 -22.25
CA ALA H 111 -47.99 -73.81 -22.70
C ALA H 111 -47.45 -74.57 -21.50
N ALA H 112 -47.55 -75.90 -21.55
CA ALA H 112 -47.08 -76.72 -20.45
C ALA H 112 -45.55 -76.76 -20.42
N PRO H 113 -44.95 -76.91 -19.24
CA PRO H 113 -43.49 -76.95 -19.14
C PRO H 113 -42.92 -78.32 -19.49
N SER H 114 -41.77 -78.31 -20.17
CA SER H 114 -41.01 -79.53 -20.40
C SER H 114 -40.08 -79.74 -19.21
N VAL H 115 -40.34 -80.79 -18.44
CA VAL H 115 -39.67 -81.01 -17.15
C VAL H 115 -38.45 -81.90 -17.36
N PHE H 116 -37.32 -81.46 -16.83
CA PHE H 116 -36.08 -82.23 -16.82
C PHE H 116 -35.54 -82.28 -15.40
N ILE H 117 -34.64 -83.23 -15.16
CA ILE H 117 -33.96 -83.35 -13.87
C ILE H 117 -32.52 -83.76 -14.11
N PHE H 118 -31.61 -83.18 -13.33
CA PHE H 118 -30.19 -83.44 -13.48
C PHE H 118 -29.62 -83.88 -12.13
N PRO H 119 -28.95 -85.02 -12.06
CA PRO H 119 -28.28 -85.42 -10.81
C PRO H 119 -27.06 -84.55 -10.58
N PRO H 120 -26.54 -84.53 -9.35
CA PRO H 120 -25.26 -83.83 -9.11
C PRO H 120 -24.11 -84.55 -9.80
N SER H 121 -23.23 -83.77 -10.41
CA SER H 121 -22.07 -84.34 -11.08
C SER H 121 -21.08 -84.91 -10.06
N ASP H 122 -20.28 -85.87 -10.53
CA ASP H 122 -19.31 -86.51 -9.65
C ASP H 122 -18.23 -85.53 -9.21
N GLU H 123 -17.90 -84.54 -10.04
CA GLU H 123 -16.96 -83.50 -9.63
C GLU H 123 -17.45 -82.77 -8.39
N GLN H 124 -18.72 -82.35 -8.40
CA GLN H 124 -19.28 -81.67 -7.25
C GLN H 124 -19.32 -82.58 -6.02
N LEU H 125 -19.58 -83.87 -6.23
CA LEU H 125 -19.61 -84.80 -5.11
C LEU H 125 -18.24 -84.94 -4.46
N LYS H 126 -17.17 -84.81 -5.24
CA LYS H 126 -15.83 -84.82 -4.68
C LYS H 126 -15.57 -83.61 -3.78
N SER H 127 -16.36 -82.55 -3.93
CA SER H 127 -16.18 -81.34 -3.12
C SER H 127 -17.05 -81.33 -1.87
N GLY H 128 -17.93 -82.31 -1.69
CA GLY H 128 -18.68 -82.45 -0.45
C GLY H 128 -20.12 -81.97 -0.49
N THR H 129 -20.56 -81.37 -1.60
CA THR H 129 -21.93 -80.87 -1.72
C THR H 129 -22.62 -81.51 -2.91
N ALA H 130 -23.95 -81.54 -2.84
CA ALA H 130 -24.79 -82.14 -3.88
C ALA H 130 -25.87 -81.16 -4.30
N SER H 131 -25.96 -80.90 -5.60
CA SER H 131 -26.97 -80.01 -6.16
C SER H 131 -27.82 -80.81 -7.15
N VAL H 132 -29.10 -80.97 -6.83
CA VAL H 132 -30.07 -81.61 -7.72
C VAL H 132 -30.87 -80.50 -8.38
N VAL H 133 -30.73 -80.37 -9.69
CA VAL H 133 -31.32 -79.27 -10.46
C VAL H 133 -32.52 -79.79 -11.23
N CYS H 134 -33.64 -79.09 -11.13
CA CYS H 134 -34.83 -79.37 -11.92
C CYS H 134 -35.10 -78.21 -12.86
N LEU H 135 -35.47 -78.51 -14.10
CA LEU H 135 -35.67 -77.46 -15.10
C LEU H 135 -37.04 -77.60 -15.72
N LEU H 136 -37.80 -76.50 -15.75
CA LEU H 136 -39.07 -76.43 -16.48
C LEU H 136 -38.88 -75.41 -17.59
N ASN H 137 -39.02 -75.86 -18.83
CA ASN H 137 -38.63 -75.06 -19.98
C ASN H 137 -39.85 -74.61 -20.77
N ASN H 138 -39.85 -73.34 -21.15
CA ASN H 138 -40.84 -72.74 -22.04
C ASN H 138 -42.27 -73.07 -21.65
N PHE H 139 -42.80 -72.35 -20.67
CA PHE H 139 -44.17 -72.55 -20.21
C PHE H 139 -44.84 -71.21 -19.98
N TYR H 140 -46.19 -71.22 -20.07
CA TYR H 140 -47.01 -70.06 -19.78
C TYR H 140 -48.31 -70.54 -19.17
N PRO H 141 -48.86 -69.84 -18.15
CA PRO H 141 -48.37 -68.60 -17.52
C PRO H 141 -47.15 -68.79 -16.63
N ARG H 142 -46.65 -67.67 -16.09
CA ARG H 142 -45.43 -67.69 -15.30
C ARG H 142 -45.59 -68.48 -14.01
N GLU H 143 -46.81 -68.58 -13.48
CA GLU H 143 -47.03 -69.25 -12.22
C GLU H 143 -46.89 -70.77 -12.38
N ALA H 144 -46.16 -71.38 -11.45
CA ALA H 144 -45.90 -72.81 -11.47
C ALA H 144 -45.50 -73.24 -10.06
N LYS H 145 -45.47 -74.54 -9.84
CA LYS H 145 -45.17 -75.10 -8.52
C LYS H 145 -44.32 -76.35 -8.69
N VAL H 146 -43.16 -76.38 -8.04
CA VAL H 146 -42.30 -77.55 -8.00
C VAL H 146 -42.16 -78.00 -6.56
N GLN H 147 -41.99 -79.31 -6.38
CA GLN H 147 -41.74 -79.88 -5.07
C GLN H 147 -40.69 -80.98 -5.19
N TRP H 148 -39.80 -81.05 -4.20
CA TRP H 148 -38.77 -82.07 -4.14
C TRP H 148 -39.22 -83.20 -3.23
N LYS H 149 -39.16 -84.43 -3.74
CA LYS H 149 -39.42 -85.63 -2.96
C LYS H 149 -38.18 -86.50 -3.00
N VAL H 150 -37.59 -86.76 -1.84
CA VAL H 150 -36.42 -87.60 -1.70
C VAL H 150 -36.86 -88.87 -0.98
N ASP H 151 -36.87 -90.00 -1.70
CA ASP H 151 -37.46 -91.24 -1.23
C ASP H 151 -38.92 -91.03 -0.83
N ASN H 152 -39.64 -90.30 -1.70
CA ASN H 152 -41.05 -89.96 -1.49
C ASN H 152 -41.26 -89.20 -0.18
N ALA H 153 -40.28 -88.40 0.22
CA ALA H 153 -40.37 -87.53 1.38
C ALA H 153 -40.32 -86.09 0.89
N LEU H 154 -41.34 -85.30 1.24
CA LEU H 154 -41.42 -83.91 0.79
C LEU H 154 -40.33 -83.09 1.44
N GLN H 155 -39.47 -82.47 0.63
CA GLN H 155 -38.40 -81.62 1.12
C GLN H 155 -38.89 -80.19 1.30
N SER H 156 -38.27 -79.48 2.23
CA SER H 156 -38.70 -78.13 2.56
C SER H 156 -37.51 -77.33 3.05
N GLY H 157 -37.41 -76.09 2.57
CA GLY H 157 -36.38 -75.18 3.03
C GLY H 157 -34.99 -75.43 2.50
N ASN H 158 -34.80 -76.44 1.65
CA ASN H 158 -33.48 -76.77 1.10
C ASN H 158 -33.44 -76.62 -0.41
N SER H 159 -34.34 -75.83 -0.99
CA SER H 159 -34.35 -75.63 -2.44
C SER H 159 -34.55 -74.15 -2.75
N GLN H 160 -34.04 -73.74 -3.91
CA GLN H 160 -34.16 -72.37 -4.37
C GLN H 160 -34.55 -72.36 -5.84
N GLU H 161 -35.43 -71.45 -6.21
CA GLU H 161 -35.93 -71.34 -7.58
C GLU H 161 -35.41 -70.09 -8.25
N SER H 162 -35.29 -70.15 -9.57
CA SER H 162 -34.98 -68.97 -10.37
C SER H 162 -35.84 -69.03 -11.63
N VAL H 163 -36.26 -67.86 -12.11
CA VAL H 163 -37.16 -67.74 -13.25
C VAL H 163 -36.59 -66.73 -14.23
N THR H 164 -36.62 -67.07 -15.52
CA THR H 164 -36.15 -66.14 -16.52
C THR H 164 -37.18 -65.05 -16.77
N GLU H 165 -36.77 -64.03 -17.51
CA GLU H 165 -37.72 -63.05 -18.00
C GLU H 165 -38.49 -63.64 -19.17
N GLN H 166 -39.55 -62.94 -19.58
CA GLN H 166 -40.39 -63.45 -20.66
C GLN H 166 -39.60 -63.46 -21.97
N ASP H 167 -39.62 -64.60 -22.64
CA ASP H 167 -38.89 -64.76 -23.89
C ASP H 167 -39.39 -63.77 -24.93
N SER H 168 -38.44 -63.15 -25.65
CA SER H 168 -38.77 -62.16 -26.66
C SER H 168 -39.25 -62.78 -27.98
N LYS H 169 -39.31 -64.11 -28.08
CA LYS H 169 -39.74 -64.78 -29.30
C LYS H 169 -41.08 -65.48 -29.12
N ASP H 170 -41.16 -66.46 -28.22
CA ASP H 170 -42.39 -67.22 -28.00
C ASP H 170 -43.11 -66.83 -26.72
N SER H 171 -42.66 -65.77 -26.03
CA SER H 171 -43.37 -65.20 -24.88
C SER H 171 -43.56 -66.19 -23.74
N THR H 172 -42.64 -67.13 -23.57
CA THR H 172 -42.75 -68.14 -22.53
C THR H 172 -41.72 -67.89 -21.43
N TYR H 173 -41.90 -68.61 -20.33
CA TYR H 173 -41.01 -68.55 -19.19
C TYR H 173 -40.32 -69.89 -18.98
N SER H 174 -39.17 -69.86 -18.31
CA SER H 174 -38.49 -71.06 -17.87
C SER H 174 -38.13 -70.90 -16.40
N LEU H 175 -38.05 -72.01 -15.68
CA LEU H 175 -37.76 -71.98 -14.27
C LEU H 175 -36.75 -73.06 -13.93
N SER H 176 -35.96 -72.82 -12.89
CA SER H 176 -34.97 -73.79 -12.41
C SER H 176 -35.02 -73.82 -10.89
N SER H 177 -35.41 -74.95 -10.34
CA SER H 177 -35.38 -75.20 -8.90
C SER H 177 -34.16 -76.05 -8.60
N THR H 178 -33.46 -75.71 -7.52
CA THR H 178 -32.19 -76.36 -7.20
C THR H 178 -32.25 -76.89 -5.78
N LEU H 179 -32.18 -78.20 -5.64
CA LEU H 179 -32.08 -78.85 -4.33
C LEU H 179 -30.62 -78.95 -3.94
N THR H 180 -30.31 -78.58 -2.69
CA THR H 180 -28.94 -78.57 -2.22
C THR H 180 -28.85 -79.35 -0.91
N LEU H 181 -28.03 -80.38 -0.90
CA LEU H 181 -27.80 -81.19 0.29
C LEU H 181 -26.32 -81.50 0.40
N SER H 182 -25.91 -81.97 1.57
CA SER H 182 -24.53 -82.40 1.75
C SER H 182 -24.30 -83.72 1.03
N LYS H 183 -23.02 -84.05 0.82
CA LYS H 183 -22.70 -85.34 0.23
C LYS H 183 -23.18 -86.47 1.11
N ALA H 184 -23.14 -86.29 2.43
CA ALA H 184 -23.62 -87.32 3.35
C ALA H 184 -25.11 -87.56 3.17
N ASP H 185 -25.91 -86.50 3.30
CA ASP H 185 -27.35 -86.64 3.18
C ASP H 185 -27.77 -87.12 1.79
N TYR H 186 -26.98 -86.80 0.76
CA TYR H 186 -27.36 -87.19 -0.59
C TYR H 186 -27.18 -88.68 -0.81
N GLU H 187 -26.14 -89.28 -0.22
CA GLU H 187 -25.90 -90.71 -0.37
C GLU H 187 -26.71 -91.55 0.59
N LYS H 188 -27.51 -90.93 1.47
CA LYS H 188 -28.36 -91.68 2.37
C LYS H 188 -29.64 -92.17 1.72
N HIS H 189 -30.01 -91.64 0.56
CA HIS H 189 -31.28 -91.93 -0.07
C HIS H 189 -31.08 -92.43 -1.49
N LYS H 190 -32.18 -92.89 -2.10
CA LYS H 190 -32.16 -93.51 -3.41
C LYS H 190 -32.87 -92.70 -4.47
N VAL H 191 -34.11 -92.28 -4.23
CA VAL H 191 -34.95 -91.62 -5.22
C VAL H 191 -34.94 -90.12 -5.00
N TYR H 192 -34.85 -89.37 -6.09
CA TYR H 192 -34.90 -87.90 -6.06
C TYR H 192 -35.87 -87.46 -7.14
N ALA H 193 -37.05 -86.99 -6.73
CA ALA H 193 -38.13 -86.70 -7.64
C ALA H 193 -38.44 -85.20 -7.65
N CYS H 194 -38.73 -84.70 -8.85
CA CYS H 194 -39.14 -83.31 -9.08
C CYS H 194 -40.59 -83.33 -9.56
N GLU H 195 -41.53 -82.97 -8.68
CA GLU H 195 -42.94 -82.95 -9.05
C GLU H 195 -43.35 -81.54 -9.47
N VAL H 196 -44.05 -81.44 -10.60
CA VAL H 196 -44.34 -80.14 -11.22
C VAL H 196 -45.84 -80.07 -11.49
N THR H 197 -46.48 -79.03 -10.94
CA THR H 197 -47.88 -78.73 -11.20
C THR H 197 -47.97 -77.42 -11.97
N HIS H 198 -48.82 -77.41 -13.00
CA HIS H 198 -48.95 -76.24 -13.85
C HIS H 198 -50.30 -76.31 -14.55
N GLN H 199 -50.80 -75.13 -14.93
CA GLN H 199 -52.12 -75.02 -15.54
C GLN H 199 -52.19 -75.81 -16.86
N GLY H 200 -51.11 -75.84 -17.62
CA GLY H 200 -51.08 -76.56 -18.87
C GLY H 200 -50.91 -78.06 -18.76
N LEU H 201 -50.84 -78.59 -17.53
CA LEU H 201 -50.71 -80.02 -17.30
C LEU H 201 -51.97 -80.51 -16.61
N SER H 202 -52.62 -81.51 -17.19
CA SER H 202 -53.82 -82.06 -16.59
C SER H 202 -53.51 -82.85 -15.32
N SER H 203 -52.26 -83.28 -15.15
CA SER H 203 -51.83 -84.06 -14.00
C SER H 203 -50.40 -83.68 -13.69
N PRO H 204 -50.02 -83.64 -12.41
CA PRO H 204 -48.63 -83.31 -12.06
C PRO H 204 -47.63 -84.26 -12.69
N VAL H 205 -46.63 -83.69 -13.36
CA VAL H 205 -45.56 -84.45 -13.99
C VAL H 205 -44.43 -84.64 -12.98
N THR H 206 -43.88 -85.85 -12.94
CA THR H 206 -42.80 -86.19 -12.01
C THR H 206 -41.64 -86.78 -12.79
N LYS H 207 -40.48 -86.12 -12.70
CA LYS H 207 -39.23 -86.62 -13.26
C LYS H 207 -38.29 -86.95 -12.11
N SER H 208 -37.78 -88.17 -12.08
CA SER H 208 -36.93 -88.62 -10.98
C SER H 208 -35.76 -89.41 -11.53
N PHE H 209 -34.95 -89.95 -10.61
CA PHE H 209 -33.81 -90.79 -10.94
C PHE H 209 -33.37 -91.49 -9.66
N ASN H 210 -32.53 -92.51 -9.82
CA ASN H 210 -31.93 -93.21 -8.70
C ASN H 210 -30.40 -93.11 -8.81
N ARG H 211 -29.74 -93.02 -7.66
CA ARG H 211 -28.28 -92.98 -7.61
C ARG H 211 -27.68 -94.27 -8.17
N HIS I 12 22.31 23.39 0.24
CA HIS I 12 20.92 23.45 -0.20
C HIS I 12 20.32 24.85 -0.03
N ILE I 13 20.44 25.40 1.18
CA ILE I 13 19.82 26.69 1.47
C ILE I 13 20.57 27.83 0.80
N ASN I 14 21.90 27.79 0.83
CA ASN I 14 22.71 28.80 0.16
C ASN I 14 22.73 28.63 -1.35
N SER I 15 21.93 27.72 -1.89
CA SER I 15 21.69 27.65 -3.33
C SER I 15 20.55 28.55 -3.77
N THR I 16 19.98 29.34 -2.86
CA THR I 16 18.95 30.31 -3.20
C THR I 16 19.61 31.59 -3.70
N ALA I 17 19.11 32.11 -4.81
CA ALA I 17 19.59 33.38 -5.35
C ALA I 17 19.05 34.53 -4.51
N LEU I 18 19.94 35.32 -3.92
CA LEU I 18 19.57 36.47 -3.11
C LEU I 18 19.74 37.78 -3.86
N ASN I 19 19.46 37.79 -5.16
CA ASN I 19 19.65 38.99 -5.96
C ASN I 19 18.37 39.83 -5.96
N CYS I 20 18.05 40.33 -4.77
CA CYS I 20 16.89 41.18 -4.54
C CYS I 20 17.33 42.63 -4.54
N ASN I 21 16.54 43.48 -5.21
CA ASN I 21 16.90 44.88 -5.28
C ASN I 21 16.73 45.56 -3.91
N GLU I 22 17.40 46.70 -3.76
CA GLU I 22 17.25 47.49 -2.53
C GLU I 22 15.83 47.98 -2.36
N SER I 23 15.15 48.29 -3.47
CA SER I 23 13.78 48.78 -3.38
C SER I 23 12.85 47.74 -2.76
N LEU I 24 13.17 46.45 -2.91
CA LEU I 24 12.38 45.40 -2.28
C LEU I 24 12.82 45.29 -0.83
N ASN I 25 12.21 46.10 0.03
CA ASN I 25 12.55 46.12 1.45
C ASN I 25 11.46 45.42 2.26
N THR I 26 11.67 45.38 3.58
CA THR I 26 10.75 44.68 4.47
C THR I 26 9.38 45.33 4.48
N GLY I 27 9.32 46.65 4.31
CA GLY I 27 8.03 47.31 4.24
C GLY I 27 7.22 46.87 3.03
N TRP I 28 7.88 46.72 1.88
CA TRP I 28 7.21 46.21 0.70
C TRP I 28 6.74 44.78 0.91
N LEU I 29 7.57 43.95 1.55
CA LEU I 29 7.21 42.55 1.76
C LEU I 29 6.10 42.39 2.79
N ALA I 30 5.99 43.35 3.71
CA ALA I 30 4.90 43.29 4.69
C ALA I 30 3.55 43.51 4.01
N GLY I 31 3.46 44.55 3.19
CA GLY I 31 2.25 44.83 2.43
C GLY I 31 2.05 43.97 1.21
N LEU I 32 2.89 42.96 1.00
CA LEU I 32 2.76 42.10 -0.17
C LEU I 32 1.59 41.14 -0.02
N PHE I 33 1.58 40.33 1.03
CA PHE I 33 0.43 39.49 1.37
C PHE I 33 -0.48 40.16 2.40
N TYR I 34 -0.52 41.49 2.39
CA TYR I 34 -1.44 42.28 3.20
C TYR I 34 -2.51 42.96 2.36
N GLN I 35 -2.33 43.02 1.04
CA GLN I 35 -3.28 43.62 0.11
C GLN I 35 -4.39 42.60 -0.21
N HIS I 36 -5.44 42.60 0.62
CA HIS I 36 -6.62 41.79 0.35
C HIS I 36 -7.93 42.49 0.66
N LYS I 37 -7.93 43.61 1.37
CA LYS I 37 -9.14 44.39 1.61
C LYS I 37 -9.26 45.50 0.57
N SER I 40 -8.56 45.74 -4.35
CA SER I 40 -8.33 44.50 -5.09
C SER I 40 -8.85 44.59 -6.52
N SER I 41 -9.18 45.80 -6.97
CA SER I 41 -9.72 45.97 -8.32
C SER I 41 -8.68 45.64 -9.38
N GLY I 42 -7.40 45.82 -9.08
CA GLY I 42 -6.35 45.54 -10.04
C GLY I 42 -5.72 44.17 -9.90
N CYS I 43 -6.50 43.11 -10.15
CA CYS I 43 -6.03 41.74 -10.20
C CYS I 43 -6.53 41.08 -11.48
N PRO I 44 -5.75 40.14 -12.06
CA PRO I 44 -6.00 39.39 -13.30
C PRO I 44 -7.47 39.25 -13.71
N PRO I 62 8.37 28.53 -22.61
CA PRO I 62 9.51 27.66 -22.88
C PRO I 62 10.65 27.88 -21.88
N CYS I 63 10.84 26.92 -20.99
CA CYS I 63 11.81 27.05 -19.92
C CYS I 63 13.21 26.74 -20.43
N GLY I 64 14.19 27.49 -19.91
CA GLY I 64 15.58 27.24 -20.23
C GLY I 64 16.52 27.68 -19.12
N ILE I 65 17.66 28.24 -19.51
CA ILE I 65 18.66 28.70 -18.55
C ILE I 65 18.33 30.13 -18.13
N VAL I 66 18.06 30.31 -16.84
CA VAL I 66 17.76 31.63 -16.28
C VAL I 66 19.00 32.08 -15.50
N PRO I 67 19.54 33.27 -15.78
CA PRO I 67 20.67 33.77 -14.99
C PRO I 67 20.25 34.12 -13.58
N ALA I 68 21.06 33.69 -12.60
CA ALA I 68 20.74 33.91 -11.20
C ALA I 68 20.83 35.39 -10.80
N LYS I 69 21.47 36.22 -11.63
CA LYS I 69 21.59 37.63 -11.29
C LYS I 69 20.24 38.34 -11.24
N SER I 70 19.22 37.79 -11.92
CA SER I 70 17.90 38.38 -12.01
C SER I 70 16.88 37.65 -11.14
N VAL I 71 17.32 36.87 -10.16
CA VAL I 71 16.43 36.03 -9.38
C VAL I 71 16.51 36.41 -7.91
N CYS I 72 15.36 36.67 -7.32
CA CYS I 72 15.23 37.01 -5.90
C CYS I 72 14.30 35.99 -5.24
N GLY I 73 14.89 35.08 -4.46
CA GLY I 73 14.12 34.09 -3.75
C GLY I 73 14.17 32.73 -4.41
N PRO I 74 13.58 31.73 -3.75
CA PRO I 74 13.61 30.37 -4.31
C PRO I 74 12.86 30.25 -5.63
N VAL I 75 13.33 29.31 -6.46
CA VAL I 75 12.71 29.00 -7.75
C VAL I 75 11.98 27.67 -7.62
N TYR I 76 10.71 27.65 -8.02
CA TYR I 76 9.87 26.47 -7.86
C TYR I 76 9.43 25.96 -9.23
N CYS I 77 9.56 24.65 -9.42
CA CYS I 77 8.98 23.97 -10.56
C CYS I 77 8.00 22.93 -10.04
N PHE I 78 7.07 22.52 -10.91
CA PHE I 78 5.94 21.72 -10.47
C PHE I 78 5.84 20.46 -11.32
N THR I 79 5.78 19.31 -10.64
CA THR I 79 5.89 18.01 -11.28
C THR I 79 4.63 17.15 -11.31
N PRO I 80 3.44 17.61 -10.87
CA PRO I 80 2.85 18.88 -10.41
C PRO I 80 3.24 19.29 -8.99
N SER I 81 3.81 18.36 -8.21
CA SER I 81 4.25 18.71 -6.86
C SER I 81 5.38 19.75 -6.92
N PRO I 82 5.40 20.70 -5.98
CA PRO I 82 6.40 21.77 -6.04
C PRO I 82 7.80 21.27 -5.71
N VAL I 83 8.77 21.73 -6.49
CA VAL I 83 10.17 21.35 -6.33
C VAL I 83 11.03 22.59 -6.43
N VAL I 84 12.03 22.70 -5.56
CA VAL I 84 12.98 23.81 -5.57
C VAL I 84 14.15 23.48 -6.48
N VAL I 85 14.56 24.44 -7.30
CA VAL I 85 15.72 24.31 -8.18
C VAL I 85 16.75 25.34 -7.75
N GLY I 86 17.88 24.87 -7.21
CA GLY I 86 18.91 25.76 -6.72
C GLY I 86 19.91 26.17 -7.80
N THR I 87 20.74 27.16 -7.44
CA THR I 87 21.74 27.70 -8.37
C THR I 87 22.73 26.63 -8.78
N THR I 88 23.10 26.64 -10.06
CA THR I 88 24.19 25.82 -10.56
C THR I 88 25.05 26.68 -11.47
N ASP I 89 26.18 26.11 -11.91
CA ASP I 89 26.89 26.71 -13.03
C ASP I 89 26.16 26.32 -14.33
N ARG I 90 26.72 26.75 -15.47
CA ARG I 90 26.06 26.47 -16.73
C ARG I 90 26.01 24.97 -17.05
N SER I 91 26.87 24.16 -16.45
CA SER I 91 26.87 22.72 -16.68
C SER I 91 25.85 21.98 -15.83
N GLY I 92 25.30 22.63 -14.81
CA GLY I 92 24.36 22.01 -13.90
C GLY I 92 24.94 21.56 -12.57
N ALA I 93 26.21 21.82 -12.31
CA ALA I 93 26.80 21.48 -11.02
C ALA I 93 26.33 22.47 -9.97
N PRO I 94 25.72 22.02 -8.88
CA PRO I 94 25.16 22.97 -7.91
C PRO I 94 26.24 23.85 -7.28
N THR I 95 25.89 25.11 -7.04
CA THR I 95 26.75 26.06 -6.34
C THR I 95 26.02 26.57 -5.10
N TYR I 96 26.79 27.12 -4.17
CA TYR I 96 26.28 27.47 -2.85
C TYR I 96 26.73 28.85 -2.42
N SER I 97 26.70 29.82 -3.33
CA SER I 97 27.20 31.16 -3.07
C SER I 97 26.10 32.20 -3.21
N TRP I 98 24.90 31.87 -2.75
CA TRP I 98 23.74 32.76 -2.76
C TRP I 98 23.44 33.34 -4.14
N GLY I 99 23.85 32.65 -5.21
CA GLY I 99 23.68 33.19 -6.54
C GLY I 99 24.49 34.43 -6.82
N ALA I 100 25.50 34.71 -6.00
CA ALA I 100 26.27 35.94 -6.12
C ALA I 100 27.19 35.90 -7.33
N ASN I 101 27.61 34.71 -7.75
CA ASN I 101 28.52 34.57 -8.88
C ASN I 101 27.81 34.93 -10.18
N ASP I 102 28.59 35.43 -11.13
CA ASP I 102 28.03 35.84 -12.42
C ASP I 102 27.86 34.68 -13.39
N THR I 103 28.35 33.49 -13.05
CA THR I 103 28.07 32.31 -13.85
C THR I 103 26.91 31.49 -13.34
N ASP I 104 26.35 31.85 -12.18
CA ASP I 104 25.27 31.06 -11.59
C ASP I 104 24.00 31.20 -12.41
N VAL I 105 23.37 30.07 -12.73
CA VAL I 105 22.14 30.04 -13.50
C VAL I 105 21.17 29.06 -12.84
N PHE I 106 19.96 29.01 -13.37
CA PHE I 106 18.96 28.01 -13.01
C PHE I 106 18.66 27.20 -14.27
N VAL I 107 19.06 25.94 -14.28
CA VAL I 107 18.73 25.05 -15.38
C VAL I 107 17.27 24.63 -15.19
N LEU I 108 16.37 25.26 -15.93
CA LEU I 108 14.94 24.96 -15.82
C LEU I 108 14.39 24.25 -17.05
N ASN I 109 15.26 23.75 -17.95
CA ASN I 109 14.80 23.04 -19.13
C ASN I 109 13.83 21.92 -18.77
N ASN I 110 12.73 21.82 -19.51
CA ASN I 110 11.63 20.95 -19.10
C ASN I 110 11.00 20.22 -20.28
N THR I 111 10.59 18.98 -20.00
CA THR I 111 9.68 18.21 -20.85
C THR I 111 8.54 17.73 -19.97
N ARG I 112 7.36 17.57 -20.58
CA ARG I 112 6.14 17.20 -19.88
C ARG I 112 6.38 16.03 -18.92
N PRO I 113 5.82 16.09 -17.71
CA PRO I 113 6.35 15.32 -16.57
C PRO I 113 5.78 13.92 -16.42
N PRO I 114 4.95 13.39 -17.33
CA PRO I 114 4.80 11.93 -17.33
C PRO I 114 6.15 11.26 -17.50
N LEU I 115 6.93 11.65 -18.50
CA LEU I 115 8.29 11.16 -18.66
C LEU I 115 9.35 12.24 -18.54
N GLY I 116 8.97 13.50 -18.49
CA GLY I 116 9.90 14.60 -18.30
C GLY I 116 10.10 14.95 -16.84
N ASN I 117 10.43 16.22 -16.59
CA ASN I 117 10.84 16.66 -15.26
C ASN I 117 9.76 17.49 -14.57
N TRP I 118 9.30 18.57 -15.20
CA TRP I 118 8.28 19.41 -14.58
C TRP I 118 7.52 20.14 -15.68
N PHE I 119 6.30 20.60 -15.33
CA PHE I 119 5.46 21.31 -16.29
C PHE I 119 6.02 22.70 -16.58
N GLY I 120 6.34 23.44 -15.53
CA GLY I 120 6.87 24.79 -15.66
C GLY I 120 7.34 25.25 -14.31
N CYS I 121 7.79 26.50 -14.26
CA CYS I 121 8.40 27.01 -13.04
C CYS I 121 7.89 28.41 -12.77
N THR I 122 8.19 28.89 -11.57
CA THR I 122 7.77 30.20 -11.13
C THR I 122 8.82 30.75 -10.18
N TRP I 123 9.06 32.06 -10.26
CA TRP I 123 10.02 32.71 -9.38
C TRP I 123 9.81 34.22 -9.46
N MET I 124 10.31 34.91 -8.45
CA MET I 124 10.30 36.37 -8.41
C MET I 124 11.66 36.89 -8.84
N ASN I 125 11.66 37.90 -9.71
CA ASN I 125 12.91 38.46 -10.21
C ASN I 125 13.34 39.65 -9.36
N SER I 126 14.48 40.25 -9.74
CA SER I 126 15.18 41.21 -8.89
C SER I 126 14.31 42.41 -8.53
N THR I 127 13.40 42.82 -9.41
CA THR I 127 12.54 43.97 -9.19
C THR I 127 11.25 43.62 -8.47
N GLY I 128 10.96 42.34 -8.24
CA GLY I 128 9.77 41.95 -7.53
C GLY I 128 8.64 41.43 -8.39
N PHE I 129 8.87 41.21 -9.68
CA PHE I 129 7.85 40.68 -10.56
C PHE I 129 7.94 39.15 -10.60
N THR I 130 6.77 38.52 -10.58
CA THR I 130 6.70 37.07 -10.70
C THR I 130 6.90 36.66 -12.15
N LYS I 131 7.82 35.73 -12.38
CA LYS I 131 8.04 35.19 -13.72
C LYS I 131 7.54 33.75 -13.75
N VAL I 132 7.14 33.31 -14.94
CA VAL I 132 6.74 31.93 -15.18
C VAL I 132 7.45 31.45 -16.44
N CYS I 133 7.46 30.13 -16.62
CA CYS I 133 7.91 29.55 -17.87
C CYS I 133 7.25 28.19 -17.99
N GLY I 134 7.30 27.63 -19.20
CA GLY I 134 6.70 26.33 -19.41
C GLY I 134 5.18 26.41 -19.47
N ALA I 135 4.54 25.39 -18.92
CA ALA I 135 3.09 25.28 -18.97
C ALA I 135 2.55 24.96 -17.59
N PRO I 136 1.36 25.46 -17.24
CA PRO I 136 0.78 25.11 -15.95
C PRO I 136 0.42 23.66 -15.91
N PRO I 137 0.38 23.04 -14.72
CA PRO I 137 0.08 21.59 -14.62
C PRO I 137 -1.37 21.23 -14.95
N GLY I 138 -2.08 22.10 -15.66
CA GLY I 138 -3.47 21.85 -16.05
C GLY I 138 -4.27 23.12 -16.28
N GLY I 146 0.41 31.33 -14.10
CA GLY I 146 0.66 30.59 -12.87
C GLY I 146 0.58 29.08 -12.96
N PRO I 147 0.89 28.39 -11.84
CA PRO I 147 0.82 26.90 -11.78
C PRO I 147 -0.55 26.36 -11.40
N TRP I 148 -1.48 26.41 -12.36
CA TRP I 148 -2.87 26.05 -12.13
C TRP I 148 -3.12 24.59 -12.49
N ILE I 149 -3.67 23.84 -11.54
CA ILE I 149 -4.17 22.49 -11.83
C ILE I 149 -5.50 22.57 -12.57
N THR I 150 -6.46 23.26 -11.98
CA THR I 150 -7.78 23.50 -12.54
C THR I 150 -7.94 24.98 -12.89
N PRO I 151 -9.01 25.35 -13.59
CA PRO I 151 -9.23 26.79 -13.86
C PRO I 151 -9.38 27.64 -12.61
N ARG I 152 -9.57 27.05 -11.43
CA ARG I 152 -9.71 27.83 -10.20
C ARG I 152 -8.78 27.39 -9.08
N CYS I 153 -7.98 26.34 -9.26
CA CYS I 153 -7.13 25.80 -8.22
C CYS I 153 -5.67 25.84 -8.65
N MET I 154 -4.81 26.32 -7.76
CA MET I 154 -3.39 26.47 -8.02
C MET I 154 -2.62 25.59 -7.06
N VAL I 155 -1.51 25.01 -7.53
CA VAL I 155 -0.66 24.21 -6.67
C VAL I 155 -0.20 25.07 -5.49
N ASP I 156 -0.29 24.51 -4.29
CA ASP I 156 0.12 25.22 -3.09
C ASP I 156 1.58 24.92 -2.79
N TYR I 157 2.34 25.96 -2.47
CA TYR I 157 3.76 25.85 -2.18
C TYR I 157 4.16 27.02 -1.28
N PRO I 158 5.26 26.89 -0.53
CA PRO I 158 5.58 27.90 0.50
C PRO I 158 5.58 29.36 0.06
N TYR I 159 5.83 29.64 -1.23
CA TYR I 159 5.91 31.01 -1.72
C TYR I 159 4.71 31.42 -2.56
N ARG I 160 3.57 30.72 -2.40
CA ARG I 160 2.37 31.09 -3.14
C ARG I 160 1.86 32.47 -2.76
N LEU I 161 1.81 32.78 -1.45
CA LEU I 161 1.26 34.06 -1.02
C LEU I 161 2.14 35.24 -1.39
N TRP I 162 3.44 35.03 -1.61
CA TRP I 162 4.33 36.11 -2.03
C TRP I 162 4.38 36.25 -3.54
N HIS I 163 4.49 35.13 -4.27
CA HIS I 163 4.52 35.19 -5.71
C HIS I 163 3.16 35.56 -6.30
N TYR I 164 2.07 35.11 -5.67
CA TYR I 164 0.71 35.31 -6.18
C TYR I 164 -0.17 35.87 -5.07
N PRO I 165 -0.05 37.17 -4.78
CA PRO I 165 -0.85 37.75 -3.69
C PRO I 165 -2.35 37.80 -3.97
N CYS I 166 -2.77 37.80 -5.23
CA CYS I 166 -4.19 37.88 -5.56
C CYS I 166 -4.94 36.63 -5.11
N THR I 167 -4.23 35.64 -4.55
CA THR I 167 -4.83 34.40 -4.09
C THR I 167 -4.69 34.23 -2.57
N ILE I 168 -4.73 35.35 -1.84
CA ILE I 168 -4.61 35.25 -0.38
C ILE I 168 -5.90 34.76 0.26
N ASN I 169 -7.05 35.11 -0.30
CA ASN I 169 -8.33 34.64 0.22
C ASN I 169 -8.70 33.24 -0.26
N TYR I 170 -7.75 32.51 -0.82
CA TYR I 170 -8.00 31.17 -1.33
C TYR I 170 -8.01 30.14 -0.21
N THR I 171 -8.80 29.09 -0.41
CA THR I 171 -8.89 27.98 0.52
C THR I 171 -8.04 26.82 0.02
N ILE I 172 -7.50 26.04 0.96
CA ILE I 172 -6.57 24.97 0.64
C ILE I 172 -7.30 23.63 0.70
N PHE I 173 -7.19 22.85 -0.38
CA PHE I 173 -7.81 21.54 -0.50
C PHE I 173 -6.77 20.49 -0.87
N LYS I 174 -7.03 19.25 -0.47
CA LYS I 174 -6.19 18.13 -0.87
C LYS I 174 -6.47 17.74 -2.32
N VAL I 175 -5.42 17.32 -3.01
CA VAL I 175 -5.51 16.88 -4.40
C VAL I 175 -4.67 15.62 -4.57
N ARG I 176 -5.20 14.66 -5.33
CA ARG I 176 -4.49 13.43 -5.67
C ARG I 176 -4.47 13.33 -7.19
N MET I 177 -3.30 13.54 -7.78
CA MET I 177 -3.16 13.60 -9.24
C MET I 177 -2.36 12.42 -9.79
N HIS I 184 0.32 11.14 -7.12
CA HIS I 184 0.86 12.40 -6.62
C HIS I 184 -0.10 13.07 -5.65
N ARG I 185 0.25 13.05 -4.37
CA ARG I 185 -0.56 13.67 -3.32
C ARG I 185 0.03 15.04 -2.98
N LEU I 186 -0.72 16.10 -3.32
CA LEU I 186 -0.28 17.46 -3.05
C LEU I 186 -1.49 18.27 -2.58
N GLU I 187 -1.26 19.55 -2.32
CA GLU I 187 -2.31 20.46 -1.86
C GLU I 187 -2.53 21.55 -2.90
N ALA I 188 -3.78 22.04 -2.96
CA ALA I 188 -4.14 23.08 -3.91
C ALA I 188 -4.82 24.23 -3.19
N ALA I 189 -4.76 25.41 -3.81
CA ALA I 189 -5.41 26.60 -3.30
C ALA I 189 -6.44 27.06 -4.33
N CYS I 190 -7.69 27.19 -3.89
CA CYS I 190 -8.80 27.50 -4.76
C CYS I 190 -9.62 28.64 -4.17
N ASN I 191 -10.42 29.27 -5.02
CA ASN I 191 -11.31 30.36 -4.62
C ASN I 191 -12.17 30.01 -3.40
N HIS J 12 -24.30 -20.03 -5.34
CA HIS J 12 -23.45 -19.25 -6.22
C HIS J 12 -23.41 -19.85 -7.64
N ILE J 13 -23.16 -21.16 -7.71
CA ILE J 13 -23.04 -21.82 -9.01
C ILE J 13 -24.40 -22.03 -9.65
N ASN J 14 -25.36 -22.56 -8.89
CA ASN J 14 -26.70 -22.77 -9.41
C ASN J 14 -27.52 -21.49 -9.45
N SER J 15 -26.89 -20.33 -9.26
CA SER J 15 -27.52 -19.05 -9.56
C SER J 15 -27.32 -18.65 -11.02
N THR J 16 -26.87 -19.59 -11.85
CA THR J 16 -26.64 -19.38 -13.27
C THR J 16 -27.88 -19.81 -14.05
N ALA J 17 -28.40 -18.92 -14.88
CA ALA J 17 -29.53 -19.25 -15.74
C ALA J 17 -29.09 -20.22 -16.83
N LEU J 18 -29.72 -21.41 -16.86
CA LEU J 18 -29.45 -22.43 -17.87
C LEU J 18 -30.59 -22.56 -18.87
N ASN J 19 -31.16 -21.43 -19.28
CA ASN J 19 -32.29 -21.44 -20.22
C ASN J 19 -31.77 -21.28 -21.63
N CYS J 20 -31.09 -22.33 -22.08
CA CYS J 20 -30.54 -22.40 -23.43
C CYS J 20 -31.43 -23.28 -24.28
N ASN J 21 -31.73 -22.83 -25.49
CA ASN J 21 -32.59 -23.62 -26.37
C ASN J 21 -31.88 -24.90 -26.79
N GLU J 22 -32.67 -25.89 -27.21
CA GLU J 22 -32.12 -27.18 -27.63
C GLU J 22 -31.19 -27.03 -28.83
N SER J 23 -31.43 -26.02 -29.67
CA SER J 23 -30.56 -25.80 -30.82
C SER J 23 -29.15 -25.41 -30.41
N LEU J 24 -28.99 -24.78 -29.24
CA LEU J 24 -27.66 -24.49 -28.73
C LEU J 24 -27.09 -25.77 -28.15
N ASN J 25 -26.41 -26.55 -28.99
CA ASN J 25 -25.85 -27.84 -28.58
C ASN J 25 -24.32 -27.81 -28.66
N THR J 26 -23.70 -28.95 -28.33
CA THR J 26 -22.25 -29.00 -28.26
C THR J 26 -21.62 -28.81 -29.64
N GLY J 27 -22.26 -29.32 -30.69
CA GLY J 27 -21.79 -29.03 -32.03
C GLY J 27 -21.85 -27.56 -32.37
N TRP J 28 -22.83 -26.85 -31.80
CA TRP J 28 -22.90 -25.41 -31.98
C TRP J 28 -21.75 -24.69 -31.29
N LEU J 29 -21.28 -25.21 -30.16
CA LEU J 29 -20.06 -24.69 -29.54
C LEU J 29 -18.85 -25.04 -30.39
N ALA J 30 -18.69 -24.35 -31.52
CA ALA J 30 -17.53 -24.53 -32.39
C ALA J 30 -17.37 -23.23 -33.18
N GLY J 31 -16.43 -22.40 -32.76
CA GLY J 31 -16.23 -21.10 -33.37
C GLY J 31 -17.17 -20.08 -32.75
N ARG J 61 -31.49 2.25 -24.27
CA ARG J 61 -31.00 0.92 -23.92
C ARG J 61 -30.44 0.79 -22.50
N PRO J 62 -31.12 1.36 -21.50
CA PRO J 62 -30.56 1.35 -20.14
C PRO J 62 -30.81 0.01 -19.45
N CYS J 63 -29.97 -0.28 -18.46
CA CYS J 63 -30.02 -1.57 -17.81
C CYS J 63 -31.02 -1.60 -16.67
N GLY J 64 -31.75 -2.70 -16.57
CA GLY J 64 -32.74 -2.87 -15.52
C GLY J 64 -32.95 -4.31 -15.08
N ILE J 65 -34.19 -4.80 -15.16
CA ILE J 65 -34.55 -6.13 -14.70
C ILE J 65 -34.76 -7.01 -15.92
N VAL J 66 -33.96 -8.07 -16.01
CA VAL J 66 -34.00 -9.02 -17.12
C VAL J 66 -34.61 -10.32 -16.60
N PRO J 67 -35.67 -10.84 -17.22
CA PRO J 67 -36.20 -12.14 -16.79
C PRO J 67 -35.21 -13.26 -17.14
N ALA J 68 -34.99 -14.16 -16.17
CA ALA J 68 -34.02 -15.24 -16.35
C ALA J 68 -34.45 -16.26 -17.38
N LYS J 69 -35.74 -16.27 -17.75
CA LYS J 69 -36.23 -17.23 -18.72
C LYS J 69 -35.60 -17.05 -20.10
N SER J 70 -35.00 -15.89 -20.36
CA SER J 70 -34.38 -15.61 -21.65
C SER J 70 -32.86 -15.49 -21.56
N VAL J 71 -32.24 -16.05 -20.52
CA VAL J 71 -30.80 -15.94 -20.31
C VAL J 71 -30.20 -17.33 -20.37
N CYS J 72 -29.05 -17.44 -21.06
CA CYS J 72 -28.31 -18.69 -21.20
C CYS J 72 -26.85 -18.42 -20.84
N GLY J 73 -26.43 -18.90 -19.66
CA GLY J 73 -25.08 -18.70 -19.20
C GLY J 73 -24.95 -17.55 -18.21
N PRO J 74 -23.74 -17.30 -17.72
CA PRO J 74 -23.55 -16.27 -16.71
C PRO J 74 -23.75 -14.86 -17.26
N VAL J 75 -24.22 -13.96 -16.40
CA VAL J 75 -24.43 -12.56 -16.72
C VAL J 75 -23.31 -11.75 -16.08
N TYR J 76 -22.55 -11.04 -16.89
CA TYR J 76 -21.40 -10.29 -16.42
C TYR J 76 -21.68 -8.80 -16.47
N CYS J 77 -21.32 -8.10 -15.41
CA CYS J 77 -21.29 -6.64 -15.40
C CYS J 77 -19.87 -6.18 -15.11
N PHE J 78 -19.57 -4.94 -15.47
CA PHE J 78 -18.20 -4.43 -15.45
C PHE J 78 -18.12 -3.14 -14.65
N THR J 79 -17.21 -3.11 -13.67
CA THR J 79 -17.09 -1.99 -12.75
C THR J 79 -15.80 -1.17 -12.81
N PRO J 80 -14.96 -1.25 -13.85
CA PRO J 80 -14.91 -1.97 -15.14
C PRO J 80 -14.47 -3.41 -15.00
N SER J 81 -14.14 -3.84 -13.79
CA SER J 81 -13.76 -5.22 -13.56
C SER J 81 -14.99 -6.13 -13.71
N PRO J 82 -14.82 -7.32 -14.31
CA PRO J 82 -15.98 -8.19 -14.56
C PRO J 82 -16.48 -8.83 -13.28
N VAL J 83 -17.80 -8.76 -13.06
CA VAL J 83 -18.47 -9.33 -11.91
C VAL J 83 -19.70 -10.10 -12.39
N VAL J 84 -20.04 -11.16 -11.67
CA VAL J 84 -21.17 -12.02 -12.02
C VAL J 84 -22.39 -11.61 -11.21
N VAL J 85 -23.53 -11.45 -11.88
CA VAL J 85 -24.81 -11.22 -11.22
C VAL J 85 -25.63 -12.49 -11.36
N GLY J 86 -25.92 -13.15 -10.23
CA GLY J 86 -26.67 -14.39 -10.24
C GLY J 86 -28.19 -14.17 -10.21
N THR J 87 -28.92 -15.27 -10.40
CA THR J 87 -30.37 -15.22 -10.38
C THR J 87 -30.89 -14.79 -9.01
N THR J 88 -31.91 -13.94 -9.01
CA THR J 88 -32.64 -13.57 -7.80
C THR J 88 -34.12 -13.57 -8.13
N ASP J 89 -34.94 -13.38 -7.09
CA ASP J 89 -36.35 -13.06 -7.30
C ASP J 89 -36.46 -11.57 -7.60
N ARG J 90 -37.69 -11.06 -7.68
CA ARG J 90 -37.86 -9.64 -8.03
C ARG J 90 -37.32 -8.71 -6.95
N SER J 91 -37.26 -9.17 -5.70
CA SER J 91 -36.78 -8.34 -4.60
C SER J 91 -35.26 -8.34 -4.48
N GLY J 92 -34.57 -9.20 -5.20
CA GLY J 92 -33.11 -9.27 -5.12
C GLY J 92 -32.55 -10.35 -4.22
N ALA J 93 -33.38 -11.26 -3.70
CA ALA J 93 -32.88 -12.36 -2.89
C ALA J 93 -32.41 -13.49 -3.79
N PRO J 94 -31.17 -13.95 -3.68
CA PRO J 94 -30.63 -14.89 -4.66
C PRO J 94 -31.31 -16.25 -4.60
N THR J 95 -31.72 -16.74 -5.75
CA THR J 95 -32.26 -18.08 -5.92
C THR J 95 -31.20 -18.97 -6.56
N TYR J 96 -31.34 -20.29 -6.36
CA TYR J 96 -30.33 -21.27 -6.71
C TYR J 96 -30.95 -22.45 -7.46
N SER J 97 -31.82 -22.16 -8.44
CA SER J 97 -32.52 -23.20 -9.19
C SER J 97 -32.28 -23.07 -10.69
N TRP J 98 -31.06 -22.65 -11.06
CA TRP J 98 -30.62 -22.60 -12.46
C TRP J 98 -31.51 -21.71 -13.32
N GLY J 99 -32.19 -20.74 -12.72
CA GLY J 99 -33.08 -19.89 -13.48
C GLY J 99 -34.34 -20.56 -13.98
N ALA J 100 -34.70 -21.72 -13.41
CA ALA J 100 -35.89 -22.43 -13.86
C ALA J 100 -37.18 -21.73 -13.43
N ASN J 101 -37.25 -21.25 -12.18
CA ASN J 101 -38.47 -20.64 -11.67
C ASN J 101 -38.80 -19.39 -12.47
N ASP J 102 -40.06 -19.26 -12.86
CA ASP J 102 -40.49 -18.14 -13.69
C ASP J 102 -40.36 -16.79 -12.99
N THR J 103 -40.21 -16.78 -11.67
CA THR J 103 -40.03 -15.54 -10.91
C THR J 103 -38.58 -15.12 -10.80
N ASP J 104 -37.66 -15.84 -11.43
CA ASP J 104 -36.24 -15.50 -11.36
C ASP J 104 -35.91 -14.39 -12.35
N VAL J 105 -35.14 -13.42 -11.89
CA VAL J 105 -34.73 -12.27 -12.70
C VAL J 105 -33.26 -11.98 -12.41
N PHE J 106 -32.70 -11.08 -13.21
CA PHE J 106 -31.39 -10.49 -12.96
C PHE J 106 -31.58 -9.00 -12.71
N VAL J 107 -31.36 -8.57 -11.47
CA VAL J 107 -31.45 -7.15 -11.12
C VAL J 107 -30.14 -6.50 -11.59
N LEU J 108 -30.17 -5.92 -12.79
CA LEU J 108 -28.98 -5.29 -13.37
C LEU J 108 -29.05 -3.77 -13.38
N ASN J 109 -29.93 -3.18 -12.56
CA ASN J 109 -30.02 -1.73 -12.43
C ASN J 109 -28.64 -1.15 -12.17
N ASN J 110 -28.37 0.03 -12.74
CA ASN J 110 -27.01 0.55 -12.64
C ASN J 110 -27.00 2.07 -12.57
N THR J 111 -26.00 2.59 -11.85
CA THR J 111 -25.56 3.96 -11.95
C THR J 111 -24.05 3.94 -12.14
N ARG J 112 -23.52 4.95 -12.86
CA ARG J 112 -22.11 5.00 -13.20
C ARG J 112 -21.23 4.68 -12.00
N PRO J 113 -20.23 3.82 -12.16
CA PRO J 113 -19.59 3.14 -11.02
C PRO J 113 -18.54 3.95 -10.28
N PRO J 114 -18.28 5.23 -10.60
CA PRO J 114 -17.57 6.04 -9.60
C PRO J 114 -18.26 6.01 -8.24
N LEU J 115 -19.56 6.30 -8.19
CA LEU J 115 -20.33 6.16 -6.96
C LEU J 115 -21.46 5.14 -7.10
N GLY J 116 -21.51 4.37 -8.17
CA GLY J 116 -22.65 3.52 -8.44
C GLY J 116 -22.24 2.08 -8.69
N ASN J 117 -23.11 1.40 -9.45
CA ASN J 117 -23.08 -0.04 -9.66
C ASN J 117 -21.97 -0.46 -10.63
N TRP J 118 -22.24 -0.34 -11.91
CA TRP J 118 -21.35 -0.79 -12.96
C TRP J 118 -21.69 0.00 -14.21
N PHE J 119 -20.79 -0.05 -15.19
CA PHE J 119 -21.04 0.68 -16.44
C PHE J 119 -22.18 0.03 -17.21
N GLY J 120 -22.08 -1.28 -17.46
CA GLY J 120 -23.06 -2.03 -18.20
C GLY J 120 -22.89 -3.52 -17.96
N CYS J 121 -23.65 -4.31 -18.72
CA CYS J 121 -23.60 -5.75 -18.59
C CYS J 121 -23.75 -6.40 -19.95
N THR J 122 -23.32 -7.66 -20.05
CA THR J 122 -23.52 -8.47 -21.24
C THR J 122 -23.89 -9.89 -20.85
N TRP J 123 -24.60 -10.57 -21.73
CA TRP J 123 -25.00 -11.96 -21.53
C TRP J 123 -25.47 -12.53 -22.86
N MET J 124 -25.67 -13.85 -22.89
CA MET J 124 -26.20 -14.54 -24.04
C MET J 124 -27.63 -14.98 -23.76
N ASN J 125 -28.53 -14.83 -24.73
CA ASN J 125 -29.93 -15.18 -24.53
C ASN J 125 -30.21 -16.60 -25.04
N SER J 126 -31.48 -17.02 -24.88
CA SER J 126 -31.84 -18.41 -25.13
C SER J 126 -31.58 -18.85 -26.57
N THR J 127 -31.52 -17.92 -27.52
CA THR J 127 -31.30 -18.28 -28.92
C THR J 127 -29.84 -18.21 -29.33
N GLY J 128 -28.96 -17.76 -28.44
CA GLY J 128 -27.54 -17.66 -28.74
C GLY J 128 -27.03 -16.27 -29.04
N PHE J 129 -27.86 -15.25 -28.90
CA PHE J 129 -27.47 -13.88 -29.22
C PHE J 129 -26.89 -13.19 -28.00
N THR J 130 -25.83 -12.42 -28.21
CA THR J 130 -25.22 -11.65 -27.13
C THR J 130 -25.99 -10.34 -26.95
N LYS J 131 -26.51 -10.12 -25.74
CA LYS J 131 -27.24 -8.90 -25.41
C LYS J 131 -26.38 -8.02 -24.50
N VAL J 132 -26.54 -6.71 -24.63
CA VAL J 132 -25.84 -5.75 -23.79
C VAL J 132 -26.87 -4.82 -23.14
N CYS J 133 -26.39 -4.03 -22.19
CA CYS J 133 -27.21 -3.03 -21.51
C CYS J 133 -26.28 -2.00 -20.90
N GLY J 134 -26.83 -0.82 -20.63
CA GLY J 134 -26.05 0.22 -20.00
C GLY J 134 -25.04 0.81 -20.98
N ALA J 135 -23.84 1.08 -20.46
CA ALA J 135 -22.81 1.79 -21.20
C ALA J 135 -21.50 1.02 -21.10
N PRO J 136 -20.61 1.17 -22.08
CA PRO J 136 -19.30 0.53 -22.00
C PRO J 136 -18.42 1.22 -20.99
N PRO J 137 -17.44 0.51 -20.41
CA PRO J 137 -16.56 1.12 -19.39
C PRO J 137 -15.66 2.22 -19.91
N GLY J 138 -15.69 2.55 -21.21
CA GLY J 138 -14.86 3.61 -21.74
C GLY J 138 -15.00 3.79 -23.24
N GLY J 146 -20.74 -3.71 -26.77
CA GLY J 146 -19.84 -4.55 -25.99
C GLY J 146 -19.20 -3.83 -24.82
N PRO J 147 -18.36 -4.56 -24.06
CA PRO J 147 -17.62 -3.96 -22.92
C PRO J 147 -16.23 -3.44 -23.30
N TRP J 148 -16.21 -2.32 -24.01
CA TRP J 148 -14.98 -1.75 -24.56
C TRP J 148 -14.42 -0.69 -23.63
N ILE J 149 -13.13 -0.81 -23.30
CA ILE J 149 -12.45 0.24 -22.54
C ILE J 149 -11.94 1.32 -23.48
N THR J 150 -11.19 0.92 -24.51
CA THR J 150 -10.77 1.79 -25.59
C THR J 150 -11.44 1.33 -26.88
N PRO J 151 -11.44 2.16 -27.93
CA PRO J 151 -12.05 1.73 -29.20
C PRO J 151 -11.48 0.44 -29.77
N ARG J 152 -10.32 -0.01 -29.30
CA ARG J 152 -9.70 -1.23 -29.81
C ARG J 152 -9.47 -2.30 -28.75
N CYS J 153 -9.82 -2.05 -27.49
CA CYS J 153 -9.57 -3.00 -26.41
C CYS J 153 -10.86 -3.33 -25.68
N MET J 154 -10.96 -4.58 -25.22
CA MET J 154 -12.15 -5.07 -24.55
C MET J 154 -11.74 -5.69 -23.21
N VAL J 155 -12.63 -5.57 -22.23
CA VAL J 155 -12.36 -6.13 -20.91
C VAL J 155 -12.34 -7.65 -21.00
N ASP J 156 -11.20 -8.25 -20.66
CA ASP J 156 -11.10 -9.70 -20.68
C ASP J 156 -11.88 -10.28 -19.51
N TYR J 157 -12.66 -11.32 -19.78
CA TYR J 157 -13.42 -12.02 -18.75
C TYR J 157 -13.69 -13.43 -19.23
N PRO J 158 -13.98 -14.36 -18.31
CA PRO J 158 -13.99 -15.79 -18.69
C PRO J 158 -14.89 -16.15 -19.85
N TYR J 159 -15.97 -15.39 -20.11
CA TYR J 159 -16.91 -15.71 -21.18
C TYR J 159 -16.78 -14.75 -22.35
N ARG J 160 -15.61 -14.12 -22.51
CA ARG J 160 -15.39 -13.22 -23.63
C ARG J 160 -15.42 -13.97 -24.96
N LEU J 161 -14.71 -15.10 -25.04
CA LEU J 161 -14.62 -15.81 -26.31
C LEU J 161 -15.98 -16.37 -26.73
N TRP J 162 -16.86 -16.65 -25.78
CA TRP J 162 -18.18 -17.20 -26.09
C TRP J 162 -19.23 -16.12 -26.35
N HIS J 163 -19.11 -14.96 -25.69
CA HIS J 163 -20.00 -13.83 -25.99
C HIS J 163 -19.54 -13.01 -27.19
N TYR J 164 -18.23 -12.98 -27.47
CA TYR J 164 -17.68 -12.16 -28.54
C TYR J 164 -16.61 -12.95 -29.29
N PRO J 165 -17.02 -13.93 -30.09
CA PRO J 165 -16.03 -14.80 -30.74
C PRO J 165 -15.15 -14.07 -31.74
N CYS J 166 -15.59 -12.90 -32.22
CA CYS J 166 -14.78 -12.12 -33.14
C CYS J 166 -13.45 -11.67 -32.53
N THR J 167 -13.34 -11.69 -31.21
CA THR J 167 -12.12 -11.28 -30.51
C THR J 167 -11.24 -12.46 -30.12
N ILE J 168 -11.40 -13.61 -30.80
CA ILE J 168 -10.66 -14.80 -30.44
C ILE J 168 -9.16 -14.60 -30.65
N ASN J 169 -8.77 -13.86 -31.68
CA ASN J 169 -7.37 -13.62 -31.97
C ASN J 169 -6.86 -12.32 -31.36
N TYR J 170 -7.59 -11.74 -30.43
CA TYR J 170 -7.14 -10.52 -29.77
C TYR J 170 -6.00 -10.82 -28.81
N THR J 171 -5.08 -9.86 -28.70
CA THR J 171 -3.97 -9.95 -27.77
C THR J 171 -4.39 -9.40 -26.41
N ILE J 172 -3.86 -10.00 -25.35
CA ILE J 172 -4.18 -9.61 -23.97
C ILE J 172 -3.12 -8.63 -23.49
N PHE J 173 -3.56 -7.44 -23.11
CA PHE J 173 -2.69 -6.41 -22.53
C PHE J 173 -3.16 -6.07 -21.13
N LYS J 174 -2.22 -5.76 -20.25
CA LYS J 174 -2.58 -5.26 -18.93
C LYS J 174 -3.06 -3.82 -19.05
N VAL J 175 -4.11 -3.49 -18.29
CA VAL J 175 -4.63 -2.13 -18.26
C VAL J 175 -4.90 -1.73 -16.82
N ARG J 176 -4.86 -0.43 -16.58
CA ARG J 176 -5.07 0.11 -15.24
C ARG J 176 -6.01 1.31 -15.34
N MET J 177 -6.98 1.38 -14.45
CA MET J 177 -7.96 2.46 -14.48
C MET J 177 -8.17 3.10 -13.09
N HIS J 184 -7.69 0.04 -10.49
CA HIS J 184 -8.10 -1.28 -10.95
C HIS J 184 -7.02 -1.92 -11.84
N ARG J 185 -6.60 -3.13 -11.47
CA ARG J 185 -5.60 -3.90 -12.21
C ARG J 185 -6.32 -5.03 -12.93
N LEU J 186 -6.69 -4.80 -14.18
CA LEU J 186 -7.40 -5.79 -14.98
C LEU J 186 -6.68 -6.00 -16.30
N GLU J 187 -7.13 -6.99 -17.06
CA GLU J 187 -6.56 -7.32 -18.35
C GLU J 187 -7.56 -7.01 -19.47
N ALA J 188 -7.04 -6.62 -20.62
CA ALA J 188 -7.87 -6.25 -21.76
C ALA J 188 -7.43 -7.02 -22.99
N ALA J 189 -8.37 -7.21 -23.92
CA ALA J 189 -8.11 -7.88 -25.19
C ALA J 189 -8.17 -6.83 -26.29
N CYS J 190 -7.03 -6.57 -26.93
CA CYS J 190 -6.92 -5.64 -28.04
C CYS J 190 -6.50 -6.38 -29.29
N ASN J 191 -6.61 -5.71 -30.43
CA ASN J 191 -6.25 -6.29 -31.72
C ASN J 191 -4.79 -6.76 -31.75
C1 NAG K . 26.40 26.15 2.08
C2 NAG K . 27.87 26.32 2.51
C3 NAG K . 28.37 25.04 3.20
C4 NAG K . 27.41 24.58 4.28
C5 NAG K . 26.03 24.42 3.67
C6 NAG K . 24.98 23.98 4.68
C7 NAG K . 28.97 27.86 0.93
C8 NAG K . 29.86 27.97 -0.28
N2 NAG K . 28.70 26.62 1.35
O3 NAG K . 29.65 25.32 3.79
O4 NAG K . 27.81 23.33 4.82
O5 NAG K . 25.62 25.70 3.17
O6 NAG K . 24.96 24.82 5.82
O7 NAG K . 28.52 28.86 1.49
C1 NAG K . 28.35 23.55 6.13
C2 NAG K . 28.44 22.19 6.81
C3 NAG K . 29.14 22.30 8.17
C4 NAG K . 30.47 23.06 8.04
C5 NAG K . 30.20 24.40 7.36
C6 NAG K . 31.44 25.23 7.16
C7 NAG K . 26.69 20.52 6.35
C8 NAG K . 25.29 20.08 6.66
N2 NAG K . 27.11 21.62 6.99
O3 NAG K . 29.37 20.98 8.66
O4 NAG K . 31.04 23.31 9.32
O5 NAG K . 29.63 24.16 6.07
O6 NAG K . 32.36 24.62 6.27
O7 NAG K . 27.41 19.91 5.56
C1 BMA K . 31.96 22.24 9.64
C2 BMA K . 33.26 22.86 10.25
C3 BMA K . 34.05 21.84 11.07
C4 BMA K . 33.14 20.95 11.94
C5 BMA K . 32.11 20.29 11.03
C6 BMA K . 31.21 19.28 11.76
O2 BMA K . 32.95 23.95 11.11
O3 BMA K . 35.01 22.49 11.90
O4 BMA K . 33.90 19.96 12.60
O5 BMA K . 31.29 21.33 10.53
O6 BMA K . 30.31 19.99 12.61
C1 NAG L . 18.24 48.07 -8.04
C2 NAG L . 19.71 47.80 -8.30
C3 NAG L . 20.44 49.11 -8.56
C4 NAG L . 19.72 49.93 -9.63
C5 NAG L . 18.22 50.04 -9.32
C6 NAG L . 17.43 50.72 -10.42
C7 NAG L . 20.60 45.77 -7.23
C8 NAG L . 21.21 45.19 -6.00
N2 NAG L . 20.31 47.08 -7.20
O3 NAG L . 21.77 48.81 -8.98
O4 NAG L . 20.26 51.25 -9.67
O5 NAG L . 17.67 48.73 -9.14
O6 NAG L . 17.77 50.20 -11.70
O7 NAG L . 20.38 45.09 -8.23
C1 NAG L . 21.19 51.26 -10.76
C2 NAG L . 21.32 52.69 -11.26
C3 NAG L . 22.34 52.76 -12.39
C4 NAG L . 23.66 52.14 -11.94
C5 NAG L . 23.42 50.72 -11.42
C6 NAG L . 24.67 50.07 -10.86
C7 NAG L . 19.41 54.21 -11.05
C8 NAG L . 18.09 54.63 -11.62
N2 NAG L . 20.04 53.22 -11.69
O3 NAG L . 22.54 54.11 -12.77
O4 NAG L . 24.58 52.07 -13.03
O5 NAG L . 22.47 50.77 -10.36
O6 NAG L . 25.04 50.60 -9.60
O7 NAG L . 19.89 54.75 -10.06
C1 NAG M . 12.08 41.95 -13.68
C2 NAG M . 13.10 42.53 -14.66
C3 NAG M . 12.53 43.80 -15.31
C4 NAG M . 11.14 43.56 -15.88
C5 NAG M . 10.24 42.88 -14.85
C6 NAG M . 8.90 42.46 -15.42
C7 NAG M . 15.42 42.04 -14.04
C8 NAG M . 16.64 42.49 -13.29
N2 NAG M . 14.35 42.83 -13.99
O3 NAG M . 13.42 44.23 -16.35
O4 NAG M . 10.56 44.81 -16.19
O5 NAG M . 10.87 41.70 -14.35
O6 NAG M . 9.04 41.76 -16.65
O7 NAG M . 15.41 40.98 -14.68
C1 NAG M . 10.38 44.99 -17.61
C2 NAG M . 9.30 46.02 -17.83
C3 NAG M . 9.12 46.26 -19.32
C4 NAG M . 10.44 46.68 -19.95
C5 NAG M . 11.55 45.70 -19.60
C6 NAG M . 12.92 46.20 -19.98
C7 NAG M . 7.47 46.31 -16.22
C8 NAG M . 6.18 45.78 -15.70
N2 NAG M . 8.04 45.63 -17.21
O3 NAG M . 8.12 47.27 -19.52
O4 NAG M . 10.28 46.76 -21.36
O5 NAG M . 11.60 45.45 -18.18
O6 NAG M . 12.99 46.54 -21.36
O7 NAG M . 7.99 47.33 -15.76
C1 NAG N . -27.21 -24.94 -5.00
C2 NAG N . -27.97 -26.11 -4.32
C3 NAG N . -27.51 -26.30 -2.87
C4 NAG N . -25.98 -26.32 -2.79
C5 NAG N . -25.43 -25.08 -3.46
C6 NAG N . -23.92 -25.05 -3.46
C7 NAG N . -30.24 -26.29 -5.30
C8 NAG N . -31.68 -25.94 -5.11
N2 NAG N . -29.40 -25.87 -4.34
O3 NAG N . -28.06 -27.52 -2.38
O4 NAG N . -25.58 -26.28 -1.43
O5 NAG N . -25.83 -25.10 -4.83
O6 NAG N . -23.39 -26.12 -4.21
O7 NAG N . -29.85 -26.95 -6.27
C1 NAG N . -25.05 -27.57 -1.09
C2 NAG N . -24.20 -27.41 0.16
C3 NAG N . -23.69 -28.76 0.64
C4 NAG N . -24.84 -29.75 0.76
C5 NAG N . -25.61 -29.80 -0.54
C6 NAG N . -26.82 -30.73 -0.49
C7 NAG N . -22.90 -25.35 0.50
C8 NAG N . -21.69 -24.57 0.11
N2 NAG N . -23.08 -26.52 -0.11
O3 NAG N . -23.05 -28.57 1.90
O4 NAG N . -24.33 -31.06 1.01
O5 NAG N . -26.10 -28.49 -0.84
O6 NAG N . -27.86 -30.19 0.30
O7 NAG N . -23.69 -24.95 1.36
C1 BMA N . -24.38 -31.28 2.44
C2 BMA N . -24.93 -32.71 2.68
C3 BMA N . -24.56 -33.22 4.08
C4 BMA N . -23.09 -32.87 4.46
C5 BMA N . -22.92 -31.36 4.34
C6 BMA N . -21.57 -30.85 4.83
O2 BMA N . -24.39 -33.63 1.74
O3 BMA N . -24.81 -34.61 4.19
O4 BMA N . -22.78 -33.29 5.77
O5 BMA N . -23.06 -31.05 2.96
O6 BMA N . -20.58 -31.18 3.85
C1 NAG O . -36.71 -23.29 -28.16
C2 NAG O . -37.68 -23.47 -27.01
C3 NAG O . -39.00 -24.03 -27.52
C4 NAG O . -39.55 -23.13 -28.62
C5 NAG O . -38.50 -22.87 -29.71
C6 NAG O . -38.93 -21.80 -30.68
C7 NAG O . -36.54 -23.88 -24.87
C8 NAG O . -36.01 -24.91 -23.92
N2 NAG O . -37.12 -24.34 -25.98
O3 NAG O . -39.92 -24.14 -26.45
O4 NAG O . -40.70 -23.74 -29.23
O5 NAG O . -37.27 -22.40 -29.12
O6 NAG O . -39.65 -20.76 -30.02
O7 NAG O . -36.44 -22.68 -24.65
C1 NAG O . -41.96 -23.27 -28.70
C2 NAG O . -43.02 -23.34 -29.81
C3 NAG O . -44.40 -23.00 -29.25
C4 NAG O . -44.73 -23.86 -28.04
C5 NAG O . -43.62 -23.70 -27.00
C6 NAG O . -43.79 -24.61 -25.80
C7 NAG O . -42.17 -22.87 -32.08
C8 NAG O . -41.89 -21.81 -33.09
N2 NAG O . -42.68 -22.46 -30.91
O3 NAG O . -45.37 -23.22 -30.27
O4 NAG O . -46.02 -23.55 -27.51
O5 NAG O . -42.37 -24.06 -27.59
O6 NAG O . -43.22 -25.89 -26.03
O7 NAG O . -41.94 -24.06 -32.30
C1 BMA O . -47.04 -24.47 -27.63
C2 BMA O . -48.00 -24.03 -26.46
C3 BMA O . -49.10 -25.04 -26.30
C4 BMA O . -49.89 -25.13 -27.57
C5 BMA O . -48.91 -25.65 -28.63
C6 BMA O . -49.56 -25.95 -29.96
O2 BMA O . -48.67 -22.81 -26.73
O3 BMA O . -49.96 -24.74 -25.21
O4 BMA O . -50.99 -26.03 -27.40
O5 BMA O . -47.85 -24.65 -28.80
O6 BMA O . -50.55 -24.98 -30.19
C1 MAN O . -49.68 -24.31 -23.84
C2 MAN O . -51.07 -23.88 -23.39
C3 MAN O . -51.29 -22.41 -23.66
C4 MAN O . -50.21 -21.65 -22.93
C5 MAN O . -48.87 -22.07 -23.50
C6 MAN O . -47.75 -21.33 -22.78
O2 MAN O . -51.20 -24.07 -21.98
O3 MAN O . -52.56 -22.05 -23.15
O4 MAN O . -50.37 -20.25 -23.06
O5 MAN O . -48.67 -23.47 -23.30
O6 MAN O . -46.94 -22.28 -22.10
C1 MAN O . -51.08 -25.24 -31.51
C2 MAN O . -51.18 -23.91 -32.25
C3 MAN O . -52.03 -22.96 -31.43
C4 MAN O . -53.39 -23.60 -31.15
C5 MAN O . -53.29 -25.03 -30.63
C6 MAN O . -54.61 -25.74 -30.88
O2 MAN O . -51.89 -24.09 -33.49
O3 MAN O . -52.18 -21.71 -32.09
O4 MAN O . -54.11 -22.82 -30.22
O5 MAN O . -52.34 -25.78 -31.39
O6 MAN O . -54.54 -27.02 -30.32
C1 NAG P . -39.02 32.33 23.46
C2 NAG P . -38.77 33.81 23.21
C3 NAG P . -39.49 34.68 24.21
C4 NAG P . -40.96 34.30 24.26
C5 NAG P . -41.10 32.80 24.54
C6 NAG P . -42.56 32.39 24.66
C7 NAG P . -36.74 34.45 22.08
C8 NAG P . -35.34 34.93 22.25
N2 NAG P . -37.35 34.09 23.21
O3 NAG P . -39.34 36.06 23.89
O4 NAG P . -41.60 35.06 25.29
O5 NAG P . -40.42 32.05 23.53
O6 NAG P . -43.33 32.65 23.48
O7 NAG P . -37.29 34.40 21.00
C1 BMA Q . 25.61 53.24 -13.07
C2 BMA Q . 26.67 52.36 -13.78
C3 BMA Q . 28.06 53.00 -13.65
C4 BMA Q . 28.02 54.51 -13.96
C5 BMA Q . 26.97 55.18 -13.09
C6 BMA Q . 26.86 56.67 -13.37
O2 BMA Q . 26.39 52.27 -15.18
O3 BMA Q . 29.01 52.35 -14.47
O4 BMA Q . 29.27 55.08 -13.68
O5 BMA Q . 25.72 54.60 -13.42
O6 BMA Q . 26.22 56.82 -14.64
C1 NAG R . 32.80 32.69 -9.04
C2 NAG R . 33.69 32.21 -7.89
C3 NAG R . 35.10 31.92 -8.39
C4 NAG R . 35.05 30.94 -9.56
C5 NAG R . 34.15 31.50 -10.65
C6 NAG R . 33.96 30.53 -11.80
C7 NAG R . 33.23 32.89 -5.57
C8 NAG R . 33.35 33.98 -4.56
N2 NAG R . 33.72 33.16 -6.79
O3 NAG R . 35.88 31.35 -7.35
O4 NAG R . 36.36 30.73 -10.08
O5 NAG R . 32.84 31.74 -10.11
O6 NAG R . 33.49 31.22 -12.95
O7 NAG R . 32.70 31.81 -5.32
C1 NAG S . 18.84 23.92 -21.95
C2 NAG S . 19.97 22.96 -22.30
C3 NAG S . 21.13 23.71 -22.93
C4 NAG S . 20.64 24.51 -24.13
C5 NAG S . 19.48 25.40 -23.72
C6 NAG S . 18.86 26.13 -24.89
C7 NAG S . 19.78 21.12 -20.68
C8 NAG S . 20.36 20.49 -19.45
N2 NAG S . 20.41 22.22 -21.12
O3 NAG S . 22.12 22.77 -23.37
O4 NAG S . 21.70 25.30 -24.67
O5 NAG S . 18.44 24.63 -23.12
O6 NAG S . 17.68 26.81 -24.50
O7 NAG S . 18.79 20.67 -21.24
C1 NAG T . -34.76 -1.31 -10.98
C2 NAG T . -35.44 -1.22 -9.62
C3 NAG T . -36.94 -1.43 -9.78
C4 NAG T . -37.50 -0.40 -10.75
C5 NAG T . -36.78 -0.50 -12.08
C6 NAG T . -37.19 0.57 -13.06
C7 NAG T . -33.77 -1.95 -7.98
C8 NAG T . -33.35 -3.04 -7.03
N2 NAG T . -34.89 -2.18 -8.68
O3 NAG T . -37.59 -1.30 -8.51
O4 NAG T . -38.90 -0.60 -10.94
O5 NAG T . -35.36 -0.35 -11.88
O6 NAG T . -36.34 0.61 -14.20
O7 NAG T . -33.15 -0.90 -8.08
C1 NAG U . -32.44 -13.45 -28.54
C2 NAG U . -33.96 -13.46 -28.54
C3 NAG U . -34.50 -13.30 -29.96
C4 NAG U . -33.93 -12.05 -30.60
C5 NAG U . -32.41 -12.03 -30.52
C6 NAG U . -31.80 -10.72 -30.97
C7 NAG U . -35.19 -14.67 -26.79
C8 NAG U . -35.65 -16.01 -26.29
N2 NAG U . -34.48 -14.68 -27.93
O3 NAG U . -35.92 -13.21 -29.90
O4 NAG U . -34.32 -12.00 -31.97
O5 NAG U . -31.97 -12.23 -29.16
O6 NAG U . -32.59 -10.11 -31.98
O7 NAG U . -35.45 -13.62 -26.19
#